data_5N9A
#
_entry.id   5N9A
#
_cell.length_a   305.566
_cell.length_b   51.424
_cell.length_c   165.361
_cell.angle_alpha   90.00
_cell.angle_beta   114.94
_cell.angle_gamma   90.00
#
_symmetry.space_group_name_H-M   'C 1 2 1'
#
loop_
_entity.id
_entity.type
_entity.pdbx_description
1 polymer 'CG9323, isoform A'
2 polymer "DNA (5'-D(P*GP*TP*TP*AP*GP*GP*GP*TP*T)-3')"
3 water water
#
loop_
_entity_poly.entity_id
_entity_poly.type
_entity_poly.pdbx_seq_one_letter_code
_entity_poly.pdbx_strand_id
1 'polypeptide(L)'
;MQRDRDSSGSNARKGNRPPGLRGKDIGLYYRNLARQQKKDRGENAESKEPQIRLGCNVSAPSGVLERVKELMEDYSRAPS
RQNVDDKNVDAKFQQQFRHLLSVNFEEFVAETKERNADLDWVNPKLDERLQLELGQRQLEENAKKRLEARKKLPTMKYAD
DIIQAVRENQVILIVGSTGCGKTTQVPQILLDDAISRGCASSCRIICTQPRRISAIAIAEWVSYERCESLGNSVGYQIRL
ESRKARERASITYCTTGVLLQQLQSDPLMHNLSVLILDEIHERSVETDLLMGLLKVILPHRPDLKVILMSATVREQDFCD
YFNNCPMFRIEGVMFPVKMLYLEDVLSKTNYEFQKFRDRRPKRDPPERRMKHEAMIEPYLRRIRNSYDSRVLDKLRLPES
EGCEDIDFIADLVYYICENEPEGAILVFLPGYDKISQLYNILDKPKTSKGQRWRDHMAVFPLHSLMQSGEQQAVFRRPPA
GQRKVIISTIIAETSVTIDDVVYVINSGRTKATNYDIETNIQSLDEVWVTKANTQQRRGRAGRVRPGICYNLFSRAREDR
MDDIPTPEILRSKLESIILSLKLLHIDDPYRFLQTLINAPNPEAIKMGVELLKRIEALDQTGTLTPLGMHLAKLPIDPQM
GKMILMSALFCCLDPITSAAAALSFKSPFYSPLGKESRVDEIKRRMARNMRSDHLMVHNTIIAYRDSRYSHAERDFCYKN
FLSSMTLQQLERMKNQFSELLYNYKFLASSNCKDAASNKNSEKIPLLRAIIGAGLYPNMAHLRKSRQIKNRVRAIHTMAT
DDGRRVNFHPSSVNSGESGFDSAYFVYFQRQKSTDLFLLDSTMVFPMALIIFGDGVEAGVTQNTPYLCVAKTYYFKCNRE
TADVVIQLRSNLEKLLLKKALYPAPIEENGYEKQLIKAIELLLSLDERLGEDYISSDEIDDIVD
;
A,B
2 'polydeoxyribonucleotide' (DG)(DT)(DT)(DA)(DG)(DG)(DG)(DT)(DT) C,D
#
# COMPACT_ATOMS: atom_id res chain seq x y z
N ILE A 52 39.46 48.67 13.26
CA ILE A 52 38.42 48.26 12.32
C ILE A 52 38.36 49.14 11.06
N ARG A 53 38.35 48.48 9.90
CA ARG A 53 38.29 49.08 8.57
C ARG A 53 36.82 49.13 8.12
N LEU A 54 36.55 49.82 7.02
CA LEU A 54 35.17 49.98 6.60
C LEU A 54 35.01 49.59 5.13
N GLY A 55 34.14 48.62 4.86
CA GLY A 55 33.89 48.17 3.51
C GLY A 55 32.95 49.10 2.77
N CYS A 56 32.45 48.62 1.64
CA CYS A 56 31.66 49.51 0.81
C CYS A 56 30.25 49.66 1.38
N ASN A 57 29.61 50.74 0.98
CA ASN A 57 28.29 51.11 1.49
C ASN A 57 27.24 50.17 0.92
N VAL A 58 26.40 49.63 1.80
CA VAL A 58 25.36 48.69 1.44
C VAL A 58 23.96 49.23 1.72
N SER A 59 23.83 50.53 1.93
CA SER A 59 22.50 51.11 2.12
C SER A 59 21.74 51.05 0.79
N ALA A 60 20.39 50.94 0.89
CA ALA A 60 19.51 50.80 -0.27
C ALA A 60 18.73 52.07 -0.55
N PRO A 61 18.31 52.31 -1.80
CA PRO A 61 17.47 53.48 -2.08
C PRO A 61 16.21 53.48 -1.22
N SER A 62 15.66 54.68 -1.03
CA SER A 62 14.45 54.82 -0.22
C SER A 62 13.28 54.04 -0.80
N GLY A 63 13.11 54.12 -2.11
CA GLY A 63 11.96 53.46 -2.73
C GLY A 63 11.95 51.98 -2.54
N VAL A 64 13.14 51.38 -2.41
CA VAL A 64 13.20 49.95 -2.21
C VAL A 64 12.88 49.58 -0.77
N LEU A 65 13.49 50.25 0.21
CA LEU A 65 13.18 49.94 1.62
C LEU A 65 11.70 50.12 1.91
N GLU A 66 11.07 51.15 1.33
CA GLU A 66 9.62 51.33 1.47
C GLU A 66 8.85 50.13 0.95
N ARG A 67 9.31 49.52 -0.15
CA ARG A 67 8.62 48.34 -0.66
C ARG A 67 8.89 47.14 0.22
N VAL A 68 10.11 47.04 0.74
CA VAL A 68 10.43 45.93 1.63
C VAL A 68 9.54 45.98 2.85
N LYS A 69 9.44 47.15 3.49
CA LYS A 69 8.62 47.22 4.70
C LYS A 69 7.19 46.78 4.41
N GLU A 70 6.62 47.19 3.27
CA GLU A 70 5.26 46.78 2.90
C GLU A 70 5.17 45.26 2.73
N LEU A 71 6.15 44.66 2.04
CA LEU A 71 6.10 43.23 1.79
C LEU A 71 6.23 42.44 3.09
N MET A 72 7.07 42.95 4.00
CA MET A 72 7.16 42.34 5.32
C MET A 72 5.86 42.48 6.09
N GLU A 73 5.20 43.63 6.00
CA GLU A 73 3.95 43.77 6.71
C GLU A 73 2.95 42.72 6.23
N ASP A 74 2.97 42.42 4.94
CA ASP A 74 2.13 41.35 4.42
C ASP A 74 2.54 40.01 5.01
N TYR A 75 3.84 39.69 4.98
CA TYR A 75 4.27 38.40 5.52
C TYR A 75 3.77 38.20 6.93
N SER A 76 3.85 39.25 7.74
CA SER A 76 3.50 39.20 9.15
C SER A 76 2.01 39.39 9.38
N ARG A 77 1.17 39.23 8.36
CA ARG A 77 -0.27 39.12 8.55
C ARG A 77 -0.76 37.69 8.33
N ALA A 78 0.08 36.71 8.67
CA ALA A 78 -0.30 35.32 8.51
C ALA A 78 -0.51 34.70 9.89
N PRO A 79 -1.49 33.80 10.05
CA PRO A 79 -1.80 33.13 11.33
C PRO A 79 -0.87 31.96 11.70
N ASP A 90 -1.12 19.93 6.76
CA ASP A 90 -1.14 18.68 7.51
C ASP A 90 0.26 18.10 7.76
N ALA A 91 0.74 18.32 8.98
CA ALA A 91 2.12 18.08 9.35
C ALA A 91 2.23 16.79 10.16
N LYS A 92 2.37 15.67 9.43
CA LYS A 92 2.83 14.41 10.02
C LYS A 92 4.28 14.51 10.47
N PHE A 93 5.09 15.34 9.80
CA PHE A 93 6.53 15.41 10.10
C PHE A 93 6.76 15.83 11.53
N GLN A 94 5.99 16.80 12.02
CA GLN A 94 6.18 17.31 13.36
C GLN A 94 5.93 16.23 14.41
N GLN A 95 4.93 15.38 14.18
CA GLN A 95 4.67 14.30 15.13
C GLN A 95 5.79 13.27 15.09
N GLN A 96 6.39 13.04 13.92
CA GLN A 96 7.53 12.14 13.84
C GLN A 96 8.73 12.73 14.58
N PHE A 97 9.02 14.03 14.34
CA PHE A 97 10.13 14.69 15.00
C PHE A 97 9.96 14.66 16.52
N ARG A 98 8.74 14.91 16.99
CA ARG A 98 8.54 14.97 18.43
C ARG A 98 8.65 13.59 19.06
N HIS A 99 8.22 12.56 18.34
CA HIS A 99 8.33 11.19 18.86
C HIS A 99 9.80 10.81 19.01
N LEU A 100 10.62 11.09 17.99
CA LEU A 100 12.03 10.74 18.08
C LEU A 100 12.69 11.37 19.29
N LEU A 101 12.23 12.54 19.71
CA LEU A 101 12.86 13.20 20.85
C LEU A 101 12.38 12.68 22.19
N SER A 102 11.20 12.06 22.24
CA SER A 102 10.61 11.62 23.51
C SER A 102 11.08 10.25 23.93
N VAL A 103 11.20 9.34 22.98
CA VAL A 103 11.39 7.93 23.29
C VAL A 103 12.83 7.69 23.71
N ASN A 104 13.03 6.79 24.66
CA ASN A 104 14.40 6.40 24.98
C ASN A 104 14.79 5.23 24.08
N PHE A 105 15.98 4.67 24.33
CA PHE A 105 16.51 3.66 23.40
C PHE A 105 15.76 2.34 23.54
N GLU A 106 15.40 1.97 24.76
CA GLU A 106 14.67 0.71 24.92
C GLU A 106 13.39 0.74 24.11
N GLU A 107 12.67 1.85 24.19
CA GLU A 107 11.43 2.03 23.42
C GLU A 107 11.72 2.13 21.92
N PHE A 108 12.82 2.79 21.54
CA PHE A 108 13.21 2.84 20.14
C PHE A 108 13.46 1.46 19.59
N VAL A 109 14.08 0.59 20.38
CA VAL A 109 14.36 -0.78 19.97
C VAL A 109 13.06 -1.54 19.71
N ALA A 110 12.10 -1.46 20.62
CA ALA A 110 10.86 -2.17 20.40
C ALA A 110 10.20 -1.74 19.09
N GLU A 111 10.10 -0.42 18.85
CA GLU A 111 9.33 0.04 17.70
C GLU A 111 9.96 -0.36 16.38
N THR A 112 11.30 -0.35 16.28
CA THR A 112 11.93 -0.76 15.04
C THR A 112 11.81 -2.26 14.80
N LYS A 113 11.69 -3.05 15.88
CA LYS A 113 11.35 -4.44 15.78
C LYS A 113 10.02 -4.60 15.07
N GLU A 114 8.95 -4.14 15.72
CA GLU A 114 7.62 -4.33 15.14
C GLU A 114 7.54 -3.77 13.71
N ARG A 115 8.12 -2.59 13.46
CA ARG A 115 7.97 -1.96 12.14
C ARG A 115 8.71 -2.71 11.05
N ASN A 116 9.71 -3.52 11.39
CA ASN A 116 10.46 -4.31 10.41
C ASN A 116 10.40 -5.75 10.89
N ALA A 117 9.32 -6.42 10.52
CA ALA A 117 9.06 -7.77 10.95
C ALA A 117 8.83 -8.67 9.76
N ASP A 118 9.18 -8.23 8.55
CA ASP A 118 8.89 -9.02 7.36
C ASP A 118 9.60 -10.37 7.36
N LEU A 119 10.80 -10.42 7.91
CA LEU A 119 11.56 -11.67 7.94
C LEU A 119 11.06 -12.62 9.02
N ASP A 120 10.12 -12.20 9.87
CA ASP A 120 9.44 -13.12 10.77
C ASP A 120 8.51 -14.08 10.00
N TRP A 121 8.50 -14.00 8.68
CA TRP A 121 7.62 -14.78 7.80
C TRP A 121 8.46 -15.56 6.83
N VAL A 122 8.11 -16.84 6.66
CA VAL A 122 8.79 -17.77 5.77
C VAL A 122 7.78 -18.38 4.80
N ASN A 123 8.30 -18.87 3.68
CA ASN A 123 7.48 -19.36 2.57
C ASN A 123 7.76 -20.84 2.36
N PRO A 124 6.95 -21.73 2.96
CA PRO A 124 7.27 -23.16 2.87
C PRO A 124 7.06 -23.74 1.49
N LYS A 125 6.04 -23.27 0.74
CA LYS A 125 5.92 -23.75 -0.63
C LYS A 125 7.12 -23.32 -1.47
N LEU A 126 7.75 -22.18 -1.12
CA LEU A 126 8.95 -21.74 -1.82
C LEU A 126 10.20 -22.41 -1.28
N ASP A 127 10.34 -22.47 0.05
CA ASP A 127 11.37 -23.30 0.68
C ASP A 127 11.55 -24.60 -0.09
N GLU A 128 10.46 -25.36 -0.25
CA GLU A 128 10.58 -26.70 -0.79
C GLU A 128 10.99 -26.68 -2.26
N ARG A 129 10.38 -25.78 -3.06
CA ARG A 129 10.60 -25.74 -4.49
C ARG A 129 12.06 -25.50 -4.82
N LEU A 130 12.69 -24.55 -4.13
CA LEU A 130 14.09 -24.26 -4.40
C LEU A 130 15.00 -25.40 -3.94
N GLN A 131 14.68 -26.02 -2.79
CA GLN A 131 15.42 -27.20 -2.34
C GLN A 131 15.33 -28.31 -3.37
N LEU A 132 14.15 -28.47 -3.98
CA LEU A 132 14.01 -29.46 -5.03
C LEU A 132 14.79 -29.03 -6.25
N GLU A 133 14.69 -27.74 -6.60
CA GLU A 133 15.35 -27.22 -7.79
C GLU A 133 16.88 -27.14 -7.66
N LEU A 134 17.43 -26.98 -6.44
CA LEU A 134 18.89 -26.95 -6.34
C LEU A 134 19.49 -28.33 -6.64
N GLY A 135 19.01 -29.37 -5.97
CA GLY A 135 19.50 -30.70 -6.25
C GLY A 135 19.36 -31.10 -7.71
N GLN A 136 18.28 -30.66 -8.37
CA GLN A 136 18.08 -31.03 -9.76
C GLN A 136 19.01 -30.28 -10.69
N ARG A 137 19.10 -28.96 -10.54
CA ARG A 137 19.93 -28.17 -11.42
C ARG A 137 21.43 -28.30 -11.13
N GLN A 138 21.82 -29.04 -10.09
CA GLN A 138 23.23 -29.33 -9.86
C GLN A 138 23.73 -30.46 -10.73
N LEU A 139 22.81 -31.20 -11.35
CA LEU A 139 23.16 -32.34 -12.18
C LEU A 139 23.13 -32.00 -13.65
N GLU A 140 22.83 -30.75 -13.98
CA GLU A 140 22.87 -30.40 -15.39
C GLU A 140 24.33 -30.27 -15.82
N GLU A 141 24.52 -30.14 -17.14
CA GLU A 141 25.84 -30.00 -17.75
C GLU A 141 26.14 -28.54 -18.08
N ASN A 142 25.42 -27.61 -17.47
CA ASN A 142 25.84 -26.23 -17.33
C ASN A 142 26.46 -25.96 -15.97
N ALA A 143 25.91 -26.60 -14.93
CA ALA A 143 26.53 -26.74 -13.62
C ALA A 143 27.40 -27.99 -13.58
N LYS A 144 27.98 -28.23 -12.40
CA LYS A 144 28.82 -29.39 -12.09
C LYS A 144 30.16 -29.24 -12.82
N LYS A 145 30.17 -28.47 -13.91
CA LYS A 145 31.39 -27.82 -14.38
C LYS A 145 31.60 -26.47 -13.72
N ARG A 146 30.51 -25.77 -13.40
CA ARG A 146 30.63 -24.54 -12.62
C ARG A 146 31.01 -24.85 -11.17
N LEU A 147 30.54 -25.97 -10.62
CA LEU A 147 30.94 -26.34 -9.27
C LEU A 147 32.36 -26.85 -9.20
N GLU A 148 32.79 -27.61 -10.20
CA GLU A 148 34.13 -28.20 -10.13
C GLU A 148 35.20 -27.11 -10.23
N ALA A 149 34.98 -26.12 -11.08
CA ALA A 149 35.93 -25.03 -11.15
C ALA A 149 35.88 -24.18 -9.88
N ARG A 150 34.72 -24.11 -9.24
CA ARG A 150 34.60 -23.41 -7.95
C ARG A 150 35.42 -24.10 -6.87
N LYS A 151 35.46 -25.42 -6.88
CA LYS A 151 36.16 -26.24 -5.90
C LYS A 151 37.68 -26.22 -6.09
N LYS A 152 38.19 -25.59 -7.15
CA LYS A 152 39.63 -25.31 -7.16
C LYS A 152 40.01 -24.09 -6.31
N LEU A 153 39.04 -23.33 -5.83
CA LEU A 153 39.34 -22.16 -5.01
C LEU A 153 39.59 -22.57 -3.57
N PRO A 154 40.61 -21.96 -2.93
CA PRO A 154 40.94 -22.36 -1.55
C PRO A 154 39.77 -22.22 -0.58
N THR A 155 38.96 -21.17 -0.72
CA THR A 155 37.90 -20.95 0.25
C THR A 155 36.92 -22.13 0.28
N MET A 156 36.60 -22.69 -0.90
CA MET A 156 35.63 -23.78 -0.97
C MET A 156 36.06 -25.04 -0.23
N LYS A 157 37.36 -25.23 0.00
CA LYS A 157 37.84 -26.35 0.82
C LYS A 157 37.42 -26.23 2.28
N TYR A 158 37.14 -25.01 2.77
CA TYR A 158 36.67 -24.79 4.13
C TYR A 158 35.18 -24.58 4.22
N ALA A 159 34.42 -24.92 3.18
CA ALA A 159 32.98 -24.63 3.19
C ALA A 159 32.28 -25.21 4.42
N ASP A 160 32.43 -26.52 4.68
CA ASP A 160 31.64 -27.10 5.75
C ASP A 160 32.05 -26.58 7.12
N ASP A 161 33.32 -26.24 7.33
CA ASP A 161 33.73 -25.67 8.63
C ASP A 161 33.15 -24.25 8.83
N ILE A 162 33.10 -23.45 7.77
CA ILE A 162 32.55 -22.10 7.85
C ILE A 162 31.06 -22.18 8.19
N ILE A 163 30.34 -23.09 7.53
CA ILE A 163 28.94 -23.34 7.87
C ILE A 163 28.79 -23.59 9.36
N GLN A 164 29.65 -24.45 9.93
CA GLN A 164 29.57 -24.78 11.35
C GLN A 164 29.95 -23.61 12.23
N ALA A 165 31.03 -22.90 11.88
CA ALA A 165 31.46 -21.78 12.70
C ALA A 165 30.41 -20.66 12.72
N VAL A 166 29.67 -20.49 11.61
CA VAL A 166 28.58 -19.55 11.55
C VAL A 166 27.39 -20.06 12.34
N ARG A 167 27.15 -21.38 12.36
CA ARG A 167 26.05 -21.87 13.17
C ARG A 167 26.32 -21.65 14.65
N GLU A 168 27.56 -21.90 15.09
CA GLU A 168 27.94 -21.91 16.52
C GLU A 168 28.35 -20.55 17.08
N ASN A 169 28.45 -19.51 16.26
CA ASN A 169 28.97 -18.20 16.68
C ASN A 169 28.26 -17.08 15.95
N GLN A 170 28.15 -15.95 16.63
CA GLN A 170 27.47 -14.81 16.03
C GLN A 170 28.39 -14.11 15.03
N VAL A 171 29.62 -13.83 15.46
CA VAL A 171 30.61 -13.14 14.66
C VAL A 171 31.76 -14.10 14.41
N ILE A 172 32.07 -14.31 13.14
CA ILE A 172 33.32 -14.94 12.75
C ILE A 172 34.04 -13.98 11.81
N LEU A 173 35.31 -14.29 11.57
CA LEU A 173 36.17 -13.48 10.76
C LEU A 173 36.93 -14.40 9.80
N ILE A 174 36.99 -14.04 8.53
CA ILE A 174 37.71 -14.83 7.54
C ILE A 174 38.81 -13.94 6.97
N VAL A 175 40.06 -14.35 7.14
CA VAL A 175 41.20 -13.59 6.67
C VAL A 175 41.78 -14.34 5.49
N GLY A 176 41.96 -13.64 4.37
CA GLY A 176 42.47 -14.33 3.20
C GLY A 176 42.99 -13.39 2.14
N SER A 177 44.06 -13.80 1.46
CA SER A 177 44.72 -12.89 0.53
C SER A 177 43.94 -12.83 -0.78
N THR A 178 44.25 -11.82 -1.58
CA THR A 178 43.63 -11.73 -2.90
C THR A 178 43.94 -12.97 -3.70
N GLY A 179 42.90 -13.58 -4.26
CA GLY A 179 43.02 -14.85 -4.94
C GLY A 179 42.33 -15.98 -4.24
N CYS A 180 41.96 -15.79 -2.96
CA CYS A 180 41.35 -16.87 -2.19
C CYS A 180 39.88 -17.07 -2.49
N GLY A 181 39.23 -16.15 -3.16
CA GLY A 181 37.84 -16.40 -3.48
C GLY A 181 36.89 -16.34 -2.30
N LYS A 182 37.31 -15.83 -1.14
CA LYS A 182 36.40 -15.68 -0.01
C LYS A 182 35.15 -14.86 -0.39
N THR A 183 35.33 -13.83 -1.21
CA THR A 183 34.25 -12.88 -1.45
C THR A 183 33.19 -13.42 -2.39
N THR A 184 33.57 -14.04 -3.51
CA THR A 184 32.53 -14.68 -4.34
C THR A 184 31.97 -15.97 -3.73
N GLN A 185 32.73 -16.65 -2.87
CA GLN A 185 32.33 -17.99 -2.45
C GLN A 185 31.62 -18.05 -1.11
N VAL A 186 32.09 -17.34 -0.08
CA VAL A 186 31.43 -17.42 1.23
C VAL A 186 29.95 -17.02 1.14
N PRO A 187 29.55 -15.98 0.38
CA PRO A 187 28.12 -15.73 0.19
C PRO A 187 27.37 -16.91 -0.41
N GLN A 188 27.90 -17.54 -1.46
CA GLN A 188 27.24 -18.72 -2.03
C GLN A 188 27.22 -19.89 -1.06
N ILE A 189 28.28 -20.08 -0.28
CA ILE A 189 28.38 -21.25 0.59
C ILE A 189 27.25 -21.28 1.61
N LEU A 190 26.94 -20.14 2.22
CA LEU A 190 25.91 -20.11 3.24
C LEU A 190 24.49 -20.04 2.68
N LEU A 191 24.32 -19.59 1.44
CA LEU A 191 23.00 -19.64 0.84
C LEU A 191 22.64 -21.07 0.42
N ASP A 192 23.47 -21.67 -0.43
CA ASP A 192 23.20 -23.02 -0.91
C ASP A 192 22.97 -24.00 0.23
N ASP A 193 23.67 -23.79 1.36
CA ASP A 193 23.42 -24.61 2.54
C ASP A 193 22.03 -24.38 3.08
N ALA A 194 21.64 -23.11 3.24
CA ALA A 194 20.30 -22.81 3.74
C ALA A 194 19.21 -23.35 2.81
N ILE A 195 19.45 -23.34 1.49
CA ILE A 195 18.41 -23.78 0.56
C ILE A 195 18.14 -25.28 0.68
N SER A 196 19.22 -26.08 0.77
CA SER A 196 19.12 -27.54 0.89
C SER A 196 18.50 -27.96 2.20
N ARG A 197 18.87 -27.32 3.30
CA ARG A 197 18.27 -27.55 4.59
C ARG A 197 16.77 -27.22 4.61
N GLY A 198 16.17 -26.87 3.47
CA GLY A 198 14.77 -26.53 3.45
C GLY A 198 14.43 -25.22 4.16
N CYS A 199 15.36 -24.26 4.19
CA CYS A 199 15.18 -22.99 4.89
C CYS A 199 15.22 -21.76 3.98
N ALA A 200 15.20 -21.96 2.66
CA ALA A 200 15.52 -20.93 1.65
C ALA A 200 14.92 -19.54 1.85
N SER A 201 13.64 -19.44 2.22
CA SER A 201 13.07 -18.11 2.24
C SER A 201 13.45 -17.35 3.49
N SER A 202 14.11 -17.99 4.45
CA SER A 202 14.56 -17.25 5.63
C SER A 202 15.91 -16.58 5.43
N CYS A 203 16.56 -16.74 4.26
CA CYS A 203 17.97 -16.39 4.09
C CYS A 203 18.10 -15.21 3.16
N ARG A 204 18.58 -14.09 3.70
CA ARG A 204 18.86 -12.88 2.93
C ARG A 204 20.25 -12.39 3.34
N ILE A 205 21.23 -12.54 2.45
CA ILE A 205 22.62 -12.23 2.77
C ILE A 205 22.99 -10.90 2.12
N ILE A 206 23.48 -9.98 2.95
CA ILE A 206 23.93 -8.67 2.48
C ILE A 206 25.43 -8.57 2.68
N CYS A 207 26.15 -8.34 1.58
CA CYS A 207 27.60 -8.28 1.60
C CYS A 207 28.08 -6.94 1.07
N THR A 208 28.79 -6.18 1.91
CA THR A 208 29.31 -4.89 1.47
C THR A 208 30.66 -5.00 0.79
N GLN A 209 30.98 -3.95 0.03
CA GLN A 209 32.21 -3.65 -0.67
C GLN A 209 32.57 -2.20 -0.40
N PRO A 210 33.85 -1.85 -0.45
CA PRO A 210 34.21 -0.43 -0.31
C PRO A 210 33.90 0.40 -1.56
N ARG A 211 33.84 -0.20 -2.74
CA ARG A 211 33.82 0.48 -4.03
C ARG A 211 32.61 0.03 -4.86
N ARG A 212 32.07 1.00 -5.64
CA ARG A 212 30.93 0.74 -6.53
C ARG A 212 31.26 -0.30 -7.60
N ILE A 213 32.36 -0.09 -8.35
CA ILE A 213 32.64 -0.93 -9.51
C ILE A 213 32.79 -2.39 -9.10
N SER A 214 33.46 -2.62 -7.97
CA SER A 214 33.69 -3.97 -7.48
C SER A 214 32.37 -4.63 -7.12
N ALA A 215 31.45 -3.86 -6.55
CA ALA A 215 30.17 -4.43 -6.13
C ALA A 215 29.40 -5.05 -7.31
N ILE A 216 29.53 -4.49 -8.51
CA ILE A 216 28.77 -4.98 -9.65
C ILE A 216 29.43 -6.21 -10.26
N ALA A 217 30.66 -6.03 -10.77
CA ALA A 217 31.34 -7.10 -11.47
C ALA A 217 31.50 -8.33 -10.59
N ILE A 218 31.61 -8.17 -9.28
CA ILE A 218 31.54 -9.34 -8.42
C ILE A 218 30.15 -9.98 -8.47
N ALA A 219 29.08 -9.16 -8.45
CA ALA A 219 27.73 -9.71 -8.51
C ALA A 219 27.42 -10.29 -9.87
N GLU A 220 27.87 -9.64 -10.94
CA GLU A 220 27.68 -10.23 -12.26
C GLU A 220 28.39 -11.57 -12.38
N TRP A 221 29.52 -11.71 -11.67
CA TRP A 221 30.27 -12.95 -11.68
C TRP A 221 29.60 -14.02 -10.83
N VAL A 222 29.30 -13.71 -9.57
CA VAL A 222 28.60 -14.64 -8.69
C VAL A 222 27.27 -15.09 -9.29
N SER A 223 26.70 -14.27 -10.17
CA SER A 223 25.50 -14.67 -10.92
C SER A 223 25.86 -15.59 -12.08
N TYR A 224 27.01 -15.34 -12.75
CA TYR A 224 27.48 -16.24 -13.80
C TYR A 224 27.89 -17.60 -13.25
N GLU A 225 28.49 -17.66 -12.05
CA GLU A 225 28.81 -18.96 -11.45
C GLU A 225 27.57 -19.74 -11.09
N ARG A 226 26.40 -19.17 -11.33
CA ARG A 226 25.13 -19.85 -11.07
C ARG A 226 24.23 -19.95 -12.31
N CYS A 227 24.72 -19.56 -13.49
CA CYS A 227 23.98 -19.66 -14.75
C CYS A 227 22.62 -18.97 -14.62
N GLU A 228 22.70 -17.70 -14.24
CA GLU A 228 21.53 -16.86 -14.01
C GLU A 228 21.77 -15.46 -14.53
N SER A 229 20.68 -14.81 -14.95
CA SER A 229 20.67 -13.38 -15.17
C SER A 229 20.66 -12.65 -13.84
N LEU A 230 21.21 -11.45 -13.80
CA LEU A 230 21.22 -10.71 -12.57
C LEU A 230 19.80 -10.44 -12.09
N GLY A 231 19.62 -10.51 -10.80
CA GLY A 231 18.35 -10.17 -10.24
C GLY A 231 17.51 -11.37 -9.93
N ASN A 232 18.04 -12.59 -10.15
CA ASN A 232 17.43 -13.80 -9.61
C ASN A 232 17.93 -14.07 -8.21
N SER A 233 19.09 -14.71 -8.06
CA SER A 233 19.50 -15.02 -6.69
C SER A 233 20.66 -14.16 -6.20
N VAL A 234 21.31 -13.41 -7.08
CA VAL A 234 22.31 -12.44 -6.68
C VAL A 234 21.89 -11.07 -7.23
N GLY A 235 22.13 -10.03 -6.43
CA GLY A 235 21.87 -8.68 -6.88
C GLY A 235 22.95 -7.73 -6.40
N TYR A 236 22.93 -6.52 -6.97
CA TYR A 236 23.74 -5.44 -6.44
C TYR A 236 22.88 -4.18 -6.31
N GLN A 237 23.26 -3.35 -5.35
CA GLN A 237 22.57 -2.11 -5.11
C GLN A 237 23.63 -1.13 -4.63
N ILE A 238 23.92 -0.11 -5.43
CA ILE A 238 24.80 1.01 -5.03
C ILE A 238 23.95 2.27 -5.13
N ARG A 239 24.56 3.45 -4.97
CA ARG A 239 23.79 4.70 -5.09
C ARG A 239 23.31 4.94 -6.52
N LEU A 240 22.02 5.22 -6.67
CA LEU A 240 21.39 5.67 -7.90
C LEU A 240 21.38 4.62 -8.98
N GLU A 241 21.88 3.43 -8.71
CA GLU A 241 21.81 2.36 -9.69
C GLU A 241 21.74 1.07 -8.91
N SER A 242 20.79 0.22 -9.27
CA SER A 242 20.59 -1.03 -8.56
C SER A 242 19.99 -2.06 -9.51
N ARG A 243 20.60 -3.26 -9.53
CA ARG A 243 20.03 -4.50 -10.06
C ARG A 243 19.72 -5.35 -8.83
N LYS A 244 18.54 -5.16 -8.26
CA LYS A 244 18.19 -5.83 -7.01
C LYS A 244 17.98 -7.33 -7.23
N ALA A 245 18.32 -8.13 -6.21
CA ALA A 245 18.05 -9.56 -6.25
C ALA A 245 16.58 -9.86 -5.97
N ARG A 246 16.18 -11.13 -6.02
CA ARG A 246 14.86 -11.51 -5.54
C ARG A 246 14.80 -11.26 -4.03
N GLU A 247 13.60 -11.22 -3.48
CA GLU A 247 13.44 -10.77 -2.10
C GLU A 247 14.10 -11.74 -1.12
N ARG A 248 13.82 -13.03 -1.26
CA ARG A 248 14.28 -14.06 -0.35
C ARG A 248 15.24 -15.00 -1.06
N ALA A 249 16.02 -15.74 -0.27
CA ALA A 249 17.02 -16.64 -0.81
C ALA A 249 17.91 -15.91 -1.81
N SER A 250 18.51 -14.81 -1.35
CA SER A 250 19.21 -13.89 -2.24
C SER A 250 20.55 -13.47 -1.65
N ILE A 251 21.45 -13.07 -2.55
CA ILE A 251 22.70 -12.41 -2.17
C ILE A 251 22.72 -11.02 -2.81
N THR A 252 22.85 -9.98 -2.00
CA THR A 252 22.84 -8.61 -2.47
C THR A 252 24.22 -8.02 -2.19
N TYR A 253 24.89 -7.52 -3.22
CA TYR A 253 26.16 -6.83 -3.05
C TYR A 253 25.88 -5.36 -3.07
N CYS A 254 26.42 -4.63 -2.10
CA CYS A 254 26.13 -3.21 -1.98
C CYS A 254 27.32 -2.52 -1.36
N THR A 255 27.45 -1.23 -1.65
CA THR A 255 28.49 -0.43 -1.03
C THR A 255 28.10 -0.11 0.40
N THR A 256 29.13 0.05 1.24
CA THR A 256 28.88 0.33 2.65
C THR A 256 27.97 1.55 2.85
N GLY A 257 28.13 2.59 2.02
CA GLY A 257 27.26 3.74 2.13
C GLY A 257 25.79 3.38 2.04
N VAL A 258 25.44 2.54 1.03
CA VAL A 258 24.06 2.12 0.82
C VAL A 258 23.48 1.50 2.09
N LEU A 259 24.22 0.57 2.70
CA LEU A 259 23.74 -0.05 3.94
C LEU A 259 23.55 0.98 5.05
N LEU A 260 24.47 1.95 5.16
CA LEU A 260 24.35 2.97 6.21
C LEU A 260 23.10 3.80 6.04
N GLN A 261 22.77 4.23 4.81
CA GLN A 261 21.51 4.93 4.61
C GLN A 261 20.30 4.04 4.94
N GLN A 262 20.40 2.74 4.68
CA GLN A 262 19.29 1.84 4.95
C GLN A 262 19.02 1.69 6.45
N LEU A 263 19.96 2.09 7.30
CA LEU A 263 19.78 1.98 8.75
C LEU A 263 18.75 2.94 9.30
N GLN A 264 18.52 4.08 8.64
CA GLN A 264 17.53 5.02 9.14
C GLN A 264 16.19 4.32 9.31
N SER A 265 15.81 3.48 8.34
CA SER A 265 14.54 2.76 8.38
C SER A 265 14.61 1.47 9.20
N ASP A 266 15.77 0.81 9.23
CA ASP A 266 15.93 -0.47 9.90
C ASP A 266 17.25 -0.39 10.69
N PRO A 267 17.22 0.30 11.84
CA PRO A 267 18.46 0.59 12.56
C PRO A 267 19.04 -0.62 13.27
N LEU A 268 18.24 -1.68 13.47
CA LEU A 268 18.69 -2.89 14.13
C LEU A 268 18.74 -4.09 13.17
N MET A 269 18.85 -3.82 11.87
CA MET A 269 19.12 -4.83 10.87
C MET A 269 18.19 -6.03 11.01
N HIS A 270 16.89 -5.75 11.02
CA HIS A 270 15.90 -6.80 11.00
C HIS A 270 15.59 -7.31 9.61
N ASN A 271 15.99 -6.59 8.57
CA ASN A 271 15.63 -6.97 7.22
C ASN A 271 16.74 -7.78 6.53
N LEU A 272 17.61 -8.42 7.30
CA LEU A 272 18.59 -9.35 6.77
C LEU A 272 18.80 -10.43 7.82
N SER A 273 19.32 -11.58 7.37
CA SER A 273 19.67 -12.73 8.22
C SER A 273 21.16 -12.91 8.43
N VAL A 274 21.98 -12.44 7.48
CA VAL A 274 23.44 -12.55 7.46
C VAL A 274 24.02 -11.23 7.00
N LEU A 275 25.09 -10.76 7.65
CA LEU A 275 25.83 -9.58 7.24
C LEU A 275 27.29 -9.94 6.96
N ILE A 276 27.78 -9.67 5.75
CA ILE A 276 29.19 -9.86 5.43
C ILE A 276 29.81 -8.48 5.19
N LEU A 277 30.80 -8.12 6.03
CA LEU A 277 31.62 -6.91 5.83
C LEU A 277 32.92 -7.29 5.16
N ASP A 278 33.12 -6.81 3.94
CA ASP A 278 34.31 -7.12 3.16
C ASP A 278 35.31 -5.95 3.20
N GLU A 279 36.59 -6.28 3.03
CA GLU A 279 37.66 -5.27 3.04
C GLU A 279 37.59 -4.39 4.27
N ILE A 280 37.45 -5.02 5.44
CA ILE A 280 37.51 -4.25 6.67
C ILE A 280 38.90 -3.72 6.94
N HIS A 281 39.95 -4.46 6.52
CA HIS A 281 41.33 -4.06 6.78
C HIS A 281 41.68 -2.76 6.09
N GLU A 282 40.91 -2.37 5.08
CA GLU A 282 41.14 -1.11 4.37
C GLU A 282 40.79 0.08 5.23
N ARG A 283 40.00 -0.11 6.28
CA ARG A 283 39.70 0.94 7.25
C ARG A 283 38.98 2.14 6.65
N SER A 284 38.02 1.86 5.75
CA SER A 284 37.16 2.94 5.30
C SER A 284 36.33 3.44 6.48
N VAL A 285 36.01 4.73 6.45
CA VAL A 285 35.16 5.32 7.50
C VAL A 285 33.94 4.44 7.74
N GLU A 286 33.36 3.95 6.67
CA GLU A 286 32.08 3.29 6.74
C GLU A 286 32.19 1.90 7.39
N THR A 287 33.22 1.10 7.06
CA THR A 287 33.36 -0.17 7.76
C THR A 287 33.75 0.06 9.21
N ASP A 288 34.63 1.03 9.43
CA ASP A 288 34.95 1.42 10.80
C ASP A 288 33.69 1.81 11.56
N LEU A 289 32.87 2.62 10.94
CA LEU A 289 31.61 2.99 11.56
C LEU A 289 30.71 1.76 11.74
N LEU A 290 30.65 0.90 10.74
CA LEU A 290 29.71 -0.20 10.79
C LEU A 290 29.99 -1.10 11.98
N MET A 291 31.28 -1.35 12.28
CA MET A 291 31.60 -2.26 13.36
C MET A 291 31.26 -1.68 14.73
N GLY A 292 31.40 -0.38 14.92
CA GLY A 292 30.96 0.19 16.17
C GLY A 292 29.48 -0.05 16.41
N LEU A 293 28.68 0.29 15.39
CA LEU A 293 27.24 0.15 15.52
C LEU A 293 26.82 -1.30 15.80
N LEU A 294 27.53 -2.29 15.22
CA LEU A 294 27.20 -3.69 15.49
C LEU A 294 27.31 -4.05 16.98
N LYS A 295 28.22 -3.38 17.70
CA LYS A 295 28.30 -3.54 19.15
C LYS A 295 27.04 -3.07 19.83
N VAL A 296 26.36 -2.08 19.26
CA VAL A 296 25.09 -1.61 19.81
C VAL A 296 23.95 -2.53 19.38
N ILE A 297 24.04 -3.10 18.17
CA ILE A 297 22.93 -3.84 17.60
C ILE A 297 22.92 -5.29 18.11
N LEU A 298 24.06 -5.97 18.08
CA LEU A 298 24.05 -7.43 18.30
C LEU A 298 23.48 -7.93 19.64
N PRO A 299 23.53 -7.17 20.74
CA PRO A 299 22.76 -7.58 21.92
C PRO A 299 21.25 -7.58 21.70
N HIS A 300 20.72 -6.81 20.76
CA HIS A 300 19.30 -6.78 20.52
C HIS A 300 18.88 -7.63 19.33
N ARG A 301 19.86 -8.20 18.61
CA ARG A 301 19.64 -9.09 17.45
C ARG A 301 20.40 -10.39 17.66
N PRO A 302 19.82 -11.37 18.36
CA PRO A 302 20.53 -12.65 18.55
C PRO A 302 20.52 -13.55 17.31
N ASP A 303 19.44 -13.53 16.53
CA ASP A 303 19.33 -14.37 15.35
C ASP A 303 20.23 -13.88 14.21
N LEU A 304 20.88 -12.74 14.38
CA LEU A 304 21.66 -12.13 13.31
C LEU A 304 23.06 -12.73 13.27
N LYS A 305 23.53 -13.00 12.06
CA LYS A 305 24.86 -13.60 11.83
C LYS A 305 25.75 -12.61 11.07
N VAL A 306 26.91 -12.29 11.65
CA VAL A 306 27.88 -11.39 11.03
C VAL A 306 29.10 -12.21 10.62
N ILE A 307 29.63 -11.94 9.44
CA ILE A 307 30.87 -12.54 8.94
C ILE A 307 31.74 -11.36 8.50
N LEU A 308 32.78 -11.06 9.27
CA LEU A 308 33.74 -10.05 8.88
C LEU A 308 34.77 -10.67 7.94
N MET A 309 35.32 -9.85 7.03
CA MET A 309 36.32 -10.34 6.09
C MET A 309 37.46 -9.35 5.87
N SER A 310 38.69 -9.86 5.83
CA SER A 310 39.86 -9.02 5.88
C SER A 310 41.00 -9.64 5.09
N ALA A 311 41.94 -8.81 4.67
CA ALA A 311 43.22 -9.27 4.16
C ALA A 311 44.13 -9.61 5.33
N THR A 312 45.36 -9.96 5.02
CA THR A 312 46.39 -10.19 6.04
C THR A 312 47.13 -8.88 6.35
N VAL A 313 46.34 -7.91 6.80
CA VAL A 313 46.84 -6.57 7.15
C VAL A 313 46.23 -6.24 8.51
N ARG A 314 46.96 -6.54 9.58
CA ARG A 314 46.53 -6.36 10.96
C ARG A 314 45.15 -6.98 11.21
N GLU A 315 44.93 -8.15 10.63
CA GLU A 315 43.65 -8.83 10.79
C GLU A 315 43.28 -8.96 12.26
N GLN A 316 44.28 -9.03 13.14
CA GLN A 316 44.05 -9.28 14.57
C GLN A 316 43.34 -8.09 15.26
N ASP A 317 43.51 -6.87 14.72
CA ASP A 317 42.81 -5.72 15.28
C ASP A 317 41.32 -5.97 15.42
N PHE A 318 40.72 -6.61 14.39
CA PHE A 318 39.30 -6.92 14.33
C PHE A 318 38.95 -8.16 15.15
N CYS A 319 39.82 -9.16 15.15
CA CYS A 319 39.58 -10.32 16.01
C CYS A 319 39.58 -9.91 17.47
N ASP A 320 40.56 -9.09 17.87
CA ASP A 320 40.53 -8.49 19.20
C ASP A 320 39.21 -7.75 19.40
N TYR A 321 38.86 -6.90 18.42
CA TYR A 321 37.75 -5.97 18.57
C TYR A 321 36.46 -6.70 18.88
N PHE A 322 36.20 -7.79 18.18
CA PHE A 322 35.09 -8.67 18.56
C PHE A 322 35.52 -9.82 19.47
N ASN A 323 36.30 -9.45 20.49
CA ASN A 323 36.38 -10.12 21.78
C ASN A 323 37.09 -11.46 21.83
N ASN A 324 37.58 -11.92 20.67
CA ASN A 324 38.42 -13.11 20.45
C ASN A 324 37.62 -14.08 19.60
N CYS A 325 37.00 -13.58 18.55
CA CYS A 325 36.12 -14.39 17.73
C CYS A 325 36.90 -15.37 16.86
N PRO A 326 36.28 -16.50 16.49
CA PRO A 326 36.93 -17.47 15.59
C PRO A 326 37.39 -16.84 14.27
N MET A 327 38.56 -17.30 13.78
CA MET A 327 39.25 -16.66 12.67
C MET A 327 39.77 -17.72 11.73
N PHE A 328 39.21 -17.82 10.52
CA PHE A 328 39.77 -18.66 9.46
C PHE A 328 40.83 -17.90 8.69
N ARG A 329 41.95 -18.57 8.38
CA ARG A 329 42.92 -18.04 7.42
C ARG A 329 42.86 -18.92 6.16
N ILE A 330 42.54 -18.30 5.03
CA ILE A 330 42.44 -18.98 3.74
C ILE A 330 43.58 -18.47 2.84
N GLU A 331 44.32 -19.40 2.24
CA GLU A 331 45.45 -19.02 1.38
C GLU A 331 45.02 -18.48 0.02
N GLY A 332 45.89 -17.67 -0.59
CA GLY A 332 45.60 -17.07 -1.88
C GLY A 332 45.98 -17.92 -3.09
N VAL A 333 45.77 -17.32 -4.27
CA VAL A 333 46.10 -17.96 -5.55
C VAL A 333 46.85 -16.94 -6.39
N MET A 334 48.11 -16.69 -6.07
CA MET A 334 48.89 -15.79 -6.89
C MET A 334 50.16 -16.47 -7.36
N PHE A 335 50.87 -15.78 -8.31
CA PHE A 335 52.26 -16.13 -8.59
C PHE A 335 53.18 -15.40 -7.62
N PRO A 336 54.29 -16.00 -7.23
CA PRO A 336 55.20 -15.31 -6.31
C PRO A 336 55.91 -14.17 -7.06
N VAL A 337 56.02 -13.03 -6.39
CA VAL A 337 56.59 -11.84 -6.99
C VAL A 337 57.82 -11.47 -6.16
N LYS A 338 58.97 -11.45 -6.80
CA LYS A 338 60.22 -11.25 -6.09
C LYS A 338 60.37 -9.79 -5.65
N MET A 339 60.68 -9.59 -4.36
CA MET A 339 60.85 -8.25 -3.80
C MET A 339 62.31 -7.83 -3.96
N LEU A 340 62.52 -6.77 -4.72
CA LEU A 340 63.80 -6.10 -4.82
C LEU A 340 63.68 -4.75 -4.13
N TYR A 341 64.77 -4.32 -3.48
CA TYR A 341 64.84 -3.01 -2.84
C TYR A 341 65.85 -2.13 -3.58
N LEU A 342 66.10 -0.92 -3.04
CA LEU A 342 66.88 0.07 -3.79
C LEU A 342 68.32 -0.38 -4.03
N GLU A 343 68.92 -1.08 -3.07
CA GLU A 343 70.27 -1.59 -3.27
C GLU A 343 70.33 -2.54 -4.45
N ASP A 344 69.37 -3.47 -4.52
CA ASP A 344 69.31 -4.45 -5.60
C ASP A 344 69.00 -3.82 -6.94
N VAL A 345 68.36 -2.66 -6.96
CA VAL A 345 68.08 -1.98 -8.23
C VAL A 345 69.35 -1.38 -8.81
N LEU A 346 70.08 -0.58 -7.99
CA LEU A 346 71.31 0.04 -8.45
C LEU A 346 72.38 -0.99 -8.78
N SER A 347 72.29 -2.18 -8.18
CA SER A 347 73.22 -3.24 -8.54
C SER A 347 72.96 -3.74 -9.96
N LYS A 348 71.71 -3.71 -10.44
CA LYS A 348 71.39 -4.19 -11.77
C LYS A 348 71.51 -3.11 -12.85
N THR A 349 71.28 -1.86 -12.51
CA THR A 349 71.37 -0.78 -13.48
C THR A 349 72.64 0.08 -13.34
N ASN A 350 73.21 0.15 -12.13
CA ASN A 350 74.40 0.96 -11.87
C ASN A 350 74.19 2.41 -12.32
N TYR A 351 72.97 2.90 -12.17
CA TYR A 351 72.66 4.27 -12.55
C TYR A 351 73.45 5.26 -11.72
N GLU A 352 73.76 6.41 -12.33
CA GLU A 352 74.51 7.49 -11.69
C GLU A 352 73.64 8.73 -11.64
N PHE A 353 73.64 9.41 -10.49
CA PHE A 353 72.86 10.62 -10.30
C PHE A 353 73.80 11.81 -10.48
N GLN A 354 73.44 12.74 -11.34
CA GLN A 354 74.19 13.99 -11.45
C GLN A 354 73.41 14.97 -12.31
N LYS A 355 73.59 16.27 -12.04
CA LYS A 355 72.87 17.31 -12.78
C LYS A 355 73.79 18.41 -13.35
N ARG A 369 66.71 17.67 5.60
CA ARG A 369 67.70 17.44 6.63
C ARG A 369 68.17 15.99 6.64
N MET A 370 69.41 15.81 7.07
CA MET A 370 70.02 14.51 7.32
C MET A 370 70.25 14.36 8.82
N LYS A 371 69.50 13.53 9.54
CA LYS A 371 68.28 12.72 9.24
C LYS A 371 68.33 11.58 8.17
N HIS A 372 68.88 11.84 7.00
CA HIS A 372 69.07 10.78 6.02
C HIS A 372 70.23 9.88 6.45
N GLU A 373 71.31 10.49 6.96
CA GLU A 373 72.49 9.74 7.35
C GLU A 373 72.29 8.91 8.61
N ALA A 374 71.44 9.37 9.54
CA ALA A 374 71.14 8.57 10.71
C ALA A 374 70.57 7.21 10.32
N MET A 375 69.82 7.16 9.21
CA MET A 375 69.15 5.95 8.76
C MET A 375 70.03 5.07 7.88
N ILE A 376 70.86 5.67 7.02
CA ILE A 376 71.51 4.88 5.99
C ILE A 376 72.86 4.28 6.44
N GLU A 377 73.64 4.98 7.29
CA GLU A 377 74.95 4.42 7.66
C GLU A 377 74.84 3.20 8.57
N PRO A 378 74.04 3.20 9.65
CA PRO A 378 73.85 1.95 10.39
C PRO A 378 73.36 0.80 9.52
N TYR A 379 72.56 1.09 8.49
CA TYR A 379 72.12 0.05 7.57
C TYR A 379 73.22 -0.34 6.58
N LEU A 380 73.92 0.63 5.97
CA LEU A 380 74.98 0.27 5.02
C LEU A 380 76.01 -0.65 5.67
N ARG A 381 76.21 -0.50 6.98
CA ARG A 381 77.19 -1.32 7.68
C ARG A 381 76.75 -2.77 7.74
N ARG A 382 75.47 -3.02 8.02
CA ARG A 382 75.00 -4.40 8.09
C ARG A 382 75.15 -5.13 6.76
N ILE A 383 75.36 -4.41 5.66
CA ILE A 383 75.46 -5.03 4.33
C ILE A 383 76.73 -4.59 3.62
N ARG A 384 77.76 -4.25 4.40
CA ARG A 384 79.05 -3.85 3.83
C ARG A 384 79.68 -4.92 2.94
N ASN A 385 79.57 -6.20 3.33
CA ASN A 385 80.17 -7.33 2.62
C ASN A 385 79.20 -8.01 1.67
N SER A 386 77.97 -7.52 1.59
CA SER A 386 76.91 -8.14 0.80
C SER A 386 76.54 -7.39 -0.48
N TYR A 387 76.91 -6.11 -0.61
CA TYR A 387 76.66 -5.34 -1.82
C TYR A 387 77.92 -4.59 -2.23
N ASP A 388 77.91 -4.13 -3.48
CA ASP A 388 79.05 -3.40 -4.05
C ASP A 388 79.33 -2.11 -3.27
N SER A 389 80.57 -1.62 -3.39
CA SER A 389 80.98 -0.40 -2.70
C SER A 389 80.51 0.88 -3.38
N ARG A 390 80.60 0.94 -4.72
CA ARG A 390 80.16 2.11 -5.49
C ARG A 390 78.66 2.32 -5.40
N VAL A 391 77.90 1.23 -5.33
CA VAL A 391 76.46 1.31 -5.15
C VAL A 391 76.10 1.95 -3.82
N LEU A 392 76.62 1.41 -2.71
CA LEU A 392 76.23 1.89 -1.39
C LEU A 392 76.53 3.36 -1.14
N ASP A 393 77.43 3.99 -1.91
CA ASP A 393 77.65 5.42 -1.74
C ASP A 393 76.49 6.24 -2.28
N LYS A 394 75.75 5.70 -3.26
CA LYS A 394 74.57 6.38 -3.77
C LYS A 394 73.42 6.32 -2.79
N LEU A 395 73.35 5.24 -1.99
CA LEU A 395 72.40 5.20 -0.89
C LEU A 395 72.61 6.34 0.10
N ARG A 396 73.80 6.95 0.11
CA ARG A 396 73.96 8.17 0.91
C ARG A 396 73.28 9.37 0.25
N LEU A 397 73.16 9.38 -1.07
CA LEU A 397 72.50 10.51 -1.73
C LEU A 397 71.03 10.56 -1.33
N PRO A 398 70.54 11.68 -0.78
CA PRO A 398 69.14 11.74 -0.38
C PRO A 398 68.20 11.49 -1.52
N GLU A 399 68.62 11.74 -2.75
CA GLU A 399 67.67 11.72 -3.87
C GLU A 399 67.58 10.37 -4.55
N SER A 400 68.31 9.36 -4.08
CA SER A 400 68.21 8.05 -4.72
C SER A 400 66.85 7.40 -4.43
N GLU A 401 66.35 7.51 -3.21
CA GLU A 401 65.07 6.92 -2.86
C GLU A 401 63.92 7.86 -3.22
N GLY A 402 62.73 7.28 -3.32
CA GLY A 402 61.56 8.02 -3.73
C GLY A 402 61.55 8.21 -5.23
N CYS A 403 60.85 9.25 -5.65
CA CYS A 403 60.71 9.59 -7.06
C CYS A 403 61.38 10.93 -7.34
N GLU A 404 62.51 11.18 -6.70
CA GLU A 404 63.16 12.47 -6.82
C GLU A 404 63.87 12.61 -8.16
N ASP A 405 64.50 11.54 -8.64
CA ASP A 405 65.14 11.56 -9.94
C ASP A 405 64.26 10.77 -10.90
N ILE A 406 63.65 11.49 -11.85
CA ILE A 406 62.79 10.84 -12.82
C ILE A 406 63.63 10.08 -13.84
N ASP A 407 64.76 10.66 -14.25
CA ASP A 407 65.68 9.99 -15.18
C ASP A 407 66.23 8.69 -14.61
N PHE A 408 66.32 8.58 -13.29
CA PHE A 408 66.60 7.27 -12.70
C PHE A 408 65.44 6.32 -12.96
N ILE A 409 64.23 6.69 -12.53
CA ILE A 409 63.05 5.89 -12.82
C ILE A 409 62.96 5.64 -14.32
N ALA A 410 63.35 6.64 -15.11
CA ALA A 410 63.41 6.47 -16.56
C ALA A 410 64.38 5.36 -16.95
N ASP A 411 65.50 5.25 -16.25
CA ASP A 411 66.49 4.24 -16.60
C ASP A 411 66.01 2.83 -16.28
N LEU A 412 65.26 2.66 -15.19
CA LEU A 412 64.84 1.32 -14.79
C LEU A 412 63.81 0.72 -15.75
N VAL A 413 62.93 1.54 -16.32
CA VAL A 413 62.00 1.04 -17.33
C VAL A 413 62.76 0.59 -18.58
N TYR A 414 63.67 1.43 -19.08
CA TYR A 414 64.51 1.04 -20.22
C TYR A 414 65.29 -0.25 -19.94
N TYR A 415 65.71 -0.47 -18.68
CA TYR A 415 66.36 -1.72 -18.33
C TYR A 415 65.41 -2.89 -18.42
N ILE A 416 64.16 -2.71 -18.00
CA ILE A 416 63.19 -3.80 -18.11
C ILE A 416 62.87 -4.08 -19.57
N CYS A 417 62.85 -3.05 -20.42
CA CYS A 417 62.44 -3.23 -21.81
C CYS A 417 63.40 -4.11 -22.59
N GLU A 418 64.69 -4.14 -22.19
CA GLU A 418 65.75 -4.90 -22.87
C GLU A 418 65.96 -6.30 -22.31
N ASN A 419 66.17 -6.42 -20.99
CA ASN A 419 66.45 -7.70 -20.36
C ASN A 419 65.11 -8.17 -19.86
N GLU A 420 65.05 -9.02 -18.81
CA GLU A 420 63.82 -9.39 -18.10
C GLU A 420 62.66 -9.61 -19.08
N PRO A 421 62.13 -10.82 -19.22
CA PRO A 421 61.29 -11.10 -20.40
C PRO A 421 59.97 -10.34 -20.52
N GLU A 422 59.17 -10.71 -21.53
CA GLU A 422 58.02 -9.92 -21.95
C GLU A 422 57.00 -9.75 -20.84
N GLY A 423 56.46 -8.54 -20.74
CA GLY A 423 55.45 -8.16 -19.77
C GLY A 423 55.34 -6.67 -19.65
N ALA A 424 54.23 -6.22 -19.08
CA ALA A 424 53.98 -4.78 -18.96
C ALA A 424 54.68 -4.22 -17.72
N ILE A 425 54.85 -2.90 -17.70
CA ILE A 425 55.47 -2.20 -16.58
C ILE A 425 54.46 -1.24 -15.96
N LEU A 426 54.10 -1.48 -14.70
CA LEU A 426 53.21 -0.60 -13.95
C LEU A 426 54.07 0.20 -12.97
N VAL A 427 54.14 1.52 -13.18
CA VAL A 427 55.03 2.42 -12.44
C VAL A 427 54.20 3.29 -11.49
N PHE A 428 54.53 3.24 -10.19
CA PHE A 428 53.76 3.88 -9.12
C PHE A 428 54.43 5.19 -8.70
N LEU A 429 53.83 6.32 -9.08
CA LEU A 429 54.30 7.67 -8.79
C LEU A 429 53.29 8.47 -7.97
N PRO A 430 53.74 9.50 -7.24
CA PRO A 430 52.89 10.07 -6.17
C PRO A 430 51.69 10.85 -6.68
N GLY A 431 51.85 11.67 -7.71
CA GLY A 431 50.77 12.53 -8.11
C GLY A 431 50.87 12.91 -9.57
N TYR A 432 50.00 13.86 -9.98
CA TYR A 432 49.92 14.31 -11.37
C TYR A 432 51.27 14.83 -11.87
N ASP A 433 51.97 15.59 -11.03
CA ASP A 433 53.19 16.27 -11.48
C ASP A 433 54.27 15.25 -11.85
N LYS A 434 54.57 14.34 -10.93
CA LYS A 434 55.65 13.39 -11.20
C LYS A 434 55.28 12.41 -12.31
N ILE A 435 53.99 12.07 -12.46
CA ILE A 435 53.60 11.22 -13.58
C ILE A 435 53.81 11.95 -14.90
N SER A 436 53.42 13.22 -14.97
CA SER A 436 53.59 14.00 -16.19
C SER A 436 55.06 14.05 -16.60
N GLN A 437 55.98 14.16 -15.64
CA GLN A 437 57.40 14.28 -15.97
C GLN A 437 57.90 13.04 -16.71
N LEU A 438 57.56 11.86 -16.20
CA LEU A 438 58.11 10.62 -16.77
C LEU A 438 57.50 10.31 -18.14
N TYR A 439 56.22 10.62 -18.33
CA TYR A 439 55.60 10.40 -19.64
C TYR A 439 56.39 11.13 -20.72
N ASN A 440 56.72 12.40 -20.47
CA ASN A 440 57.49 13.18 -21.44
C ASN A 440 58.89 12.65 -21.60
N ILE A 441 59.49 12.14 -20.53
CA ILE A 441 60.77 11.47 -20.65
C ILE A 441 60.65 10.22 -21.52
N LEU A 442 59.62 9.40 -21.27
CA LEU A 442 59.46 8.21 -22.09
C LEU A 442 58.96 8.54 -23.49
N ASP A 443 58.26 9.67 -23.64
CA ASP A 443 57.67 10.06 -24.92
C ASP A 443 58.54 11.00 -25.72
N LYS A 444 59.31 11.86 -25.05
CA LYS A 444 60.14 12.86 -25.73
C LYS A 444 61.53 12.87 -25.11
N PRO A 445 62.25 11.74 -25.18
CA PRO A 445 63.46 11.58 -24.36
C PRO A 445 64.61 12.47 -24.77
N LYS A 446 65.47 12.75 -23.81
CA LYS A 446 66.71 13.47 -24.08
C LYS A 446 67.91 12.55 -24.29
N THR A 447 67.77 11.27 -23.96
CA THR A 447 68.87 10.30 -24.06
C THR A 447 68.74 9.46 -25.34
N SER A 448 69.87 8.95 -25.82
CA SER A 448 69.85 8.03 -26.96
C SER A 448 69.18 6.71 -26.57
N LYS A 449 69.51 6.17 -25.39
CA LYS A 449 68.81 5.00 -24.88
C LYS A 449 67.29 5.25 -24.76
N GLY A 450 66.88 6.51 -24.52
CA GLY A 450 65.46 6.81 -24.48
C GLY A 450 64.81 6.83 -25.85
N GLN A 451 65.51 7.40 -26.84
CA GLN A 451 65.01 7.47 -28.22
C GLN A 451 64.92 6.11 -28.86
N ARG A 452 65.86 5.23 -28.53
CA ARG A 452 65.82 3.85 -29.00
C ARG A 452 64.51 3.16 -28.63
N TRP A 453 63.97 3.47 -27.45
CA TRP A 453 62.85 2.73 -26.88
C TRP A 453 61.50 3.37 -27.14
N ARG A 454 61.46 4.70 -27.31
CA ARG A 454 60.21 5.45 -27.26
C ARG A 454 59.13 4.86 -28.15
N ASP A 455 59.49 4.53 -29.38
CA ASP A 455 58.53 4.01 -30.34
C ASP A 455 58.30 2.52 -30.19
N HIS A 456 58.91 1.89 -29.19
CA HIS A 456 58.62 0.50 -28.86
C HIS A 456 57.96 0.37 -27.50
N MET A 457 57.46 1.48 -26.96
CA MET A 457 56.64 1.51 -25.76
C MET A 457 55.35 2.23 -26.08
N ALA A 458 54.25 1.69 -25.58
CA ALA A 458 52.94 2.33 -25.64
C ALA A 458 52.64 2.75 -24.20
N VAL A 459 52.81 4.03 -23.91
CA VAL A 459 52.89 4.48 -22.52
C VAL A 459 51.56 5.09 -22.07
N PHE A 460 51.06 4.63 -20.92
CA PHE A 460 49.77 5.04 -20.37
C PHE A 460 49.93 5.70 -19.00
N PRO A 461 49.64 7.00 -18.88
CA PRO A 461 49.45 7.60 -17.55
C PRO A 461 48.07 7.30 -16.99
N LEU A 462 48.02 7.02 -15.70
CA LEU A 462 46.83 6.49 -15.05
C LEU A 462 46.55 7.33 -13.83
N HIS A 463 45.55 8.21 -13.95
CA HIS A 463 45.22 9.20 -12.94
C HIS A 463 43.72 9.43 -13.02
N SER A 464 43.12 9.69 -11.86
CA SER A 464 41.68 9.88 -11.79
C SER A 464 41.22 10.96 -12.75
N LEU A 465 41.93 12.09 -12.75
CA LEU A 465 41.56 13.24 -13.55
C LEU A 465 41.93 13.09 -15.01
N MET A 466 42.40 11.92 -15.45
CA MET A 466 42.80 11.66 -16.82
C MET A 466 41.82 10.68 -17.44
N GLN A 467 41.77 10.66 -18.77
CA GLN A 467 40.72 9.92 -19.47
C GLN A 467 40.91 8.41 -19.43
N SER A 468 42.13 7.94 -19.16
CA SER A 468 42.50 6.54 -19.43
C SER A 468 41.59 5.54 -18.72
N GLY A 469 41.10 5.86 -17.53
CA GLY A 469 40.30 4.90 -16.78
C GLY A 469 39.00 4.53 -17.46
N GLU A 470 38.41 5.45 -18.22
CA GLU A 470 37.10 5.24 -18.83
C GLU A 470 37.19 4.71 -20.25
N GLN A 471 38.37 4.23 -20.66
CA GLN A 471 38.61 3.70 -21.99
C GLN A 471 39.05 2.26 -21.87
N GLN A 472 39.03 1.55 -22.99
CA GLN A 472 39.30 0.12 -22.98
C GLN A 472 40.77 -0.23 -23.20
N ALA A 473 41.63 0.72 -23.60
CA ALA A 473 42.98 0.36 -24.03
C ALA A 473 43.85 -0.15 -22.89
N VAL A 474 44.05 0.67 -21.84
CA VAL A 474 45.11 0.40 -20.87
C VAL A 474 45.01 -0.97 -20.24
N PHE A 475 43.83 -1.59 -20.28
CA PHE A 475 43.66 -2.90 -19.67
C PHE A 475 44.08 -4.01 -20.62
N ARG A 476 44.03 -3.73 -21.93
CA ARG A 476 44.28 -4.72 -22.97
C ARG A 476 45.75 -4.71 -23.38
N ARG A 477 46.11 -5.71 -24.21
CA ARG A 477 47.50 -5.95 -24.57
C ARG A 477 48.01 -4.91 -25.57
N PRO A 478 49.30 -4.63 -25.55
CA PRO A 478 49.86 -3.57 -26.41
C PRO A 478 49.90 -4.02 -27.86
N PRO A 479 50.17 -3.12 -28.81
CA PRO A 479 50.47 -3.57 -30.17
C PRO A 479 51.65 -4.54 -30.17
N ALA A 480 51.75 -5.33 -31.24
CA ALA A 480 52.86 -6.26 -31.36
C ALA A 480 54.17 -5.46 -31.41
N GLY A 481 55.15 -5.90 -30.63
CA GLY A 481 56.46 -5.26 -30.61
C GLY A 481 56.59 -4.02 -29.74
N GLN A 482 55.50 -3.52 -29.17
CA GLN A 482 55.54 -2.39 -28.24
C GLN A 482 55.20 -2.87 -26.84
N ARG A 483 55.84 -2.24 -25.86
CA ARG A 483 55.64 -2.59 -24.46
C ARG A 483 54.79 -1.55 -23.75
N LYS A 484 53.87 -2.03 -22.91
CA LYS A 484 53.02 -1.17 -22.10
C LYS A 484 53.76 -0.74 -20.85
N VAL A 485 53.78 0.57 -20.60
CA VAL A 485 54.33 1.13 -19.37
C VAL A 485 53.26 2.02 -18.78
N ILE A 486 52.76 1.67 -17.60
CA ILE A 486 51.70 2.42 -16.96
C ILE A 486 52.30 3.26 -15.86
N ILE A 487 52.13 4.57 -15.97
CA ILE A 487 52.66 5.52 -15.00
C ILE A 487 51.48 6.04 -14.18
N SER A 488 51.39 5.56 -12.94
CA SER A 488 50.16 5.66 -12.17
C SER A 488 50.41 6.24 -10.79
N THR A 489 49.38 6.86 -10.23
CA THR A 489 49.37 7.18 -8.81
C THR A 489 48.98 5.93 -8.06
N ILE A 490 48.59 6.12 -6.80
CA ILE A 490 48.15 5.06 -5.89
C ILE A 490 46.88 4.38 -6.40
N ILE A 491 46.32 4.86 -7.52
CA ILE A 491 45.01 4.37 -8.00
C ILE A 491 45.06 2.89 -8.41
N ALA A 492 46.11 2.46 -9.09
CA ALA A 492 46.18 1.08 -9.57
C ALA A 492 46.54 0.07 -8.49
N GLU A 493 46.55 0.48 -7.22
CA GLU A 493 46.85 -0.41 -6.09
C GLU A 493 45.63 -1.23 -5.71
N THR A 494 44.47 -0.58 -5.58
CA THR A 494 43.17 -1.21 -5.34
C THR A 494 42.15 -0.93 -6.43
N SER A 495 41.93 0.34 -6.79
CA SER A 495 40.76 0.66 -7.62
C SER A 495 40.88 0.10 -9.04
N VAL A 496 42.02 0.29 -9.70
CA VAL A 496 42.21 -0.10 -11.09
C VAL A 496 43.09 -1.35 -11.15
N THR A 497 42.69 -2.30 -12.00
CA THR A 497 43.40 -3.58 -12.13
C THR A 497 43.70 -3.91 -13.59
N ILE A 498 44.98 -3.83 -13.97
CA ILE A 498 45.47 -4.14 -15.30
C ILE A 498 46.08 -5.52 -15.30
N ASP A 499 45.61 -6.39 -16.20
CA ASP A 499 45.82 -7.82 -16.04
C ASP A 499 47.12 -8.35 -16.65
N ASP A 500 47.80 -7.59 -17.51
CA ASP A 500 49.03 -8.06 -18.14
C ASP A 500 50.29 -7.44 -17.55
N VAL A 501 50.21 -6.93 -16.32
CA VAL A 501 51.37 -6.39 -15.63
C VAL A 501 52.22 -7.54 -15.11
N VAL A 502 53.52 -7.45 -15.34
CA VAL A 502 54.49 -8.38 -14.79
C VAL A 502 55.41 -7.71 -13.78
N TYR A 503 55.84 -6.49 -14.08
CA TYR A 503 56.84 -5.75 -13.32
C TYR A 503 56.21 -4.50 -12.73
N VAL A 504 56.39 -4.31 -11.43
CA VAL A 504 55.88 -3.13 -10.74
C VAL A 504 57.08 -2.35 -10.20
N ILE A 505 57.20 -1.08 -10.60
CA ILE A 505 58.17 -0.15 -10.02
C ILE A 505 57.45 0.65 -8.95
N ASN A 506 57.85 0.46 -7.70
CA ASN A 506 57.25 1.11 -6.55
C ASN A 506 58.22 2.15 -6.01
N SER A 507 57.95 3.43 -6.29
CA SER A 507 58.75 4.48 -5.69
C SER A 507 58.55 4.56 -4.19
N GLY A 508 57.44 4.06 -3.67
CA GLY A 508 57.13 4.19 -2.25
C GLY A 508 56.63 5.54 -1.82
N ARG A 509 56.41 6.46 -2.74
CA ARG A 509 55.91 7.78 -2.41
C ARG A 509 54.46 7.94 -2.88
N THR A 510 53.66 8.62 -2.05
CA THR A 510 52.25 8.87 -2.32
C THR A 510 51.88 10.24 -1.77
N LYS A 511 50.63 10.63 -2.00
CA LYS A 511 50.10 11.86 -1.44
C LYS A 511 49.02 11.55 -0.42
N ALA A 512 48.88 12.44 0.56
CA ALA A 512 47.85 12.27 1.58
C ALA A 512 47.39 13.64 2.07
N THR A 513 46.11 13.72 2.43
CA THR A 513 45.48 14.95 2.91
C THR A 513 45.46 14.91 4.42
N ASN A 514 45.98 15.95 5.07
CA ASN A 514 46.15 15.99 6.52
C ASN A 514 45.41 17.19 7.10
N TYR A 515 44.54 16.96 8.09
CA TYR A 515 43.90 18.06 8.81
C TYR A 515 44.56 18.27 10.17
N ASP A 516 45.11 19.46 10.38
CA ASP A 516 45.59 19.87 11.69
C ASP A 516 44.44 20.54 12.43
N ILE A 517 43.95 19.88 13.49
CA ILE A 517 42.81 20.40 14.24
C ILE A 517 43.09 21.82 14.73
N GLU A 518 44.34 22.11 15.09
CA GLU A 518 44.64 23.33 15.83
C GLU A 518 44.63 24.58 14.93
N THR A 519 45.11 24.49 13.68
CA THR A 519 45.24 25.66 12.80
C THR A 519 44.12 25.76 11.77
N ASN A 520 43.20 24.79 11.72
CA ASN A 520 42.15 24.77 10.69
C ASN A 520 42.72 24.76 9.29
N ILE A 521 43.84 24.07 9.07
CA ILE A 521 44.42 23.95 7.74
C ILE A 521 44.43 22.49 7.33
N GLN A 522 43.74 22.17 6.24
CA GLN A 522 44.00 20.94 5.52
C GLN A 522 45.17 21.18 4.58
N SER A 523 46.14 20.25 4.57
CA SER A 523 47.32 20.33 3.71
C SER A 523 47.44 19.03 2.92
N LEU A 524 48.02 19.15 1.73
CA LEU A 524 48.21 18.03 0.84
C LEU A 524 49.71 17.81 0.75
N ASP A 525 50.18 16.64 1.21
CA ASP A 525 51.62 16.41 1.29
C ASP A 525 52.00 15.10 0.60
N GLU A 526 53.22 15.07 0.09
CA GLU A 526 53.86 13.83 -0.28
C GLU A 526 54.43 13.18 0.98
N VAL A 527 54.23 11.88 1.10
CA VAL A 527 54.61 11.13 2.29
C VAL A 527 55.11 9.78 1.84
N TRP A 528 55.76 9.05 2.76
CA TRP A 528 56.04 7.65 2.47
C TRP A 528 54.74 6.86 2.48
N VAL A 529 54.73 5.75 1.75
CA VAL A 529 53.63 4.78 1.88
C VAL A 529 53.90 3.87 3.09
N THR A 530 52.99 2.93 3.32
CA THR A 530 53.08 2.02 4.45
C THR A 530 53.45 0.60 3.98
N LYS A 531 53.61 -0.31 4.96
CA LYS A 531 53.92 -1.71 4.65
C LYS A 531 52.76 -2.40 3.93
N ALA A 532 51.53 -2.12 4.37
CA ALA A 532 50.37 -2.69 3.71
C ALA A 532 50.31 -2.31 2.24
N ASN A 533 50.76 -1.09 1.89
CA ASN A 533 50.69 -0.61 0.51
C ASN A 533 51.69 -1.31 -0.40
N THR A 534 52.96 -1.30 -0.03
CA THR A 534 53.95 -2.02 -0.81
C THR A 534 53.49 -3.46 -0.99
N GLN A 535 53.00 -4.06 0.08
CA GLN A 535 52.53 -5.44 0.01
C GLN A 535 51.43 -5.56 -1.03
N GLN A 536 50.54 -4.57 -1.09
CA GLN A 536 49.47 -4.58 -2.08
C GLN A 536 50.02 -4.41 -3.49
N ARG A 537 51.03 -3.56 -3.67
CA ARG A 537 51.60 -3.31 -4.99
C ARG A 537 52.44 -4.48 -5.51
N ARG A 538 52.97 -5.31 -4.61
CA ARG A 538 53.73 -6.49 -5.00
C ARG A 538 52.82 -7.52 -5.65
N GLY A 539 51.64 -7.74 -5.06
CA GLY A 539 50.65 -8.66 -5.60
C GLY A 539 50.11 -8.24 -6.95
N ARG A 540 50.18 -6.95 -7.27
CA ARG A 540 49.76 -6.42 -8.57
C ARG A 540 50.49 -7.05 -9.74
N ALA A 541 51.65 -7.66 -9.48
CA ALA A 541 52.52 -8.26 -10.50
C ALA A 541 52.26 -9.76 -10.70
N GLY A 542 51.40 -10.39 -9.91
CA GLY A 542 51.23 -11.82 -9.97
C GLY A 542 49.94 -12.31 -10.61
N ARG A 543 49.44 -11.57 -11.60
CA ARG A 543 48.16 -11.94 -12.20
C ARG A 543 48.29 -12.98 -13.31
N VAL A 544 49.25 -12.79 -14.22
CA VAL A 544 49.43 -13.68 -15.36
C VAL A 544 50.55 -14.69 -15.13
N ARG A 545 51.66 -14.24 -14.55
CA ARG A 545 52.86 -15.06 -14.43
C ARG A 545 53.70 -14.50 -13.29
N PRO A 546 54.71 -15.24 -12.84
CA PRO A 546 55.61 -14.67 -11.83
C PRO A 546 56.24 -13.38 -12.32
N GLY A 547 56.22 -12.37 -11.44
CA GLY A 547 56.75 -11.06 -11.77
C GLY A 547 57.86 -10.56 -10.87
N ILE A 548 58.14 -9.27 -10.97
CA ILE A 548 59.16 -8.60 -10.17
C ILE A 548 58.58 -7.28 -9.66
N CYS A 549 59.00 -6.89 -8.45
CA CYS A 549 58.62 -5.60 -7.90
C CYS A 549 59.90 -4.88 -7.48
N TYR A 550 60.15 -3.72 -8.09
CA TYR A 550 61.31 -2.89 -7.78
C TYR A 550 60.87 -1.77 -6.84
N ASN A 551 61.34 -1.78 -5.60
CA ASN A 551 60.99 -0.79 -4.60
C ASN A 551 62.13 0.22 -4.48
N LEU A 552 61.89 1.46 -4.95
CA LEU A 552 62.96 2.44 -4.98
C LEU A 552 63.22 3.06 -3.61
N PHE A 553 63.35 2.21 -2.59
CA PHE A 553 63.82 2.62 -1.27
C PHE A 553 64.49 1.41 -0.63
N SER A 554 65.43 1.69 0.25
CA SER A 554 66.19 0.63 0.91
C SER A 554 65.33 -0.01 1.99
N ARG A 555 65.80 -1.15 2.51
CA ARG A 555 65.10 -1.80 3.61
C ARG A 555 65.13 -0.95 4.87
N ALA A 556 66.13 -0.07 5.02
CA ALA A 556 66.17 0.80 6.18
C ALA A 556 65.02 1.79 6.17
N ARG A 557 64.53 2.15 4.98
CA ARG A 557 63.31 2.93 4.90
C ARG A 557 62.10 2.11 5.30
N GLU A 558 61.97 0.90 4.72
CA GLU A 558 60.86 0.02 5.06
C GLU A 558 60.81 -0.29 6.54
N ASP A 559 61.97 -0.38 7.20
CA ASP A 559 61.95 -0.71 8.63
C ASP A 559 61.24 0.37 9.43
N ARG A 560 61.34 1.62 9.00
CA ARG A 560 60.78 2.75 9.71
C ARG A 560 59.40 3.16 9.17
N MET A 561 58.90 2.50 8.13
CA MET A 561 57.57 2.81 7.60
C MET A 561 56.46 2.30 8.52
N ASP A 562 55.32 2.99 8.47
CA ASP A 562 54.15 2.63 9.25
C ASP A 562 53.55 1.29 8.82
N ASP A 563 52.79 0.67 9.74
CA ASP A 563 52.08 -0.57 9.47
C ASP A 563 51.02 -0.39 8.38
N ILE A 564 50.04 0.45 8.66
CA ILE A 564 48.93 0.71 7.76
C ILE A 564 48.79 2.22 7.65
N PRO A 565 48.03 2.75 6.69
CA PRO A 565 47.74 4.19 6.70
C PRO A 565 46.88 4.57 7.89
N THR A 566 46.92 5.84 8.24
CA THR A 566 46.02 6.33 9.27
C THR A 566 44.59 5.96 8.89
N PRO A 567 43.84 5.28 9.77
CA PRO A 567 42.41 5.11 9.52
C PRO A 567 41.80 6.46 9.15
N GLU A 568 41.11 6.50 8.01
CA GLU A 568 40.77 7.83 7.51
C GLU A 568 39.78 8.55 8.40
N ILE A 569 39.07 7.83 9.28
CA ILE A 569 38.18 8.50 10.22
C ILE A 569 38.95 9.46 11.09
N LEU A 570 40.24 9.23 11.29
CA LEU A 570 41.04 10.13 12.11
C LEU A 570 41.41 11.41 11.38
N ARG A 571 41.23 11.47 10.07
CA ARG A 571 41.56 12.67 9.32
C ARG A 571 40.31 13.45 8.89
N SER A 572 39.12 12.92 9.13
CA SER A 572 37.90 13.42 8.51
C SER A 572 37.13 14.34 9.45
N LYS A 573 36.47 15.34 8.84
CA LYS A 573 35.44 16.11 9.52
C LYS A 573 34.31 15.18 9.94
N LEU A 574 33.65 15.52 11.05
CA LEU A 574 32.72 14.60 11.70
C LEU A 574 31.27 15.08 11.83
N GLU A 575 30.90 16.27 11.32
CA GLU A 575 29.52 16.75 11.49
C GLU A 575 28.51 15.80 10.87
N SER A 576 28.82 15.30 9.68
CA SER A 576 27.83 14.52 8.95
C SER A 576 27.50 13.21 9.67
N ILE A 577 28.51 12.53 10.21
CA ILE A 577 28.23 11.34 11.02
C ILE A 577 27.45 11.72 12.25
N ILE A 578 27.89 12.77 12.97
CA ILE A 578 27.23 13.13 14.21
C ILE A 578 25.75 13.36 13.98
N LEU A 579 25.40 14.03 12.88
CA LEU A 579 23.98 14.29 12.59
C LEU A 579 23.25 12.98 12.30
N SER A 580 23.87 12.11 11.49
CA SER A 580 23.29 10.81 11.16
C SER A 580 23.07 9.95 12.39
N LEU A 581 24.03 9.94 13.31
CA LEU A 581 23.94 9.13 14.52
C LEU A 581 22.71 9.47 15.35
N LYS A 582 22.19 10.70 15.19
CA LYS A 582 20.99 11.14 15.90
C LYS A 582 19.73 10.41 15.42
N LEU A 583 19.70 9.97 14.15
CA LEU A 583 18.60 9.17 13.61
C LEU A 583 18.65 7.70 14.03
N LEU A 584 19.79 7.24 14.55
CA LEU A 584 19.94 5.93 15.14
C LEU A 584 19.86 6.01 16.65
N HIS A 585 19.25 7.10 17.17
CA HIS A 585 19.01 7.33 18.59
C HIS A 585 20.28 7.14 19.39
N ILE A 586 21.39 7.52 18.78
CA ILE A 586 22.68 7.59 19.46
C ILE A 586 22.95 9.07 19.72
N ASP A 587 22.45 9.55 20.87
CA ASP A 587 22.36 10.98 21.06
C ASP A 587 23.67 11.59 21.53
N ASP A 588 24.64 10.77 21.92
CA ASP A 588 25.91 11.27 22.44
C ASP A 588 27.09 10.82 21.58
N PRO A 589 27.67 11.73 20.79
CA PRO A 589 28.74 11.35 19.85
C PRO A 589 30.07 11.12 20.52
N TYR A 590 30.38 11.87 21.58
CA TYR A 590 31.60 11.62 22.34
C TYR A 590 31.62 10.20 22.89
N ARG A 591 30.49 9.74 23.46
CA ARG A 591 30.46 8.42 24.05
C ARG A 591 30.60 7.34 22.99
N PHE A 592 29.89 7.51 21.86
CA PHE A 592 29.86 6.50 20.83
C PHE A 592 31.16 6.43 20.07
N LEU A 593 31.65 7.56 19.56
CA LEU A 593 32.83 7.47 18.72
C LEU A 593 34.04 6.89 19.46
N GLN A 594 34.03 6.95 20.81
CA GLN A 594 35.13 6.35 21.55
C GLN A 594 35.08 4.84 21.48
N THR A 595 33.94 4.25 21.18
CA THR A 595 33.88 2.79 21.10
C THR A 595 34.33 2.25 19.76
N LEU A 596 34.90 3.07 18.87
CA LEU A 596 35.40 2.56 17.61
C LEU A 596 36.80 1.98 17.79
N ILE A 597 37.27 1.26 16.77
CA ILE A 597 38.57 0.62 16.86
C ILE A 597 39.65 1.65 17.11
N ASN A 598 39.58 2.76 16.36
CA ASN A 598 40.40 3.94 16.59
C ASN A 598 39.44 5.06 16.95
N ALA A 599 39.61 5.63 18.12
CA ALA A 599 38.69 6.64 18.61
C ALA A 599 39.06 7.98 17.99
N PRO A 600 38.08 8.75 17.49
CA PRO A 600 38.41 10.04 16.86
C PRO A 600 38.70 11.07 17.91
N ASN A 601 39.40 12.11 17.49
CA ASN A 601 39.82 13.14 18.41
C ASN A 601 38.57 13.76 19.04
N PRO A 602 38.38 13.65 20.37
CA PRO A 602 37.22 14.31 20.99
C PRO A 602 37.21 15.80 20.72
N GLU A 603 38.37 16.38 20.43
CA GLU A 603 38.44 17.78 20.04
C GLU A 603 37.83 18.00 18.65
N ALA A 604 37.95 17.00 17.74
CA ALA A 604 37.30 17.05 16.44
C ALA A 604 35.83 16.67 16.52
N ILE A 605 35.44 15.90 17.54
CA ILE A 605 34.02 15.64 17.82
C ILE A 605 33.33 16.91 18.26
N LYS A 606 33.92 17.65 19.21
CA LYS A 606 33.31 18.92 19.61
C LYS A 606 33.24 19.90 18.45
N MET A 607 34.30 19.97 17.63
CA MET A 607 34.29 20.88 16.50
C MET A 607 33.17 20.53 15.53
N GLY A 608 32.78 19.26 15.51
CA GLY A 608 31.63 18.86 14.70
C GLY A 608 30.35 19.46 15.22
N VAL A 609 30.05 19.27 16.50
CA VAL A 609 28.80 19.76 17.07
C VAL A 609 28.65 21.26 16.85
N GLU A 610 29.76 22.02 16.99
CA GLU A 610 29.66 23.47 16.89
C GLU A 610 29.22 23.90 15.51
N LEU A 611 29.84 23.34 14.46
CA LEU A 611 29.32 23.53 13.12
C LEU A 611 27.84 23.20 13.04
N LEU A 612 27.43 22.06 13.59
CA LEU A 612 26.03 21.70 13.45
C LEU A 612 25.15 22.65 14.23
N LYS A 613 25.59 23.05 15.42
CA LYS A 613 24.86 24.04 16.17
C LYS A 613 24.78 25.36 15.41
N ARG A 614 25.81 25.70 14.63
CA ARG A 614 25.81 27.01 13.99
C ARG A 614 24.79 27.08 12.88
N ILE A 615 24.74 26.06 12.02
CA ILE A 615 23.74 25.97 10.96
C ILE A 615 22.39 25.56 11.51
N GLU A 616 22.31 25.30 12.83
CA GLU A 616 21.07 25.16 13.60
C GLU A 616 20.37 23.85 13.28
N ALA A 617 21.15 22.85 12.88
CA ALA A 617 20.68 21.47 12.81
C ALA A 617 20.67 20.80 14.20
N LEU A 618 21.42 21.34 15.14
CA LEU A 618 21.28 21.08 16.56
C LEU A 618 21.02 22.40 17.26
N ASP A 619 20.22 22.36 18.32
CA ASP A 619 19.98 23.56 19.11
C ASP A 619 21.07 23.67 20.18
N GLN A 620 20.96 24.68 21.06
CA GLN A 620 22.06 24.96 21.99
C GLN A 620 22.23 23.86 23.02
N THR A 621 21.15 23.23 23.45
CA THR A 621 21.26 22.01 24.26
C THR A 621 21.99 20.89 23.53
N GLY A 622 22.13 20.98 22.21
CA GLY A 622 22.69 19.94 21.37
C GLY A 622 21.70 18.92 20.84
N THR A 623 20.41 19.08 21.13
CA THR A 623 19.40 18.15 20.64
C THR A 623 19.14 18.44 19.17
N LEU A 624 18.71 17.40 18.46
CA LEU A 624 18.30 17.54 17.06
C LEU A 624 17.17 18.57 16.95
N THR A 625 17.22 19.38 15.92
CA THR A 625 16.19 20.37 15.58
C THR A 625 15.38 19.89 14.37
N PRO A 626 14.22 20.46 14.08
CA PRO A 626 13.46 19.98 12.91
C PRO A 626 14.16 20.19 11.58
N LEU A 627 14.89 21.29 11.38
CA LEU A 627 15.74 21.35 10.21
C LEU A 627 16.74 20.20 10.20
N GLY A 628 17.42 19.97 11.33
CA GLY A 628 18.48 18.96 11.41
C GLY A 628 18.06 17.56 11.03
N MET A 629 16.77 17.21 11.25
CA MET A 629 16.28 15.91 10.80
C MET A 629 16.23 15.84 9.28
N HIS A 630 15.74 16.90 8.63
CA HIS A 630 15.77 16.94 7.17
C HIS A 630 17.21 16.84 6.65
N LEU A 631 18.14 17.51 7.31
CA LEU A 631 19.51 17.48 6.82
C LEU A 631 20.09 16.08 6.97
N ALA A 632 19.81 15.41 8.10
CA ALA A 632 20.22 14.02 8.31
C ALA A 632 19.58 13.04 7.34
N LYS A 633 18.42 13.37 6.79
CA LYS A 633 17.77 12.54 5.79
C LYS A 633 18.18 12.88 4.35
N LEU A 634 19.18 13.71 4.15
CA LEU A 634 19.63 13.93 2.80
C LEU A 634 21.03 13.37 2.66
N PRO A 635 21.33 12.72 1.58
CA PRO A 635 22.63 12.06 1.43
C PRO A 635 23.77 13.00 1.07
N ILE A 636 23.94 14.06 1.86
CA ILE A 636 24.92 15.09 1.53
C ILE A 636 25.27 15.85 2.80
N ASP A 637 26.48 16.38 2.85
CA ASP A 637 26.94 17.13 4.01
C ASP A 637 25.92 18.20 4.37
N PRO A 638 25.70 18.47 5.67
CA PRO A 638 24.54 19.31 6.04
C PRO A 638 24.57 20.72 5.46
N GLN A 639 25.75 21.32 5.28
CA GLN A 639 25.83 22.64 4.68
C GLN A 639 25.24 22.65 3.27
N MET A 640 25.73 21.78 2.40
CA MET A 640 25.10 21.75 1.08
C MET A 640 23.69 21.19 1.12
N GLY A 641 23.41 20.25 2.02
CA GLY A 641 22.01 19.85 2.23
C GLY A 641 21.13 21.05 2.50
N LYS A 642 21.59 21.94 3.41
CA LYS A 642 20.89 23.18 3.72
C LYS A 642 20.84 24.12 2.51
N MET A 643 21.91 24.17 1.73
CA MET A 643 21.91 24.94 0.49
C MET A 643 20.80 24.47 -0.46
N ILE A 644 20.77 23.17 -0.75
CA ILE A 644 19.71 22.62 -1.61
C ILE A 644 18.34 23.02 -1.09
N LEU A 645 18.07 22.83 0.21
CA LEU A 645 16.75 23.12 0.74
C LEU A 645 16.35 24.57 0.54
N MET A 646 17.30 25.50 0.74
CA MET A 646 16.99 26.88 0.45
C MET A 646 16.53 27.05 -0.99
N SER A 647 17.21 26.40 -1.96
CA SER A 647 16.85 26.63 -3.35
C SER A 647 15.46 26.16 -3.70
N ALA A 648 14.88 25.25 -2.90
CA ALA A 648 13.48 24.90 -3.09
C ALA A 648 12.58 26.05 -2.64
N LEU A 649 12.84 26.58 -1.42
CA LEU A 649 12.12 27.72 -0.86
C LEU A 649 12.35 29.03 -1.60
N PHE A 650 13.48 29.18 -2.33
CA PHE A 650 13.75 30.40 -3.10
C PHE A 650 13.70 30.20 -4.61
N CYS A 651 13.32 29.01 -5.09
CA CYS A 651 12.99 28.78 -6.50
C CYS A 651 14.18 28.91 -7.44
N CYS A 652 15.30 28.32 -7.06
CA CYS A 652 16.41 28.19 -8.02
C CYS A 652 16.97 26.78 -8.01
N LEU A 653 16.08 25.79 -8.09
CA LEU A 653 16.46 24.41 -7.76
C LEU A 653 17.58 23.90 -8.66
N ASP A 654 17.49 24.15 -9.97
CA ASP A 654 18.39 23.44 -10.89
C ASP A 654 19.84 23.88 -10.77
N PRO A 655 20.19 25.16 -10.80
CA PRO A 655 21.62 25.50 -10.65
C PRO A 655 22.19 25.12 -9.29
N ILE A 656 21.40 25.25 -8.23
CA ILE A 656 21.91 25.00 -6.88
C ILE A 656 22.24 23.52 -6.69
N THR A 657 21.34 22.61 -7.10
CA THR A 657 21.65 21.19 -6.99
C THR A 657 22.79 20.76 -7.93
N SER A 658 23.03 21.51 -9.01
CA SER A 658 24.29 21.34 -9.74
C SER A 658 25.47 21.70 -8.86
N ALA A 659 25.38 22.85 -8.17
CA ALA A 659 26.42 23.25 -7.25
C ALA A 659 26.70 22.17 -6.20
N ALA A 660 25.63 21.65 -5.58
CA ALA A 660 25.76 20.68 -4.49
C ALA A 660 26.35 19.35 -4.95
N ALA A 661 25.82 18.79 -6.05
CA ALA A 661 26.33 17.51 -6.54
C ALA A 661 27.79 17.62 -6.89
N ALA A 662 28.18 18.76 -7.46
CA ALA A 662 29.57 18.89 -7.88
C ALA A 662 30.52 18.90 -6.67
N LEU A 663 30.21 19.72 -5.64
CA LEU A 663 31.09 19.81 -4.46
C LEU A 663 31.14 18.51 -3.66
N SER A 664 30.01 17.80 -3.60
CA SER A 664 29.95 16.50 -2.94
C SER A 664 30.76 15.47 -3.70
N PHE A 665 30.43 15.28 -4.98
CA PHE A 665 31.12 14.27 -5.79
C PHE A 665 32.35 14.90 -6.47
N LYS A 666 32.29 15.38 -7.70
CA LYS A 666 33.53 15.88 -8.28
C LYS A 666 33.31 16.60 -9.60
N SER A 667 34.38 17.27 -10.08
CA SER A 667 34.32 18.10 -11.27
C SER A 667 34.40 17.23 -12.51
N PRO A 668 33.42 17.35 -13.43
CA PRO A 668 33.42 16.52 -14.65
C PRO A 668 34.57 16.78 -15.63
N PHE A 669 35.48 17.71 -15.37
CA PHE A 669 36.51 18.01 -16.34
C PHE A 669 37.72 17.14 -16.11
N TYR A 670 38.20 16.51 -17.19
CA TYR A 670 39.47 15.82 -17.19
C TYR A 670 40.61 16.83 -17.03
N SER A 671 41.83 16.32 -16.97
CA SER A 671 43.03 17.15 -17.01
C SER A 671 44.07 16.40 -17.83
N PRO A 672 43.96 16.49 -19.15
CA PRO A 672 44.89 15.74 -20.01
C PRO A 672 46.30 16.31 -19.97
N LEU A 673 47.26 15.42 -20.20
CA LEU A 673 48.67 15.79 -20.14
C LEU A 673 48.98 16.87 -21.17
N GLY A 674 49.64 17.93 -20.73
CA GLY A 674 50.03 19.01 -21.61
C GLY A 674 48.98 20.09 -21.84
N LYS A 675 47.71 19.71 -21.85
CA LYS A 675 46.65 20.62 -22.24
C LYS A 675 46.15 21.53 -21.13
N GLU A 676 46.83 21.57 -19.97
CA GLU A 676 46.28 22.29 -18.82
C GLU A 676 45.95 23.73 -19.18
N SER A 677 46.80 24.34 -20.01
CA SER A 677 46.53 25.68 -20.49
C SER A 677 45.25 25.72 -21.30
N ARG A 678 45.02 24.71 -22.14
CA ARG A 678 43.80 24.71 -22.92
C ARG A 678 42.57 24.47 -22.03
N VAL A 679 42.72 23.75 -20.92
CA VAL A 679 41.57 23.46 -20.09
C VAL A 679 41.10 24.72 -19.39
N ASP A 680 42.06 25.56 -18.98
CA ASP A 680 41.73 26.87 -18.41
C ASP A 680 40.79 27.63 -19.32
N GLU A 681 41.12 27.68 -20.62
CA GLU A 681 40.25 28.36 -21.57
C GLU A 681 38.87 27.72 -21.62
N ILE A 682 38.77 26.40 -21.45
CA ILE A 682 37.43 25.82 -21.53
C ILE A 682 36.60 26.20 -20.32
N LYS A 683 37.19 26.13 -19.12
CA LYS A 683 36.45 26.51 -17.91
C LYS A 683 36.14 28.01 -17.89
N ARG A 684 37.09 28.85 -18.37
CA ARG A 684 36.79 30.27 -18.54
C ARG A 684 35.58 30.49 -19.44
N ARG A 685 35.45 29.72 -20.54
CA ARG A 685 34.30 29.94 -21.43
C ARG A 685 33.00 29.43 -20.80
N MET A 686 33.07 28.27 -20.11
CA MET A 686 31.95 27.73 -19.35
C MET A 686 31.61 28.57 -18.12
N ALA A 687 32.59 29.26 -17.52
CA ALA A 687 32.24 30.06 -16.37
C ALA A 687 31.44 31.31 -16.73
N ARG A 688 31.37 31.68 -18.01
CA ARG A 688 30.52 32.77 -18.53
C ARG A 688 30.76 34.11 -17.80
N ASN A 689 31.97 34.33 -17.34
CA ASN A 689 32.32 35.55 -16.64
C ASN A 689 31.45 35.80 -15.41
N MET A 690 30.83 34.75 -14.86
CA MET A 690 30.07 34.84 -13.60
C MET A 690 30.99 34.71 -12.38
N ARG A 691 32.28 34.46 -12.58
CA ARG A 691 33.32 34.50 -11.53
C ARG A 691 33.09 33.51 -10.39
N SER A 692 32.56 32.33 -10.71
CA SER A 692 32.25 31.34 -9.67
C SER A 692 32.44 29.94 -10.21
N ASP A 693 33.28 29.14 -9.53
CA ASP A 693 33.52 27.76 -9.96
C ASP A 693 32.26 26.90 -9.91
N HIS A 694 31.32 27.20 -8.99
CA HIS A 694 30.12 26.38 -8.82
C HIS A 694 29.11 26.66 -9.90
N LEU A 695 28.91 27.91 -10.26
CA LEU A 695 28.07 28.21 -11.41
C LEU A 695 28.69 27.69 -12.72
N MET A 696 30.03 27.58 -12.75
CA MET A 696 30.72 27.14 -13.96
C MET A 696 30.30 25.73 -14.34
N VAL A 697 30.33 24.82 -13.37
CA VAL A 697 29.88 23.45 -13.58
C VAL A 697 28.42 23.41 -14.02
N HIS A 698 27.56 24.23 -13.41
CA HIS A 698 26.17 24.23 -13.88
C HIS A 698 26.09 24.62 -15.35
N ASN A 699 26.81 25.66 -15.73
CA ASN A 699 26.88 26.02 -17.14
C ASN A 699 27.33 24.83 -17.99
N THR A 700 28.37 24.12 -17.57
CA THR A 700 28.74 22.88 -18.24
C THR A 700 27.54 21.91 -18.33
N ILE A 701 26.81 21.73 -17.23
CA ILE A 701 25.74 20.73 -17.22
C ILE A 701 24.59 21.12 -18.15
N ILE A 702 24.26 22.42 -18.24
CA ILE A 702 23.28 22.94 -19.21
C ILE A 702 23.79 22.76 -20.65
N ALA A 703 25.08 22.98 -20.87
CA ALA A 703 25.68 22.70 -22.17
C ALA A 703 25.60 21.21 -22.49
N TYR A 704 25.96 20.34 -21.55
CA TYR A 704 25.92 18.90 -21.81
C TYR A 704 24.51 18.46 -22.20
N ARG A 705 23.46 19.00 -21.53
CA ARG A 705 22.09 18.63 -21.87
C ARG A 705 21.71 19.05 -23.29
N ASP A 706 22.13 20.26 -23.71
CA ASP A 706 21.89 20.72 -25.08
C ASP A 706 22.57 19.80 -26.11
N SER A 707 23.76 19.29 -25.79
CA SER A 707 24.49 18.45 -26.73
C SER A 707 23.80 17.11 -26.92
N ARG A 708 23.06 16.68 -25.90
CA ARG A 708 22.20 15.52 -26.08
C ARG A 708 21.02 15.85 -26.98
N TYR A 709 20.51 17.07 -26.85
CA TYR A 709 19.36 17.50 -27.64
C TYR A 709 19.72 17.67 -29.12
N SER A 710 20.99 17.94 -29.40
CA SER A 710 21.48 18.11 -30.76
C SER A 710 22.06 16.83 -31.37
N HIS A 711 22.09 15.73 -30.61
CA HIS A 711 22.83 14.52 -31.04
C HIS A 711 24.27 14.87 -31.36
N ALA A 712 24.85 15.77 -30.56
CA ALA A 712 26.27 16.09 -30.66
C ALA A 712 27.03 15.79 -29.36
N GLU A 713 26.53 14.85 -28.56
CA GLU A 713 27.11 14.64 -27.24
C GLU A 713 28.59 14.31 -27.30
N ARG A 714 28.96 13.27 -28.07
CA ARG A 714 30.35 12.86 -28.17
C ARG A 714 31.25 14.04 -28.58
N ASP A 715 30.93 14.67 -29.72
CA ASP A 715 31.65 15.86 -30.16
C ASP A 715 31.76 16.89 -29.06
N PHE A 716 30.68 17.13 -28.32
CA PHE A 716 30.72 18.12 -27.27
C PHE A 716 31.77 17.77 -26.21
N CYS A 717 31.86 16.48 -25.86
CA CYS A 717 32.73 16.06 -24.76
C CYS A 717 34.20 16.03 -25.19
N TYR A 718 34.43 15.64 -26.44
CA TYR A 718 35.77 15.69 -26.99
C TYR A 718 36.28 17.12 -27.14
N LYS A 719 35.39 18.07 -27.46
CA LYS A 719 35.81 19.46 -27.57
C LYS A 719 36.25 20.05 -26.22
N ASN A 720 35.53 19.74 -25.13
CA ASN A 720 35.71 20.44 -23.86
C ASN A 720 36.32 19.58 -22.75
N PHE A 721 36.96 18.47 -23.09
CA PHE A 721 37.66 17.64 -22.10
C PHE A 721 36.73 17.17 -20.99
N LEU A 722 35.55 16.70 -21.37
CA LEU A 722 34.54 16.31 -20.39
C LEU A 722 34.29 14.81 -20.39
N SER A 723 33.99 14.30 -19.21
CA SER A 723 33.60 12.91 -19.00
C SER A 723 32.07 12.84 -18.98
N SER A 724 31.50 12.11 -19.94
CA SER A 724 30.05 11.93 -19.93
C SER A 724 29.62 11.03 -18.78
N MET A 725 30.50 10.14 -18.32
CA MET A 725 30.17 9.31 -17.17
C MET A 725 29.90 10.17 -15.95
N THR A 726 30.81 11.08 -15.62
CA THR A 726 30.60 11.95 -14.46
C THR A 726 29.28 12.69 -14.58
N LEU A 727 29.03 13.32 -15.74
CA LEU A 727 27.93 14.27 -15.86
C LEU A 727 26.58 13.59 -15.67
N GLN A 728 26.46 12.35 -16.21
CA GLN A 728 25.25 11.55 -16.03
C GLN A 728 25.07 11.15 -14.59
N GLN A 729 26.18 10.89 -13.89
CA GLN A 729 26.13 10.63 -12.45
C GLN A 729 25.83 11.89 -11.67
N LEU A 730 26.49 13.01 -12.02
CA LEU A 730 26.07 14.32 -11.54
C LEU A 730 24.62 14.61 -11.88
N GLU A 731 24.19 14.22 -13.08
CA GLU A 731 22.78 14.38 -13.41
C GLU A 731 21.88 13.51 -12.52
N ARG A 732 22.33 12.29 -12.16
CA ARG A 732 21.52 11.40 -11.33
C ARG A 732 21.38 11.89 -9.90
N MET A 733 22.46 12.42 -9.31
CA MET A 733 22.40 13.02 -7.98
C MET A 733 21.40 14.17 -7.89
N LYS A 734 21.34 14.99 -8.93
CA LYS A 734 20.37 16.09 -8.95
C LYS A 734 18.93 15.56 -8.84
N ASN A 735 18.57 14.53 -9.61
CA ASN A 735 17.25 13.91 -9.47
C ASN A 735 17.04 13.31 -8.09
N GLN A 736 18.03 12.58 -7.59
CA GLN A 736 17.96 12.10 -6.23
C GLN A 736 17.71 13.24 -5.28
N PHE A 737 18.36 14.40 -5.52
CA PHE A 737 18.08 15.54 -4.65
C PHE A 737 16.64 16.02 -4.83
N SER A 738 16.19 16.17 -6.08
CA SER A 738 14.85 16.72 -6.32
C SER A 738 13.75 15.80 -5.80
N GLU A 739 13.92 14.48 -5.97
CA GLU A 739 12.90 13.54 -5.53
C GLU A 739 12.77 13.56 -4.02
N LEU A 740 13.89 13.49 -3.32
CA LEU A 740 13.87 13.59 -1.87
C LEU A 740 13.13 14.85 -1.43
N LEU A 741 13.53 16.00 -1.98
CA LEU A 741 12.89 17.25 -1.59
C LEU A 741 11.40 17.23 -1.88
N TYR A 742 11.01 16.58 -2.98
CA TYR A 742 9.59 16.46 -3.31
C TYR A 742 8.88 15.55 -2.34
N ASN A 743 9.49 14.40 -2.02
CA ASN A 743 8.89 13.45 -1.08
C ASN A 743 8.74 14.06 0.30
N TYR A 744 9.68 14.95 0.69
CA TYR A 744 9.73 15.67 1.95
C TYR A 744 8.77 16.84 2.05
N LYS A 745 8.07 17.17 0.96
CA LYS A 745 7.11 18.29 0.86
C LYS A 745 7.80 19.65 0.81
N PHE A 746 8.97 19.75 0.15
CA PHE A 746 9.56 21.05 -0.12
C PHE A 746 9.41 21.48 -1.58
N LEU A 747 9.11 20.54 -2.48
CA LEU A 747 8.86 20.85 -3.88
C LEU A 747 7.51 20.29 -4.28
N ALA A 748 6.85 21.00 -5.19
CA ALA A 748 5.60 20.51 -5.76
C ALA A 748 5.87 19.51 -6.88
N SER A 749 7.09 19.49 -7.42
CA SER A 749 7.43 18.60 -8.52
C SER A 749 8.78 17.99 -8.22
N SER A 750 8.87 16.67 -8.40
CA SER A 750 10.15 15.99 -8.21
C SER A 750 11.13 16.28 -9.32
N ASN A 751 10.75 16.99 -10.36
CA ASN A 751 11.67 17.31 -11.45
C ASN A 751 12.57 18.47 -11.06
N CYS A 752 13.88 18.29 -11.22
CA CYS A 752 14.77 19.40 -10.89
C CYS A 752 14.77 20.48 -11.94
N LYS A 753 14.14 20.23 -13.09
CA LYS A 753 14.07 21.21 -14.16
C LYS A 753 12.76 21.99 -14.20
N ASP A 754 11.72 21.59 -13.45
CA ASP A 754 10.41 22.23 -13.56
C ASP A 754 10.47 23.75 -13.38
N ALA A 755 9.68 24.44 -14.21
CA ALA A 755 9.75 25.91 -14.29
C ALA A 755 9.36 26.58 -12.98
N ALA A 756 8.34 26.05 -12.28
CA ALA A 756 7.94 26.69 -11.03
C ALA A 756 9.05 26.62 -10.00
N SER A 757 9.73 25.45 -9.88
CA SER A 757 10.87 25.25 -9.00
C SER A 757 12.06 26.10 -9.39
N ASN A 758 11.97 26.87 -10.50
CA ASN A 758 13.14 27.48 -11.13
C ASN A 758 12.92 28.92 -11.63
N LYS A 759 11.88 29.61 -11.15
CA LYS A 759 11.62 30.96 -11.61
C LYS A 759 12.80 31.90 -11.37
N ASN A 760 13.64 31.62 -10.39
CA ASN A 760 14.74 32.54 -10.11
C ASN A 760 16.07 31.98 -10.55
N SER A 761 16.06 30.90 -11.35
CA SER A 761 17.30 30.24 -11.70
C SER A 761 18.15 31.05 -12.64
N GLU A 762 17.61 32.18 -13.11
CA GLU A 762 18.27 33.08 -14.04
C GLU A 762 18.79 34.31 -13.34
N LYS A 763 18.49 34.47 -12.05
CA LYS A 763 18.85 35.67 -11.29
C LYS A 763 20.18 35.43 -10.58
N ILE A 764 21.27 35.87 -11.20
CA ILE A 764 22.59 35.53 -10.67
C ILE A 764 22.78 36.03 -9.26
N PRO A 765 22.41 37.27 -8.90
CA PRO A 765 22.65 37.70 -7.52
C PRO A 765 21.92 36.82 -6.50
N LEU A 766 20.82 36.17 -6.89
CA LEU A 766 20.15 35.25 -5.99
C LEU A 766 20.94 33.96 -5.83
N LEU A 767 21.45 33.41 -6.94
CA LEU A 767 22.23 32.18 -6.85
C LEU A 767 23.46 32.37 -5.97
N ARG A 768 24.16 33.49 -6.12
CA ARG A 768 25.33 33.72 -5.28
C ARG A 768 24.94 33.76 -3.81
N ALA A 769 23.72 34.22 -3.51
CA ALA A 769 23.23 34.34 -2.13
C ALA A 769 22.85 32.99 -1.53
N ILE A 770 22.30 32.09 -2.36
CA ILE A 770 22.03 30.73 -1.91
C ILE A 770 23.30 29.88 -1.92
N ILE A 771 24.22 30.12 -2.86
CA ILE A 771 25.53 29.46 -2.77
C ILE A 771 26.18 29.81 -1.44
N GLY A 772 26.18 31.11 -1.10
CA GLY A 772 26.80 31.59 0.14
C GLY A 772 26.14 31.06 1.40
N ALA A 773 24.81 30.88 1.37
CA ALA A 773 24.13 30.34 2.54
C ALA A 773 24.67 28.96 2.94
N GLY A 774 25.18 28.19 1.97
CA GLY A 774 25.74 26.89 2.21
C GLY A 774 27.23 26.88 2.48
N LEU A 775 27.99 27.73 1.82
CA LEU A 775 29.43 27.71 2.03
C LEU A 775 29.86 28.59 3.19
N TYR A 776 29.00 29.50 3.62
CA TYR A 776 29.27 30.28 4.82
C TYR A 776 29.53 29.34 6.00
N PRO A 777 30.50 29.64 6.86
CA PRO A 777 31.21 30.93 6.84
C PRO A 777 32.64 30.90 6.28
N ASN A 778 32.88 30.16 5.22
CA ASN A 778 34.19 30.25 4.58
C ASN A 778 34.19 31.41 3.62
N MET A 779 34.62 32.57 4.11
CA MET A 779 34.62 33.81 3.34
C MET A 779 36.02 34.34 3.10
N ALA A 780 36.21 34.99 1.97
CA ALA A 780 37.48 35.62 1.65
C ALA A 780 37.22 37.04 1.19
N HIS A 781 38.25 37.87 1.37
CA HIS A 781 38.25 39.25 0.95
C HIS A 781 39.51 39.48 0.11
N LEU A 782 39.34 40.12 -1.04
CA LEU A 782 40.43 40.37 -1.97
C LEU A 782 40.75 41.86 -1.93
N ARG A 783 42.06 42.22 -1.88
CA ARG A 783 42.52 43.60 -1.73
C ARG A 783 43.52 44.16 -2.78
N LYS A 784 43.91 43.42 -3.82
CA LYS A 784 44.91 43.95 -4.76
C LYS A 784 44.61 43.60 -6.22
N SER A 785 45.06 44.49 -7.13
CA SER A 785 44.94 44.37 -8.57
C SER A 785 46.23 44.75 -9.29
N ARG A 786 46.55 43.97 -10.34
CA ARG A 786 47.74 44.14 -11.20
C ARG A 786 47.36 43.98 -12.69
N ARG A 793 47.80 37.92 -16.64
CA ARG A 793 47.34 37.46 -15.32
C ARG A 793 47.46 38.55 -14.28
N ALA A 794 46.81 38.39 -13.13
CA ALA A 794 46.84 39.38 -12.07
C ALA A 794 47.31 38.74 -10.77
N ILE A 795 48.03 39.53 -9.97
CA ILE A 795 48.49 39.14 -8.64
C ILE A 795 47.42 39.52 -7.63
N HIS A 796 47.23 38.69 -6.62
CA HIS A 796 46.12 38.84 -5.69
C HIS A 796 46.64 39.02 -4.26
N THR A 797 46.10 40.00 -3.54
CA THR A 797 46.28 40.12 -2.08
C THR A 797 44.93 39.86 -1.41
N MET A 798 44.71 38.62 -0.98
CA MET A 798 43.42 38.17 -0.46
C MET A 798 43.66 37.36 0.80
N ALA A 799 42.76 37.48 1.78
CA ALA A 799 42.90 36.71 3.00
C ALA A 799 41.57 36.11 3.37
N THR A 800 41.57 34.90 3.91
CA THR A 800 40.32 34.42 4.45
C THR A 800 39.93 35.24 5.69
N ASP A 801 38.71 34.97 6.18
CA ASP A 801 38.12 35.75 7.27
C ASP A 801 38.85 35.59 8.59
N ASP A 802 39.71 34.57 8.71
CA ASP A 802 40.52 34.36 9.91
C ASP A 802 41.85 35.09 9.88
N GLY A 803 42.21 35.76 8.78
CA GLY A 803 43.43 36.56 8.73
C GLY A 803 44.57 35.95 7.92
N ARG A 804 44.46 34.69 7.53
CA ARG A 804 45.50 34.07 6.72
C ARG A 804 45.37 34.46 5.25
N ARG A 805 46.51 34.76 4.66
CA ARG A 805 46.57 35.13 3.24
C ARG A 805 46.42 33.87 2.38
N VAL A 806 45.53 33.91 1.38
CA VAL A 806 45.23 32.79 0.49
C VAL A 806 45.28 33.24 -0.96
N ASN A 807 45.09 32.28 -1.86
CA ASN A 807 44.87 32.51 -3.29
C ASN A 807 43.80 31.57 -3.81
N PHE A 808 43.32 31.87 -5.02
CA PHE A 808 42.56 30.88 -5.76
C PHE A 808 43.54 29.82 -6.27
N HIS A 809 43.16 28.55 -6.10
CA HIS A 809 43.93 27.49 -6.71
C HIS A 809 43.96 27.69 -8.22
N PRO A 810 45.10 27.44 -8.88
CA PRO A 810 45.21 27.64 -10.34
C PRO A 810 44.18 26.90 -11.18
N SER A 811 43.59 25.84 -10.61
CA SER A 811 42.50 25.12 -11.27
C SER A 811 41.16 25.85 -11.18
N SER A 812 40.96 26.68 -10.15
CA SER A 812 39.72 27.43 -10.02
C SER A 812 39.66 28.51 -11.11
N VAL A 813 38.45 28.80 -11.60
CA VAL A 813 38.29 29.78 -12.68
C VAL A 813 38.45 31.22 -12.23
N ASN A 814 38.71 31.47 -10.95
CA ASN A 814 38.96 32.81 -10.45
C ASN A 814 40.44 33.16 -10.34
N SER A 815 41.33 32.19 -10.58
CA SER A 815 42.77 32.44 -10.62
C SER A 815 43.14 33.51 -11.64
N GLY A 816 43.85 34.54 -11.19
CA GLY A 816 44.44 35.49 -12.08
C GLY A 816 43.51 36.53 -12.65
N GLU A 817 42.20 36.37 -12.48
CA GLU A 817 41.26 37.30 -13.10
C GLU A 817 41.22 38.64 -12.37
N SER A 818 40.92 39.69 -13.14
CA SER A 818 40.87 41.05 -12.62
C SER A 818 39.52 41.65 -13.00
N GLY A 819 39.21 42.75 -12.34
CA GLY A 819 37.92 43.38 -12.53
C GLY A 819 36.76 42.63 -11.90
N PHE A 820 36.88 42.28 -10.63
CA PHE A 820 35.76 41.69 -9.91
C PHE A 820 34.77 42.76 -9.46
N ASP A 821 33.48 42.51 -9.70
CA ASP A 821 32.48 43.46 -9.23
C ASP A 821 32.35 43.48 -7.71
N SER A 822 32.84 42.45 -7.05
CA SER A 822 32.74 42.34 -5.61
C SER A 822 34.06 41.78 -5.10
N ALA A 823 34.42 42.13 -3.87
CA ALA A 823 35.68 41.66 -3.31
C ALA A 823 35.52 40.53 -2.32
N TYR A 824 34.31 39.99 -2.15
CA TYR A 824 34.02 38.97 -1.16
C TYR A 824 33.70 37.64 -1.83
N PHE A 825 34.24 36.56 -1.26
CA PHE A 825 34.18 35.22 -1.84
C PHE A 825 33.83 34.17 -0.79
N VAL A 826 33.06 33.17 -1.23
CA VAL A 826 32.84 31.95 -0.46
C VAL A 826 33.49 30.78 -1.22
N TYR A 827 33.98 29.81 -0.46
CA TYR A 827 34.74 28.69 -0.99
C TYR A 827 34.38 27.46 -0.18
N PHE A 828 34.54 26.28 -0.80
CA PHE A 828 34.26 25.04 -0.10
C PHE A 828 35.50 24.51 0.61
N GLN A 829 36.57 24.25 -0.13
CA GLN A 829 37.78 23.68 0.44
C GLN A 829 38.97 24.61 0.25
N ARG A 830 39.69 24.88 1.33
CA ARG A 830 40.99 25.51 1.25
C ARG A 830 42.08 24.49 1.59
N GLN A 831 43.21 24.55 0.89
CA GLN A 831 44.20 23.48 1.02
C GLN A 831 45.59 24.02 0.74
N LYS A 832 46.57 23.54 1.48
CA LYS A 832 47.96 23.95 1.29
C LYS A 832 48.77 22.86 0.61
N SER A 833 49.36 23.19 -0.54
CA SER A 833 50.44 22.41 -1.14
C SER A 833 51.69 23.26 -1.33
N THR A 834 51.72 24.15 -2.32
CA THR A 834 52.77 25.14 -2.46
C THR A 834 52.32 26.49 -1.94
N ASP A 835 51.08 26.58 -1.50
CA ASP A 835 50.53 27.79 -0.91
C ASP A 835 49.18 27.39 -0.33
N LEU A 836 48.55 28.30 0.39
CA LEU A 836 47.22 28.05 0.90
C LEU A 836 46.24 28.52 -0.17
N PHE A 837 45.55 27.56 -0.81
CA PHE A 837 44.65 27.89 -1.91
C PHE A 837 43.20 27.57 -1.55
N LEU A 838 42.28 28.41 -2.06
CA LEU A 838 40.86 28.09 -2.05
C LEU A 838 40.58 27.33 -3.34
N LEU A 839 40.25 26.03 -3.21
CA LEU A 839 40.18 25.16 -4.39
C LEU A 839 39.04 25.51 -5.33
N ASP A 840 38.12 26.37 -4.91
CA ASP A 840 36.89 26.69 -5.60
C ASP A 840 36.27 27.86 -4.87
N SER A 841 35.63 28.74 -5.62
CA SER A 841 35.09 29.93 -4.99
C SER A 841 33.98 30.49 -5.86
N THR A 842 33.07 31.20 -5.21
CA THR A 842 32.04 31.94 -5.88
C THR A 842 32.08 33.36 -5.36
N MET A 843 32.04 34.34 -6.26
CA MET A 843 32.05 35.73 -5.85
C MET A 843 30.66 36.10 -5.33
N VAL A 844 30.61 36.78 -4.18
CA VAL A 844 29.37 37.04 -3.42
C VAL A 844 29.33 38.51 -3.06
N PHE A 845 28.14 38.97 -2.66
CA PHE A 845 28.02 40.39 -2.34
C PHE A 845 27.79 40.61 -0.85
N PRO A 846 28.20 41.75 -0.31
CA PRO A 846 28.06 41.98 1.15
C PRO A 846 26.62 41.93 1.64
N MET A 847 25.65 42.46 0.88
CA MET A 847 24.28 42.42 1.36
C MET A 847 23.78 40.99 1.51
N ALA A 848 24.16 40.11 0.57
CA ALA A 848 23.65 38.74 0.65
C ALA A 848 24.27 38.00 1.82
N LEU A 849 25.57 38.22 2.08
CA LEU A 849 26.20 37.62 3.27
C LEU A 849 25.52 38.10 4.55
N ILE A 850 25.18 39.39 4.63
CA ILE A 850 24.53 39.93 5.83
C ILE A 850 23.19 39.25 6.07
N ILE A 851 22.44 38.97 5.01
CA ILE A 851 21.08 38.46 5.20
C ILE A 851 21.08 36.97 5.59
N PHE A 852 22.01 36.17 5.07
CA PHE A 852 21.99 34.74 5.34
C PHE A 852 23.00 34.27 6.38
N GLY A 853 23.93 35.12 6.79
CA GLY A 853 24.94 34.77 7.76
C GLY A 853 24.48 35.08 9.16
N ASP A 854 25.45 35.20 10.07
CA ASP A 854 25.25 35.56 11.46
C ASP A 854 26.37 36.52 11.85
N GLY A 855 26.45 36.85 13.14
CA GLY A 855 27.39 37.86 13.55
C GLY A 855 26.99 39.22 13.05
N VAL A 856 25.68 39.46 12.95
CA VAL A 856 25.13 40.71 12.44
C VAL A 856 24.73 41.60 13.62
N GLU A 857 25.26 42.82 13.62
CA GLU A 857 24.84 43.90 14.50
C GLU A 857 24.96 45.18 13.70
N ALA A 858 24.23 46.20 14.13
CA ALA A 858 24.32 47.52 13.55
C ALA A 858 24.92 48.45 14.58
N GLY A 859 25.77 49.36 14.16
CA GLY A 859 26.35 50.28 15.12
C GLY A 859 26.99 51.52 14.50
N VAL A 860 27.86 52.15 15.28
CA VAL A 860 28.72 53.24 14.83
C VAL A 860 30.08 53.01 15.44
N THR A 861 31.13 53.03 14.61
CA THR A 861 32.48 52.97 15.15
C THR A 861 33.35 54.15 14.80
N GLN A 862 33.22 54.75 13.63
CA GLN A 862 34.09 55.88 13.36
C GLN A 862 33.37 57.17 13.74
N ASN A 863 32.56 57.67 12.82
CA ASN A 863 31.43 58.54 13.10
C ASN A 863 30.35 58.20 12.09
N THR A 864 30.47 57.03 11.48
CA THR A 864 29.84 56.25 10.44
C THR A 864 28.93 55.19 11.03
N PRO A 865 27.72 54.99 10.55
CA PRO A 865 26.98 53.78 10.96
C PRO A 865 27.42 52.60 10.10
N TYR A 866 27.56 51.43 10.74
CA TYR A 866 28.04 50.24 10.05
C TYR A 866 27.01 49.14 10.17
N LEU A 867 27.26 48.11 9.37
CA LEU A 867 26.57 46.82 9.39
C LEU A 867 27.62 45.76 9.14
N CYS A 868 27.64 44.73 9.97
CA CYS A 868 28.69 43.73 9.91
C CYS A 868 28.10 42.33 9.79
N VAL A 869 28.95 41.38 9.43
CA VAL A 869 28.56 39.97 9.38
C VAL A 869 29.73 39.13 9.88
N ALA A 870 29.42 38.04 10.60
CA ALA A 870 30.39 37.25 11.35
C ALA A 870 31.18 38.09 12.37
N LYS A 871 30.70 39.29 12.72
CA LYS A 871 31.44 40.29 13.48
C LYS A 871 32.81 40.54 12.91
N THR A 872 33.01 40.23 11.63
CA THR A 872 34.32 40.29 10.96
C THR A 872 34.40 41.35 9.89
N TYR A 873 33.37 41.51 9.08
CA TYR A 873 33.36 42.46 7.97
C TYR A 873 32.35 43.56 8.28
N TYR A 874 32.82 44.81 8.32
CA TYR A 874 32.00 45.97 8.70
C TYR A 874 31.77 46.87 7.50
N PHE A 875 30.49 47.11 7.17
CA PHE A 875 30.11 47.83 5.95
C PHE A 875 29.35 49.11 6.28
N LYS A 876 29.66 50.16 5.52
CA LYS A 876 28.99 51.44 5.73
C LYS A 876 27.52 51.29 5.44
N CYS A 877 26.70 51.71 6.39
CA CYS A 877 25.27 51.46 6.24
C CYS A 877 24.46 52.42 7.09
N ASN A 878 23.56 53.17 6.46
CA ASN A 878 22.72 54.08 7.23
C ASN A 878 21.73 53.30 8.11
N ARG A 879 21.11 54.02 9.04
CA ARG A 879 20.25 53.38 10.04
C ARG A 879 18.97 52.84 9.40
N GLU A 880 18.42 53.55 8.43
CA GLU A 880 17.13 53.14 7.89
C GLU A 880 17.24 51.78 7.21
N THR A 881 18.35 51.56 6.47
CA THR A 881 18.57 50.28 5.78
C THR A 881 18.93 49.15 6.76
N ALA A 882 19.68 49.46 7.82
CA ALA A 882 20.00 48.47 8.84
C ALA A 882 18.74 47.93 9.50
N ASP A 883 17.92 48.80 10.07
CA ASP A 883 16.71 48.33 10.75
C ASP A 883 15.79 47.54 9.84
N VAL A 884 15.87 47.75 8.54
CA VAL A 884 15.10 46.91 7.63
C VAL A 884 15.76 45.54 7.47
N VAL A 885 17.08 45.51 7.28
CA VAL A 885 17.82 44.27 7.07
C VAL A 885 17.74 43.36 8.29
N ILE A 886 17.82 43.95 9.50
CA ILE A 886 17.70 43.20 10.74
C ILE A 886 16.31 42.63 10.88
N GLN A 887 15.29 43.49 10.72
CA GLN A 887 13.89 43.05 10.66
C GLN A 887 13.69 41.99 9.59
N LEU A 888 14.47 42.06 8.53
CA LEU A 888 14.34 41.07 7.48
C LEU A 888 14.93 39.75 7.91
N ARG A 889 16.08 39.79 8.61
CA ARG A 889 16.67 38.54 9.10
C ARG A 889 15.78 37.89 10.16
N SER A 890 15.05 38.70 10.95
CA SER A 890 14.10 38.13 11.90
C SER A 890 13.02 37.34 11.19
N ASN A 891 12.42 37.92 10.15
CA ASN A 891 11.37 37.19 9.48
C ASN A 891 11.91 35.98 8.74
N LEU A 892 13.10 36.12 8.15
CA LEU A 892 13.66 34.98 7.44
C LEU A 892 13.85 33.84 8.41
N GLU A 893 14.39 34.14 9.61
CA GLU A 893 14.61 33.11 10.63
C GLU A 893 13.29 32.53 11.09
N LYS A 894 12.22 33.31 11.08
CA LYS A 894 10.94 32.72 11.46
C LYS A 894 10.42 31.79 10.35
N LEU A 895 10.64 32.14 9.08
CA LEU A 895 10.10 31.33 8.00
C LEU A 895 10.77 29.95 7.94
N LEU A 896 12.11 29.90 7.95
CA LEU A 896 12.86 28.65 7.85
C LEU A 896 12.48 27.65 8.96
N LEU A 897 12.27 28.17 10.19
CA LEU A 897 11.82 27.32 11.31
C LEU A 897 10.49 26.63 11.02
N LYS A 898 9.51 27.36 10.48
CA LYS A 898 8.20 26.76 10.27
C LYS A 898 8.24 25.79 9.10
N LYS A 899 9.08 26.07 8.10
CA LYS A 899 9.19 25.18 6.95
C LYS A 899 9.80 23.86 7.35
N ALA A 900 10.77 23.87 8.28
CA ALA A 900 11.35 22.60 8.72
C ALA A 900 10.32 21.81 9.50
N LEU A 901 9.53 22.48 10.32
CA LEU A 901 8.54 21.77 11.13
C LEU A 901 7.31 21.37 10.32
N TYR A 902 6.87 22.22 9.39
CA TYR A 902 5.64 22.00 8.65
C TYR A 902 5.91 22.15 7.16
N PRO A 903 6.70 21.25 6.58
CA PRO A 903 7.11 21.48 5.19
C PRO A 903 5.91 21.46 4.26
N ALA A 904 5.90 22.42 3.36
CA ALA A 904 4.99 22.48 2.23
C ALA A 904 5.67 23.37 1.20
N PRO A 905 5.41 23.16 -0.10
CA PRO A 905 6.00 24.08 -1.09
C PRO A 905 5.45 25.48 -0.84
N ILE A 906 6.24 26.49 -1.19
CA ILE A 906 5.73 27.84 -1.01
C ILE A 906 4.70 28.11 -2.09
N GLU A 907 3.51 28.56 -1.67
CA GLU A 907 2.47 28.93 -2.63
C GLU A 907 2.82 30.24 -3.32
N GLU A 908 2.37 30.35 -4.58
CA GLU A 908 2.81 31.43 -5.46
C GLU A 908 2.26 32.80 -5.02
N ASN A 909 1.07 32.86 -4.47
CA ASN A 909 0.49 34.14 -4.11
C ASN A 909 0.01 34.13 -2.67
N GLY A 910 0.88 33.66 -1.76
CA GLY A 910 0.57 33.59 -0.34
C GLY A 910 1.35 34.58 0.49
N TYR A 911 1.16 34.47 1.82
CA TYR A 911 1.92 35.32 2.74
C TYR A 911 3.40 34.99 2.67
N GLU A 912 3.75 33.70 2.68
CA GLU A 912 5.15 33.31 2.67
C GLU A 912 5.88 33.93 1.49
N LYS A 913 5.24 33.96 0.31
CA LYS A 913 5.93 34.42 -0.89
C LYS A 913 6.36 35.88 -0.81
N GLN A 914 5.60 36.72 -0.08
CA GLN A 914 5.94 38.14 -0.03
C GLN A 914 7.30 38.36 0.61
N LEU A 915 7.58 37.66 1.70
CA LEU A 915 8.90 37.76 2.31
C LEU A 915 9.99 37.31 1.34
N ILE A 916 9.69 36.30 0.51
CA ILE A 916 10.64 35.86 -0.50
C ILE A 916 10.92 36.97 -1.48
N LYS A 917 9.86 37.55 -2.05
CA LYS A 917 10.00 38.62 -3.03
C LYS A 917 10.70 39.83 -2.42
N ALA A 918 10.56 40.02 -1.09
CA ALA A 918 11.31 41.05 -0.41
C ALA A 918 12.82 40.78 -0.45
N ILE A 919 13.24 39.52 -0.38
CA ILE A 919 14.67 39.28 -0.44
C ILE A 919 15.16 39.31 -1.89
N GLU A 920 14.35 38.80 -2.82
CA GLU A 920 14.71 38.89 -4.24
C GLU A 920 15.00 40.33 -4.64
N LEU A 921 14.20 41.28 -4.12
CA LEU A 921 14.34 42.68 -4.53
C LEU A 921 15.62 43.29 -3.98
N LEU A 922 15.87 43.14 -2.68
CA LEU A 922 17.11 43.63 -2.08
C LEU A 922 18.37 43.06 -2.73
N LEU A 923 18.32 41.82 -3.24
CA LEU A 923 19.53 41.22 -3.83
C LEU A 923 19.75 41.61 -5.28
N SER A 924 18.71 42.00 -6.00
CA SER A 924 18.87 42.47 -7.36
C SER A 924 19.49 43.87 -7.44
N LEU A 925 19.55 44.62 -6.33
CA LEU A 925 20.23 45.90 -6.32
C LEU A 925 21.71 45.76 -6.64
N ASP A 926 22.21 44.52 -6.66
CA ASP A 926 23.59 44.18 -6.96
C ASP A 926 23.74 43.62 -8.37
N GLU A 927 22.74 43.80 -9.22
CA GLU A 927 22.84 43.25 -10.56
C GLU A 927 23.83 44.03 -11.41
N ARG A 928 24.56 43.28 -12.23
CA ARG A 928 25.48 43.81 -13.23
C ARG A 928 24.71 44.61 -14.28
N LEU A 929 25.03 45.88 -14.43
CA LEU A 929 24.25 46.66 -15.38
C LEU A 929 24.73 46.44 -16.81
N ILE B 52 -53.02 2.22 -31.11
CA ILE B 52 -54.40 2.70 -31.22
C ILE B 52 -54.63 3.88 -30.27
N ARG B 53 -55.30 3.72 -29.12
CA ARG B 53 -55.76 4.88 -28.35
C ARG B 53 -54.62 5.84 -28.04
N LEU B 54 -54.99 7.09 -27.82
CA LEU B 54 -54.04 8.20 -27.84
C LEU B 54 -54.13 9.02 -26.57
N GLY B 55 -53.02 9.10 -25.86
CA GLY B 55 -52.95 9.82 -24.62
C GLY B 55 -52.83 11.31 -24.86
N CYS B 56 -52.44 12.01 -23.81
CA CYS B 56 -52.44 13.46 -23.81
C CYS B 56 -51.24 14.02 -24.57
N ASN B 57 -51.33 15.32 -24.87
CA ASN B 57 -50.29 15.99 -25.63
C ASN B 57 -49.05 16.17 -24.78
N VAL B 58 -47.91 15.84 -25.36
CA VAL B 58 -46.59 15.94 -24.75
C VAL B 58 -45.64 16.84 -25.56
N SER B 59 -46.19 17.67 -26.45
CA SER B 59 -45.37 18.63 -27.17
C SER B 59 -44.87 19.72 -26.23
N ALA B 60 -43.67 20.30 -26.57
CA ALA B 60 -43.03 21.30 -25.72
C ALA B 60 -43.08 22.68 -26.36
N PRO B 61 -43.06 23.76 -25.56
CA PRO B 61 -43.02 25.13 -26.13
C PRO B 61 -41.80 25.34 -27.03
N SER B 62 -41.94 26.31 -27.93
CA SER B 62 -40.87 26.67 -28.87
C SER B 62 -39.62 27.17 -28.16
N GLY B 63 -39.78 28.03 -27.15
CA GLY B 63 -38.65 28.56 -26.41
C GLY B 63 -37.85 27.48 -25.71
N VAL B 64 -38.51 26.38 -25.34
CA VAL B 64 -37.85 25.29 -24.65
C VAL B 64 -37.03 24.45 -25.63
N LEU B 65 -37.66 24.01 -26.73
CA LEU B 65 -36.98 23.21 -27.75
C LEU B 65 -35.76 23.95 -28.35
N GLU B 66 -35.91 25.26 -28.62
CA GLU B 66 -34.79 26.08 -29.07
C GLU B 66 -33.66 26.04 -28.05
N ARG B 67 -34.00 26.02 -26.77
CA ARG B 67 -32.95 25.97 -25.76
C ARG B 67 -32.32 24.58 -25.71
N VAL B 68 -33.14 23.53 -25.88
CA VAL B 68 -32.59 22.18 -25.83
C VAL B 68 -31.61 21.97 -26.98
N LYS B 69 -32.02 22.30 -28.22
CA LYS B 69 -31.09 22.10 -29.34
C LYS B 69 -29.76 22.81 -29.10
N GLU B 70 -29.77 24.03 -28.52
CA GLU B 70 -28.51 24.72 -28.24
C GLU B 70 -27.62 23.89 -27.32
N LEU B 71 -28.20 23.37 -26.23
CA LEU B 71 -27.42 22.63 -25.24
C LEU B 71 -26.93 21.31 -25.79
N MET B 72 -27.75 20.64 -26.60
CA MET B 72 -27.25 19.45 -27.26
C MET B 72 -26.15 19.82 -28.25
N GLU B 73 -26.33 20.91 -29.00
CA GLU B 73 -25.29 21.34 -29.92
C GLU B 73 -23.97 21.58 -29.19
N ASP B 74 -24.00 22.18 -27.99
CA ASP B 74 -22.78 22.36 -27.19
C ASP B 74 -22.20 21.03 -26.74
N TYR B 75 -23.05 20.15 -26.20
CA TYR B 75 -22.56 18.86 -25.70
C TYR B 75 -21.70 18.15 -26.73
N SER B 76 -22.14 18.15 -27.98
CA SER B 76 -21.46 17.41 -29.04
C SER B 76 -20.41 18.22 -29.78
N ARG B 77 -19.94 19.34 -29.22
CA ARG B 77 -18.76 20.03 -29.76
C ARG B 77 -17.54 19.86 -28.85
N ALA B 78 -17.43 18.71 -28.20
CA ALA B 78 -16.48 18.30 -27.17
C ALA B 78 -15.48 17.27 -27.68
N PRO B 79 -14.21 17.33 -27.22
CA PRO B 79 -13.24 16.31 -27.65
C PRO B 79 -13.41 14.95 -26.94
N ASP B 90 -8.33 9.69 -16.88
CA ASP B 90 -7.41 8.56 -16.67
C ASP B 90 -8.21 7.27 -16.46
N ALA B 91 -8.22 6.41 -17.48
CA ALA B 91 -9.12 5.26 -17.52
C ALA B 91 -8.39 4.01 -17.03
N LYS B 92 -8.31 3.87 -15.71
CA LYS B 92 -7.90 2.61 -15.13
C LYS B 92 -8.98 1.56 -15.33
N PHE B 93 -10.25 1.98 -15.28
CA PHE B 93 -11.34 1.02 -15.34
C PHE B 93 -11.42 0.35 -16.70
N GLN B 94 -11.15 1.12 -17.75
CA GLN B 94 -11.32 0.60 -19.11
C GLN B 94 -10.41 -0.59 -19.38
N GLN B 95 -9.16 -0.53 -18.91
CA GLN B 95 -8.26 -1.66 -19.09
C GLN B 95 -8.60 -2.86 -18.19
N GLN B 96 -9.18 -2.64 -17.00
CA GLN B 96 -9.63 -3.78 -16.20
C GLN B 96 -10.79 -4.50 -16.86
N PHE B 97 -11.78 -3.74 -17.35
CA PHE B 97 -12.88 -4.36 -18.08
C PHE B 97 -12.34 -5.10 -19.30
N ARG B 98 -11.35 -4.51 -19.95
CA ARG B 98 -10.80 -5.11 -21.16
C ARG B 98 -10.03 -6.38 -20.83
N HIS B 99 -9.31 -6.37 -19.71
CA HIS B 99 -8.55 -7.54 -19.24
C HIS B 99 -9.47 -8.67 -18.79
N LEU B 100 -10.50 -8.35 -18.00
CA LEU B 100 -11.43 -9.39 -17.53
C LEU B 100 -12.10 -10.12 -18.68
N LEU B 101 -12.32 -9.42 -19.80
CA LEU B 101 -12.96 -10.02 -20.96
C LEU B 101 -11.99 -10.81 -21.82
N SER B 102 -10.70 -10.51 -21.73
CA SER B 102 -9.71 -11.12 -22.61
C SER B 102 -9.22 -12.49 -22.10
N VAL B 103 -9.07 -12.68 -20.79
CA VAL B 103 -8.51 -13.91 -20.27
C VAL B 103 -9.56 -15.01 -20.26
N ASN B 104 -9.13 -16.22 -20.61
CA ASN B 104 -9.95 -17.41 -20.43
C ASN B 104 -9.65 -17.98 -19.03
N PHE B 105 -10.27 -19.13 -18.73
CA PHE B 105 -10.31 -19.60 -17.35
C PHE B 105 -8.93 -20.09 -16.89
N GLU B 106 -8.15 -20.70 -17.78
CA GLU B 106 -6.79 -21.05 -17.40
C GLU B 106 -6.03 -19.82 -16.92
N GLU B 107 -6.12 -18.74 -17.70
CA GLU B 107 -5.45 -17.50 -17.34
C GLU B 107 -6.07 -16.88 -16.09
N PHE B 108 -7.40 -16.92 -15.97
CA PHE B 108 -8.01 -16.34 -14.78
C PHE B 108 -7.57 -17.06 -13.51
N VAL B 109 -7.44 -18.40 -13.56
CA VAL B 109 -7.02 -19.17 -12.38
C VAL B 109 -5.63 -18.77 -11.93
N ALA B 110 -4.70 -18.64 -12.89
CA ALA B 110 -3.32 -18.24 -12.58
C ALA B 110 -3.28 -16.89 -11.88
N GLU B 111 -3.98 -15.91 -12.43
CA GLU B 111 -3.88 -14.56 -11.93
C GLU B 111 -4.41 -14.47 -10.51
N THR B 112 -5.52 -15.17 -10.24
CA THR B 112 -6.06 -15.13 -8.88
C THR B 112 -5.20 -15.86 -7.86
N LYS B 113 -4.40 -16.83 -8.30
CA LYS B 113 -3.42 -17.38 -7.38
C LYS B 113 -2.49 -16.24 -6.97
N GLU B 114 -1.67 -15.76 -7.92
CA GLU B 114 -0.63 -14.78 -7.62
C GLU B 114 -1.20 -13.55 -6.93
N ARG B 115 -2.42 -13.16 -7.28
CA ARG B 115 -2.98 -11.95 -6.72
C ARG B 115 -3.34 -12.13 -5.24
N ASN B 116 -3.60 -13.37 -4.81
CA ASN B 116 -3.94 -13.65 -3.42
C ASN B 116 -3.11 -14.83 -2.94
N ALA B 117 -1.90 -14.54 -2.48
CA ALA B 117 -0.97 -15.60 -2.10
C ALA B 117 -0.46 -15.43 -0.68
N ASP B 118 -1.11 -14.56 0.11
CA ASP B 118 -0.61 -14.23 1.43
C ASP B 118 -0.50 -15.44 2.33
N LEU B 119 -1.37 -16.44 2.14
CA LEU B 119 -1.34 -17.62 2.98
C LEU B 119 -0.23 -18.61 2.64
N ASP B 120 0.61 -18.32 1.63
CA ASP B 120 1.84 -19.09 1.41
C ASP B 120 2.93 -18.76 2.42
N TRP B 121 2.62 -17.93 3.40
CA TRP B 121 3.60 -17.41 4.36
C TRP B 121 3.08 -17.70 5.76
N VAL B 122 3.96 -18.19 6.65
CA VAL B 122 3.61 -18.46 8.04
C VAL B 122 4.61 -17.75 8.94
N ASN B 123 4.27 -17.62 10.22
CA ASN B 123 5.14 -16.91 11.19
C ASN B 123 5.48 -17.81 12.37
N PRO B 124 6.67 -18.44 12.37
CA PRO B 124 7.01 -19.42 13.43
C PRO B 124 7.20 -18.84 14.83
N LYS B 125 7.60 -17.58 14.98
CA LYS B 125 7.61 -16.96 16.30
C LYS B 125 6.19 -16.79 16.80
N LEU B 126 5.24 -16.58 15.86
CA LEU B 126 3.83 -16.45 16.20
C LEU B 126 3.17 -17.79 16.41
N ASP B 127 3.47 -18.74 15.52
CA ASP B 127 3.15 -20.14 15.79
C ASP B 127 3.50 -20.45 17.24
N GLU B 128 4.77 -20.24 17.57
CA GLU B 128 5.30 -20.73 18.83
C GLU B 128 4.68 -20.00 20.01
N ARG B 129 4.51 -18.69 19.91
CA ARG B 129 3.95 -17.95 21.05
C ARG B 129 2.57 -18.47 21.39
N LEU B 130 1.72 -18.67 20.39
CA LEU B 130 0.37 -19.12 20.66
C LEU B 130 0.38 -20.54 21.17
N GLN B 131 1.25 -21.38 20.60
CA GLN B 131 1.35 -22.76 21.06
C GLN B 131 1.67 -22.81 22.54
N LEU B 132 2.55 -21.91 23.00
CA LEU B 132 2.86 -21.80 24.42
C LEU B 132 1.73 -21.18 25.21
N GLU B 133 1.09 -20.13 24.70
CA GLU B 133 -0.02 -19.55 25.44
C GLU B 133 -1.15 -20.57 25.64
N LEU B 134 -1.29 -21.54 24.73
CA LEU B 134 -2.32 -22.54 24.94
C LEU B 134 -2.00 -23.33 26.18
N GLY B 135 -0.74 -23.78 26.31
CA GLY B 135 -0.32 -24.51 27.49
C GLY B 135 -0.59 -23.77 28.79
N GLN B 136 -0.49 -22.44 28.76
CA GLN B 136 -0.72 -21.61 29.94
C GLN B 136 -2.21 -21.43 30.24
N ARG B 137 -3.04 -21.17 29.22
CA ARG B 137 -4.48 -21.04 29.47
C ARG B 137 -5.15 -22.39 29.78
N GLN B 138 -4.45 -23.50 29.64
CA GLN B 138 -4.96 -24.81 30.03
C GLN B 138 -4.75 -25.12 31.51
N LEU B 139 -4.02 -24.30 32.26
CA LEU B 139 -3.79 -24.56 33.67
C LEU B 139 -4.54 -23.60 34.60
N GLU B 140 -5.26 -22.60 34.07
CA GLU B 140 -6.01 -21.60 34.84
C GLU B 140 -7.36 -22.12 35.37
N GLU B 141 -7.96 -21.30 36.26
CA GLU B 141 -9.26 -21.57 36.87
C GLU B 141 -10.40 -20.67 36.39
N ASN B 142 -10.20 -19.89 35.33
CA ASN B 142 -11.32 -19.37 34.57
C ASN B 142 -11.58 -20.19 33.32
N ALA B 143 -10.51 -20.70 32.71
CA ALA B 143 -10.58 -21.85 31.82
C ALA B 143 -10.40 -23.12 32.66
N LYS B 144 -10.42 -24.27 31.99
CA LYS B 144 -10.23 -25.61 32.54
C LYS B 144 -11.48 -26.07 33.32
N LYS B 145 -12.23 -25.13 33.91
CA LYS B 145 -13.64 -25.39 34.16
C LYS B 145 -14.45 -24.97 32.95
N ARG B 146 -13.96 -23.97 32.22
CA ARG B 146 -14.56 -23.57 30.96
C ARG B 146 -14.44 -24.67 29.93
N LEU B 147 -13.36 -25.44 29.98
CA LEU B 147 -13.18 -26.56 29.05
C LEU B 147 -14.04 -27.75 29.48
N GLU B 148 -14.24 -27.93 30.78
CA GLU B 148 -14.98 -29.11 31.24
C GLU B 148 -16.46 -29.05 30.87
N ALA B 149 -17.08 -27.88 31.00
CA ALA B 149 -18.48 -27.73 30.60
C ALA B 149 -18.63 -27.74 29.08
N ARG B 150 -17.59 -27.34 28.36
CA ARG B 150 -17.56 -27.52 26.91
C ARG B 150 -17.55 -29.01 26.57
N LYS B 151 -16.82 -29.83 27.35
CA LYS B 151 -16.72 -31.25 27.00
C LYS B 151 -17.98 -32.05 27.27
N LYS B 152 -18.98 -31.46 27.94
CA LYS B 152 -20.31 -32.03 28.00
C LYS B 152 -21.14 -31.78 26.75
N LEU B 153 -20.64 -31.05 25.79
CA LEU B 153 -21.43 -30.94 24.57
C LEU B 153 -21.21 -32.19 23.71
N PRO B 154 -22.27 -32.73 23.08
CA PRO B 154 -22.11 -33.96 22.29
C PRO B 154 -20.97 -33.92 21.26
N THR B 155 -20.74 -32.78 20.62
CA THR B 155 -19.72 -32.68 19.56
C THR B 155 -18.32 -33.06 20.07
N MET B 156 -17.99 -32.64 21.29
CA MET B 156 -16.63 -32.79 21.82
C MET B 156 -16.21 -34.26 21.98
N LYS B 157 -17.17 -35.21 22.00
CA LYS B 157 -16.82 -36.64 21.99
C LYS B 157 -16.16 -37.07 20.69
N TYR B 158 -16.47 -36.40 19.57
CA TYR B 158 -15.91 -36.73 18.26
C TYR B 158 -14.76 -35.81 17.87
N ALA B 159 -14.21 -35.07 18.83
CA ALA B 159 -13.18 -34.09 18.51
C ALA B 159 -12.06 -34.71 17.69
N ASP B 160 -11.40 -35.73 18.24
CA ASP B 160 -10.27 -36.33 17.52
C ASP B 160 -10.71 -37.01 16.24
N ASP B 161 -11.93 -37.56 16.20
CA ASP B 161 -12.35 -38.26 15.00
C ASP B 161 -12.55 -37.30 13.84
N ILE B 162 -13.15 -36.11 14.11
CA ILE B 162 -13.38 -35.09 13.07
C ILE B 162 -12.06 -34.51 12.57
N ILE B 163 -11.16 -34.18 13.50
CA ILE B 163 -9.82 -33.69 13.15
C ILE B 163 -9.17 -34.59 12.12
N GLN B 164 -9.20 -35.89 12.36
CA GLN B 164 -8.55 -36.80 11.43
C GLN B 164 -9.28 -36.84 10.09
N ALA B 165 -10.63 -36.88 10.12
CA ALA B 165 -11.40 -36.95 8.90
C ALA B 165 -11.21 -35.70 8.02
N VAL B 166 -10.87 -34.55 8.62
CA VAL B 166 -10.52 -33.34 7.88
C VAL B 166 -9.11 -33.45 7.30
N ARG B 167 -8.19 -34.09 8.03
CA ARG B 167 -6.85 -34.30 7.48
C ARG B 167 -6.89 -35.23 6.27
N GLU B 168 -7.74 -36.25 6.32
CA GLU B 168 -7.82 -37.31 5.31
C GLU B 168 -8.72 -36.97 4.13
N ASN B 169 -9.48 -35.87 4.20
CA ASN B 169 -10.56 -35.67 3.25
C ASN B 169 -10.73 -34.19 2.99
N GLN B 170 -11.10 -33.86 1.75
CA GLN B 170 -11.27 -32.45 1.36
C GLN B 170 -12.61 -31.90 1.86
N VAL B 171 -13.69 -32.66 1.66
CA VAL B 171 -15.04 -32.27 2.02
C VAL B 171 -15.60 -33.32 2.98
N ILE B 172 -16.00 -32.88 4.16
CA ILE B 172 -16.75 -33.73 5.06
C ILE B 172 -18.07 -33.04 5.38
N LEU B 173 -18.99 -33.81 5.94
CA LEU B 173 -20.33 -33.38 6.24
C LEU B 173 -20.63 -33.76 7.69
N ILE B 174 -21.13 -32.79 8.46
CA ILE B 174 -21.44 -32.99 9.86
C ILE B 174 -22.92 -32.67 10.03
N VAL B 175 -23.68 -33.67 10.45
CA VAL B 175 -25.13 -33.59 10.60
C VAL B 175 -25.40 -33.62 12.10
N GLY B 176 -26.20 -32.67 12.60
CA GLY B 176 -26.51 -32.62 14.02
C GLY B 176 -27.66 -31.69 14.41
N SER B 177 -28.45 -32.07 15.41
CA SER B 177 -29.59 -31.23 15.80
C SER B 177 -29.15 -30.12 16.74
N THR B 178 -30.12 -29.22 16.98
CA THR B 178 -29.96 -28.13 17.92
C THR B 178 -29.58 -28.67 19.29
N GLY B 179 -28.46 -28.20 19.81
CA GLY B 179 -27.91 -28.69 21.05
C GLY B 179 -26.64 -29.48 20.88
N CYS B 180 -26.35 -29.97 19.67
CA CYS B 180 -25.17 -30.80 19.49
C CYS B 180 -23.87 -30.01 19.44
N GLY B 181 -23.94 -28.68 19.30
CA GLY B 181 -22.77 -27.83 19.39
C GLY B 181 -21.81 -27.88 18.24
N LYS B 182 -22.17 -28.46 17.08
CA LYS B 182 -21.28 -28.44 15.92
C LYS B 182 -20.89 -27.02 15.54
N THR B 183 -21.82 -26.06 15.71
CA THR B 183 -21.63 -24.71 15.20
C THR B 183 -20.60 -23.92 16.02
N THR B 184 -20.77 -23.87 17.33
CA THR B 184 -19.80 -23.17 18.18
C THR B 184 -18.54 -23.96 18.43
N GLN B 185 -18.58 -25.29 18.37
CA GLN B 185 -17.48 -26.14 18.85
C GLN B 185 -16.55 -26.63 17.76
N VAL B 186 -17.08 -27.01 16.60
CA VAL B 186 -16.21 -27.55 15.53
C VAL B 186 -15.12 -26.57 15.12
N PRO B 187 -15.39 -25.25 14.93
CA PRO B 187 -14.31 -24.32 14.56
C PRO B 187 -13.16 -24.33 15.52
N GLN B 188 -13.46 -24.30 16.82
CA GLN B 188 -12.43 -24.33 17.85
C GLN B 188 -11.63 -25.63 17.82
N ILE B 189 -12.29 -26.75 17.47
CA ILE B 189 -11.61 -28.03 17.45
C ILE B 189 -10.45 -27.99 16.47
N LEU B 190 -10.68 -27.40 15.30
CA LEU B 190 -9.71 -27.33 14.23
C LEU B 190 -8.71 -26.20 14.42
N LEU B 191 -9.08 -25.15 15.15
CA LEU B 191 -8.10 -24.11 15.49
C LEU B 191 -7.18 -24.57 16.61
N ASP B 192 -7.76 -24.89 17.77
CA ASP B 192 -6.98 -25.37 18.91
C ASP B 192 -6.05 -26.50 18.48
N ASP B 193 -6.46 -27.29 17.49
CA ASP B 193 -5.60 -28.36 16.99
C ASP B 193 -4.34 -27.80 16.36
N ALA B 194 -4.50 -26.94 15.34
CA ALA B 194 -3.33 -26.33 14.71
C ALA B 194 -2.50 -25.50 15.70
N ILE B 195 -3.14 -24.85 16.68
CA ILE B 195 -2.38 -24.07 17.66
C ILE B 195 -1.51 -25.00 18.48
N SER B 196 -2.05 -26.15 18.88
CA SER B 196 -1.29 -27.15 19.62
C SER B 196 -0.20 -27.79 18.77
N ARG B 197 -0.57 -28.24 17.57
CA ARG B 197 0.32 -28.79 16.56
C ARG B 197 1.36 -27.82 15.95
N GLY B 198 1.53 -26.64 16.54
CA GLY B 198 2.52 -25.67 16.08
C GLY B 198 2.30 -25.04 14.73
N CYS B 199 1.05 -25.01 14.24
CA CYS B 199 0.68 -24.43 12.95
C CYS B 199 -0.26 -23.23 13.08
N ALA B 200 -0.34 -22.64 14.27
CA ALA B 200 -1.33 -21.60 14.56
C ALA B 200 -1.48 -20.58 13.44
N SER B 201 -0.38 -20.16 12.83
CA SER B 201 -0.51 -19.08 11.87
C SER B 201 -0.98 -19.53 10.49
N SER B 202 -1.06 -20.83 10.19
CA SER B 202 -1.58 -21.24 8.87
C SER B 202 -3.10 -21.35 8.82
N CYS B 203 -3.80 -21.04 9.91
CA CYS B 203 -5.19 -21.42 10.15
C CYS B 203 -6.11 -20.21 10.18
N ARG B 204 -6.98 -20.10 9.16
CA ARG B 204 -7.95 -19.00 9.07
C ARG B 204 -9.31 -19.59 8.73
N ILE B 205 -10.24 -19.58 9.67
CA ILE B 205 -11.49 -20.31 9.52
C ILE B 205 -12.66 -19.33 9.34
N ILE B 206 -13.38 -19.53 8.26
CA ILE B 206 -14.54 -18.76 7.92
C ILE B 206 -15.71 -19.70 8.08
N CYS B 207 -16.69 -19.28 8.89
CA CYS B 207 -17.92 -20.02 9.09
C CYS B 207 -19.07 -19.13 8.63
N THR B 208 -19.78 -19.59 7.60
CA THR B 208 -20.93 -18.84 7.14
C THR B 208 -22.14 -19.15 8.01
N GLN B 209 -23.09 -18.22 8.01
CA GLN B 209 -24.39 -18.34 8.65
C GLN B 209 -25.42 -17.80 7.68
N PRO B 210 -26.66 -18.31 7.72
CA PRO B 210 -27.73 -17.75 6.89
C PRO B 210 -28.25 -16.43 7.40
N ARG B 211 -28.07 -16.12 8.69
CA ARG B 211 -28.72 -14.97 9.28
C ARG B 211 -27.74 -14.00 9.93
N ARG B 212 -28.08 -12.70 9.86
CA ARG B 212 -27.28 -11.66 10.51
C ARG B 212 -27.22 -11.86 12.02
N ILE B 213 -28.37 -12.07 12.68
CA ILE B 213 -28.39 -12.06 14.15
C ILE B 213 -27.48 -13.16 14.70
N SER B 214 -27.51 -14.35 14.10
CA SER B 214 -26.77 -15.49 14.63
C SER B 214 -25.25 -15.30 14.52
N ALA B 215 -24.77 -14.83 13.37
CA ALA B 215 -23.33 -14.69 13.12
C ALA B 215 -22.64 -13.82 14.17
N ILE B 216 -23.35 -12.92 14.82
CA ILE B 216 -22.76 -12.12 15.90
C ILE B 216 -22.80 -12.88 17.22
N ALA B 217 -24.00 -13.19 17.69
CA ALA B 217 -24.16 -13.84 19.00
C ALA B 217 -23.38 -15.14 19.07
N ILE B 218 -23.25 -15.83 17.94
CA ILE B 218 -22.35 -16.97 17.87
C ILE B 218 -20.91 -16.52 18.01
N ALA B 219 -20.54 -15.40 17.41
CA ALA B 219 -19.16 -14.98 17.62
C ALA B 219 -18.97 -14.49 19.04
N GLU B 220 -20.00 -13.80 19.56
CA GLU B 220 -19.95 -13.33 20.93
C GLU B 220 -19.87 -14.47 21.93
N TRP B 221 -20.49 -15.62 21.65
CA TRP B 221 -20.46 -16.74 22.58
C TRP B 221 -19.13 -17.46 22.53
N VAL B 222 -18.73 -17.95 21.34
CA VAL B 222 -17.45 -18.63 21.14
C VAL B 222 -16.31 -17.76 21.64
N SER B 223 -16.51 -16.43 21.65
CA SER B 223 -15.53 -15.53 22.22
C SER B 223 -15.54 -15.60 23.74
N TYR B 224 -16.71 -15.74 24.35
CA TYR B 224 -16.80 -15.87 25.79
C TYR B 224 -16.22 -17.21 26.25
N GLU B 225 -16.39 -18.28 25.47
CA GLU B 225 -15.83 -19.62 25.75
C GLU B 225 -14.29 -19.70 25.63
N ARG B 226 -13.64 -18.59 25.27
CA ARG B 226 -12.18 -18.54 25.21
C ARG B 226 -11.64 -17.40 26.06
N CYS B 227 -12.51 -16.72 26.82
CA CYS B 227 -12.17 -15.61 27.72
C CYS B 227 -11.44 -14.48 26.99
N GLU B 228 -12.03 -14.03 25.89
CA GLU B 228 -11.44 -13.00 25.04
C GLU B 228 -12.51 -11.99 24.65
N SER B 229 -12.10 -10.73 24.53
CA SER B 229 -13.03 -9.77 23.96
C SER B 229 -13.16 -10.05 22.46
N LEU B 230 -14.27 -9.59 21.89
CA LEU B 230 -14.50 -9.83 20.46
C LEU B 230 -13.41 -9.19 19.61
N GLY B 231 -12.98 -9.95 18.60
CA GLY B 231 -12.00 -9.49 17.64
C GLY B 231 -10.57 -9.97 17.86
N ASN B 232 -10.31 -10.82 18.86
CA ASN B 232 -8.98 -11.41 18.93
C ASN B 232 -8.83 -12.70 18.13
N SER B 233 -9.33 -13.84 18.64
CA SER B 233 -9.23 -15.08 17.88
C SER B 233 -10.57 -15.51 17.28
N VAL B 234 -11.67 -14.87 17.67
CA VAL B 234 -12.95 -15.07 17.03
C VAL B 234 -13.49 -13.70 16.58
N GLY B 235 -14.04 -13.64 15.35
CA GLY B 235 -14.63 -12.44 14.84
C GLY B 235 -15.95 -12.72 14.16
N TYR B 236 -16.64 -11.62 13.81
CA TYR B 236 -17.81 -11.70 12.96
C TYR B 236 -17.71 -10.64 11.88
N GLN B 237 -18.31 -10.93 10.72
CA GLN B 237 -18.30 -9.98 9.63
C GLN B 237 -19.59 -10.14 8.83
N ILE B 238 -20.47 -9.16 8.98
CA ILE B 238 -21.66 -9.11 8.16
C ILE B 238 -21.56 -7.82 7.37
N ARG B 239 -22.62 -7.51 6.60
CA ARG B 239 -22.72 -6.29 5.81
C ARG B 239 -22.82 -5.04 6.68
N LEU B 240 -21.95 -4.08 6.43
CA LEU B 240 -21.98 -2.76 7.06
C LEU B 240 -21.65 -2.79 8.54
N GLU B 241 -21.26 -3.93 9.09
CA GLU B 241 -20.83 -3.99 10.47
C GLU B 241 -19.87 -5.17 10.64
N SER B 242 -18.73 -4.95 11.33
CA SER B 242 -17.80 -6.05 11.58
C SER B 242 -16.90 -5.82 12.80
N ARG B 243 -16.81 -6.85 13.66
CA ARG B 243 -15.75 -7.00 14.67
C ARG B 243 -14.85 -8.12 14.17
N LYS B 244 -13.92 -7.78 13.29
CA LYS B 244 -13.06 -8.75 12.62
C LYS B 244 -12.07 -9.34 13.59
N ALA B 245 -11.71 -10.61 13.36
CA ALA B 245 -10.71 -11.28 14.17
C ALA B 245 -9.29 -10.82 13.78
N ARG B 246 -8.30 -11.39 14.45
CA ARG B 246 -6.91 -11.23 14.03
C ARG B 246 -6.65 -11.97 12.71
N GLU B 247 -5.52 -11.63 12.09
CA GLU B 247 -5.28 -12.04 10.70
C GLU B 247 -5.19 -13.56 10.58
N ARG B 248 -4.41 -14.19 11.45
CA ARG B 248 -4.15 -15.62 11.45
C ARG B 248 -4.62 -16.24 12.75
N ALA B 249 -4.72 -17.56 12.76
CA ALA B 249 -5.17 -18.30 13.94
C ALA B 249 -6.48 -17.73 14.46
N SER B 250 -7.47 -17.67 13.57
CA SER B 250 -8.70 -16.93 13.85
C SER B 250 -9.92 -17.71 13.37
N ILE B 251 -11.06 -17.37 13.94
CA ILE B 251 -12.37 -17.81 13.48
C ILE B 251 -13.20 -16.59 13.12
N THR B 252 -13.75 -16.59 11.91
CA THR B 252 -14.63 -15.51 11.46
C THR B 252 -16.03 -16.07 11.20
N TYR B 253 -17.04 -15.48 11.84
CA TYR B 253 -18.43 -15.77 11.51
C TYR B 253 -18.98 -14.68 10.60
N CYS B 254 -19.69 -15.08 9.56
CA CYS B 254 -20.15 -14.11 8.56
C CYS B 254 -21.40 -14.63 7.88
N THR B 255 -22.19 -13.71 7.32
CA THR B 255 -23.34 -14.18 6.55
C THR B 255 -22.87 -14.72 5.21
N THR B 256 -23.65 -15.66 4.68
CA THR B 256 -23.31 -16.24 3.39
C THR B 256 -23.14 -15.16 2.35
N GLY B 257 -23.94 -14.11 2.42
CA GLY B 257 -23.79 -13.02 1.46
C GLY B 257 -22.38 -12.45 1.43
N VAL B 258 -21.83 -12.13 2.61
CA VAL B 258 -20.52 -11.49 2.67
C VAL B 258 -19.48 -12.27 1.90
N LEU B 259 -19.41 -13.59 2.16
CA LEU B 259 -18.43 -14.45 1.51
C LEU B 259 -18.54 -14.38 -0.01
N LEU B 260 -19.77 -14.35 -0.53
CA LEU B 260 -19.97 -14.28 -1.97
C LEU B 260 -19.39 -13.00 -2.56
N GLN B 261 -19.59 -11.85 -1.90
CA GLN B 261 -18.99 -10.63 -2.44
C GLN B 261 -17.48 -10.74 -2.42
N GLN B 262 -16.93 -11.36 -1.38
CA GLN B 262 -15.48 -11.43 -1.24
C GLN B 262 -14.82 -12.28 -2.33
N LEU B 263 -15.60 -13.11 -3.04
CA LEU B 263 -15.07 -13.89 -4.14
C LEU B 263 -14.65 -13.05 -5.33
N GLN B 264 -15.21 -11.85 -5.49
CA GLN B 264 -14.76 -10.99 -6.59
C GLN B 264 -13.26 -10.77 -6.54
N SER B 265 -12.74 -10.46 -5.36
CA SER B 265 -11.31 -10.20 -5.22
C SER B 265 -10.50 -11.47 -5.08
N ASP B 266 -11.12 -12.53 -4.51
CA ASP B 266 -10.45 -13.80 -4.18
C ASP B 266 -11.32 -14.93 -4.70
N PRO B 267 -11.30 -15.18 -6.00
CA PRO B 267 -12.30 -16.10 -6.58
C PRO B 267 -12.04 -17.57 -6.27
N LEU B 268 -10.84 -17.95 -5.91
CA LEU B 268 -10.58 -19.34 -5.59
C LEU B 268 -10.20 -19.52 -4.11
N MET B 269 -10.74 -18.66 -3.25
CA MET B 269 -10.71 -18.82 -1.81
C MET B 269 -9.31 -19.14 -1.31
N HIS B 270 -8.35 -18.32 -1.72
CA HIS B 270 -7.00 -18.53 -1.24
C HIS B 270 -6.74 -17.94 0.13
N ASN B 271 -7.63 -17.10 0.63
CA ASN B 271 -7.34 -16.38 1.86
C ASN B 271 -7.99 -17.03 3.07
N LEU B 272 -8.33 -18.31 2.96
CA LEU B 272 -8.86 -19.12 4.05
C LEU B 272 -8.28 -20.52 3.90
N SER B 273 -8.20 -21.20 5.03
CA SER B 273 -7.71 -22.57 5.05
C SER B 273 -8.82 -23.56 5.22
N VAL B 274 -9.90 -23.15 5.90
CA VAL B 274 -11.05 -24.00 6.16
C VAL B 274 -12.29 -23.16 5.97
N LEU B 275 -13.28 -23.71 5.30
CA LEU B 275 -14.58 -23.09 5.09
C LEU B 275 -15.63 -23.99 5.69
N ILE B 276 -16.43 -23.45 6.60
CA ILE B 276 -17.57 -24.15 7.20
C ILE B 276 -18.86 -23.51 6.68
N LEU B 277 -19.73 -24.31 6.02
CA LEU B 277 -21.08 -23.89 5.63
C LEU B 277 -22.11 -24.45 6.60
N ASP B 278 -22.76 -23.59 7.35
CA ASP B 278 -23.80 -23.99 8.30
C ASP B 278 -25.21 -23.80 7.73
N GLU B 279 -26.13 -24.58 8.28
CA GLU B 279 -27.54 -24.53 7.93
C GLU B 279 -27.75 -24.61 6.42
N ILE B 280 -27.04 -25.55 5.79
CA ILE B 280 -27.25 -25.81 4.37
C ILE B 280 -28.62 -26.48 4.14
N HIS B 281 -29.14 -27.18 5.15
CA HIS B 281 -30.45 -27.84 5.01
C HIS B 281 -31.57 -26.85 4.71
N GLU B 282 -31.35 -25.55 4.96
CA GLU B 282 -32.33 -24.54 4.64
C GLU B 282 -32.45 -24.26 3.16
N ARG B 283 -31.45 -24.65 2.38
CA ARG B 283 -31.48 -24.47 0.92
C ARG B 283 -31.61 -22.99 0.58
N SER B 284 -30.91 -22.15 1.32
CA SER B 284 -30.84 -20.74 0.98
C SER B 284 -30.14 -20.53 -0.37
N VAL B 285 -30.59 -19.50 -1.09
CA VAL B 285 -30.00 -19.18 -2.41
C VAL B 285 -28.49 -19.10 -2.31
N GLU B 286 -28.01 -18.50 -1.23
CA GLU B 286 -26.60 -18.18 -1.10
C GLU B 286 -25.76 -19.44 -0.90
N THR B 287 -26.22 -20.40 -0.05
CA THR B 287 -25.53 -21.68 0.12
C THR B 287 -25.69 -22.58 -1.11
N ASP B 288 -26.86 -22.57 -1.75
CA ASP B 288 -27.00 -23.32 -3.00
C ASP B 288 -25.93 -22.90 -4.00
N LEU B 289 -25.74 -21.60 -4.21
CA LEU B 289 -24.72 -21.18 -5.15
C LEU B 289 -23.35 -21.65 -4.69
N LEU B 290 -23.06 -21.44 -3.39
CA LEU B 290 -21.74 -21.70 -2.82
C LEU B 290 -21.29 -23.14 -3.02
N MET B 291 -22.21 -24.11 -2.82
CA MET B 291 -21.86 -25.50 -3.04
C MET B 291 -21.65 -25.75 -4.51
N GLY B 292 -22.41 -25.05 -5.36
CA GLY B 292 -22.14 -25.11 -6.78
C GLY B 292 -20.77 -24.58 -7.13
N LEU B 293 -20.46 -23.40 -6.63
CA LEU B 293 -19.15 -22.81 -6.91
C LEU B 293 -18.03 -23.67 -6.36
N LEU B 294 -18.23 -24.30 -5.20
CA LEU B 294 -17.15 -25.12 -4.65
C LEU B 294 -16.77 -26.25 -5.61
N LYS B 295 -17.73 -26.73 -6.42
CA LYS B 295 -17.46 -27.75 -7.42
C LYS B 295 -16.53 -27.26 -8.52
N VAL B 296 -16.53 -25.94 -8.80
CA VAL B 296 -15.61 -25.32 -9.77
C VAL B 296 -14.24 -25.12 -9.14
N ILE B 297 -14.22 -24.80 -7.85
CA ILE B 297 -13.00 -24.35 -7.18
C ILE B 297 -12.12 -25.51 -6.77
N LEU B 298 -12.71 -26.52 -6.11
CA LEU B 298 -11.88 -27.51 -5.45
C LEU B 298 -10.90 -28.25 -6.38
N PRO B 299 -11.19 -28.48 -7.66
CA PRO B 299 -10.15 -29.03 -8.53
C PRO B 299 -8.97 -28.13 -8.67
N HIS B 300 -9.14 -26.84 -8.39
CA HIS B 300 -8.03 -25.91 -8.46
C HIS B 300 -7.49 -25.53 -7.07
N ARG B 301 -8.16 -25.92 -5.99
CA ARG B 301 -7.67 -25.70 -4.61
C ARG B 301 -7.58 -27.06 -3.94
N PRO B 302 -6.43 -27.72 -4.05
CA PRO B 302 -6.26 -29.03 -3.39
C PRO B 302 -6.04 -28.97 -1.88
N ASP B 303 -5.30 -27.99 -1.39
CA ASP B 303 -4.98 -27.86 0.03
C ASP B 303 -6.14 -27.36 0.89
N LEU B 304 -7.27 -27.01 0.28
CA LEU B 304 -8.40 -26.39 0.96
C LEU B 304 -9.28 -27.43 1.64
N LYS B 305 -9.79 -27.10 2.83
CA LYS B 305 -10.62 -27.97 3.63
C LYS B 305 -12.02 -27.39 3.73
N VAL B 306 -13.04 -28.16 3.30
CA VAL B 306 -14.44 -27.75 3.40
C VAL B 306 -15.13 -28.61 4.45
N ILE B 307 -15.99 -27.96 5.23
CA ILE B 307 -16.81 -28.62 6.23
C ILE B 307 -18.24 -28.17 6.02
N LEU B 308 -19.07 -29.04 5.46
CA LEU B 308 -20.50 -28.78 5.37
C LEU B 308 -21.14 -29.13 6.69
N MET B 309 -22.19 -28.38 7.05
CA MET B 309 -22.92 -28.63 8.29
C MET B 309 -24.40 -28.41 8.09
N SER B 310 -25.20 -29.34 8.61
CA SER B 310 -26.60 -29.34 8.27
C SER B 310 -27.39 -29.91 9.46
N ALA B 311 -28.69 -29.62 9.49
CA ALA B 311 -29.62 -30.32 10.36
C ALA B 311 -30.00 -31.69 9.77
N THR B 312 -30.90 -32.38 10.45
CA THR B 312 -31.43 -33.67 9.99
C THR B 312 -32.64 -33.42 9.09
N VAL B 313 -32.37 -32.70 8.00
CA VAL B 313 -33.40 -32.31 7.03
C VAL B 313 -32.82 -32.61 5.64
N ARG B 314 -33.15 -33.80 5.12
CA ARG B 314 -32.60 -34.32 3.86
C ARG B 314 -31.08 -34.28 3.78
N GLU B 315 -30.41 -34.65 4.87
CA GLU B 315 -28.96 -34.60 4.88
C GLU B 315 -28.33 -35.37 3.73
N GLN B 316 -28.98 -36.43 3.25
CA GLN B 316 -28.31 -37.26 2.26
C GLN B 316 -28.07 -36.52 0.95
N ASP B 317 -28.92 -35.53 0.62
CA ASP B 317 -28.75 -34.73 -0.61
C ASP B 317 -27.33 -34.21 -0.78
N PHE B 318 -26.75 -33.66 0.30
CA PHE B 318 -25.42 -33.05 0.24
C PHE B 318 -24.34 -34.11 0.22
N CYS B 319 -24.54 -35.20 0.94
CA CYS B 319 -23.59 -36.31 0.92
C CYS B 319 -23.44 -36.85 -0.50
N ASP B 320 -24.57 -37.12 -1.16
CA ASP B 320 -24.55 -37.45 -2.58
C ASP B 320 -23.87 -36.36 -3.41
N TYR B 321 -24.27 -35.09 -3.20
CA TYR B 321 -23.89 -33.99 -4.09
C TYR B 321 -22.38 -33.83 -4.17
N PHE B 322 -21.69 -33.90 -3.03
CA PHE B 322 -20.23 -33.99 -3.02
C PHE B 322 -19.71 -35.43 -3.01
N ASN B 323 -20.32 -36.35 -3.78
CA ASN B 323 -19.68 -37.60 -4.23
C ASN B 323 -19.44 -38.57 -3.06
N ASN B 324 -20.41 -38.64 -2.15
CA ASN B 324 -20.38 -39.57 -1.00
C ASN B 324 -19.18 -39.27 -0.11
N CYS B 325 -19.14 -38.04 0.37
CA CYS B 325 -18.12 -37.64 1.30
C CYS B 325 -18.45 -38.19 2.69
N PRO B 326 -17.43 -38.38 3.53
CA PRO B 326 -17.69 -38.84 4.90
C PRO B 326 -18.72 -37.99 5.62
N MET B 327 -19.54 -38.62 6.45
CA MET B 327 -20.70 -37.94 7.02
C MET B 327 -20.76 -38.29 8.50
N PHE B 328 -20.53 -37.30 9.37
CA PHE B 328 -20.72 -37.48 10.80
C PHE B 328 -22.15 -37.16 11.19
N ARG B 329 -22.73 -38.03 12.01
CA ARG B 329 -24.00 -37.78 12.67
C ARG B 329 -23.71 -37.58 14.16
N ILE B 330 -24.07 -36.42 14.68
CA ILE B 330 -23.86 -36.10 16.08
C ILE B 330 -25.22 -36.08 16.76
N GLU B 331 -25.33 -36.94 17.76
CA GLU B 331 -26.52 -37.06 18.57
C GLU B 331 -26.61 -35.83 19.46
N GLY B 332 -27.78 -35.63 20.01
CA GLY B 332 -27.87 -34.56 20.97
C GLY B 332 -28.85 -33.49 20.59
N VAL B 333 -29.88 -33.33 21.40
CA VAL B 333 -30.83 -32.27 21.13
C VAL B 333 -30.98 -31.57 22.47
N MET B 334 -32.11 -30.89 22.68
CA MET B 334 -32.33 -30.25 23.96
C MET B 334 -33.33 -31.10 24.73
N PHE B 335 -34.32 -30.52 25.36
CA PHE B 335 -35.24 -31.32 26.15
C PHE B 335 -36.26 -32.02 25.24
N PRO B 336 -36.81 -33.17 25.67
CA PRO B 336 -37.76 -33.91 24.83
C PRO B 336 -39.10 -33.19 24.71
N VAL B 337 -39.64 -33.17 23.48
CA VAL B 337 -40.93 -32.54 23.20
C VAL B 337 -41.89 -33.56 22.64
N LYS B 338 -43.02 -33.78 23.34
CA LYS B 338 -44.00 -34.78 22.94
C LYS B 338 -44.88 -34.24 21.82
N MET B 339 -44.98 -35.00 20.73
CA MET B 339 -45.78 -34.64 19.56
C MET B 339 -47.19 -35.23 19.64
N LEU B 340 -48.19 -34.36 19.71
CA LEU B 340 -49.58 -34.74 19.56
C LEU B 340 -50.14 -34.19 18.25
N TYR B 341 -51.03 -34.95 17.61
CA TYR B 341 -51.67 -34.59 16.36
C TYR B 341 -53.15 -34.25 16.58
N LEU B 342 -53.84 -34.02 15.46
CA LEU B 342 -55.21 -33.52 15.56
C LEU B 342 -56.11 -34.54 16.26
N GLU B 343 -55.88 -35.82 15.97
CA GLU B 343 -56.60 -36.90 16.66
C GLU B 343 -56.27 -36.90 18.15
N ASP B 344 -54.98 -36.76 18.49
CA ASP B 344 -54.63 -36.69 19.91
C ASP B 344 -55.18 -35.43 20.57
N VAL B 345 -55.32 -34.33 19.82
CA VAL B 345 -55.82 -33.11 20.44
C VAL B 345 -57.31 -33.23 20.71
N LEU B 346 -58.11 -33.57 19.69
CA LEU B 346 -59.56 -33.65 19.89
C LEU B 346 -59.90 -34.69 20.93
N SER B 347 -58.99 -35.64 21.18
CA SER B 347 -59.14 -36.60 22.27
C SER B 347 -59.03 -35.96 23.65
N LYS B 348 -58.18 -34.93 23.79
CA LYS B 348 -57.98 -34.35 25.11
C LYS B 348 -58.95 -33.21 25.44
N THR B 349 -59.40 -32.44 24.45
CA THR B 349 -60.22 -31.24 24.70
C THR B 349 -61.71 -31.40 24.42
N ASN B 350 -62.10 -32.37 23.60
CA ASN B 350 -63.49 -32.61 23.14
C ASN B 350 -64.14 -31.42 22.47
N TYR B 351 -63.34 -30.53 21.85
CA TYR B 351 -63.92 -29.38 21.17
C TYR B 351 -64.73 -29.81 19.96
N GLU B 352 -65.82 -29.11 19.69
CA GLU B 352 -66.76 -29.46 18.63
C GLU B 352 -66.86 -28.32 17.63
N PHE B 353 -66.93 -28.68 16.35
CA PHE B 353 -66.93 -27.72 15.26
C PHE B 353 -68.34 -27.36 14.81
N GLN B 354 -68.52 -26.09 14.41
CA GLN B 354 -69.78 -25.61 13.84
C GLN B 354 -69.55 -24.30 13.09
N PRO B 365 -67.28 -24.94 -1.71
CA PRO B 365 -66.34 -25.82 -2.41
C PRO B 365 -67.03 -27.04 -3.05
N PRO B 366 -66.49 -27.52 -4.19
CA PRO B 366 -67.20 -28.55 -4.96
C PRO B 366 -66.96 -29.94 -4.39
N GLU B 367 -65.68 -30.35 -4.36
CA GLU B 367 -65.26 -31.69 -3.99
C GLU B 367 -64.49 -31.75 -2.68
N ARG B 368 -64.12 -30.60 -2.11
CA ARG B 368 -63.25 -30.57 -0.94
C ARG B 368 -63.66 -31.55 0.15
N ARG B 369 -64.96 -31.64 0.43
CA ARG B 369 -65.47 -32.57 1.43
C ARG B 369 -65.15 -34.02 1.06
N MET B 370 -64.96 -34.29 -0.22
CA MET B 370 -64.67 -35.63 -0.71
C MET B 370 -63.22 -35.86 -1.07
N LYS B 371 -62.52 -34.82 -1.54
CA LYS B 371 -61.06 -34.90 -1.53
C LYS B 371 -60.54 -35.16 -0.12
N HIS B 372 -61.21 -34.60 0.89
CA HIS B 372 -60.71 -34.74 2.25
C HIS B 372 -60.92 -36.16 2.75
N GLU B 373 -62.12 -36.70 2.54
CA GLU B 373 -62.46 -38.02 3.07
C GLU B 373 -61.74 -39.13 2.29
N ALA B 374 -61.46 -38.90 1.00
CA ALA B 374 -60.62 -39.81 0.23
C ALA B 374 -59.21 -39.92 0.81
N MET B 375 -58.74 -38.86 1.49
CA MET B 375 -57.38 -38.85 2.04
C MET B 375 -57.32 -39.48 3.44
N ILE B 376 -58.26 -39.11 4.31
CA ILE B 376 -58.09 -39.43 5.72
C ILE B 376 -58.70 -40.78 6.08
N GLU B 377 -59.70 -41.25 5.33
CA GLU B 377 -60.39 -42.49 5.68
C GLU B 377 -59.48 -43.71 5.70
N PRO B 378 -58.57 -43.92 4.74
CA PRO B 378 -57.60 -45.02 4.89
C PRO B 378 -56.86 -44.96 6.22
N TYR B 379 -56.61 -43.77 6.75
CA TYR B 379 -55.99 -43.65 8.06
C TYR B 379 -56.98 -44.03 9.17
N LEU B 380 -58.19 -43.47 9.09
CA LEU B 380 -59.17 -43.66 10.16
C LEU B 380 -59.49 -45.13 10.42
N ARG B 381 -59.46 -45.96 9.38
CA ARG B 381 -59.80 -47.37 9.57
C ARG B 381 -58.72 -48.09 10.35
N ARG B 382 -57.45 -47.82 10.04
CA ARG B 382 -56.32 -48.46 10.70
C ARG B 382 -56.24 -48.15 12.18
N ILE B 383 -56.98 -47.16 12.66
CA ILE B 383 -56.86 -46.75 14.06
C ILE B 383 -58.22 -46.74 14.76
N ARG B 384 -59.18 -47.53 14.28
CA ARG B 384 -60.50 -47.56 14.93
C ARG B 384 -60.38 -47.88 16.40
N ASN B 385 -59.38 -48.69 16.76
CA ASN B 385 -59.19 -49.24 18.09
C ASN B 385 -58.26 -48.40 18.96
N SER B 386 -57.78 -47.25 18.45
CA SER B 386 -56.82 -46.42 19.17
C SER B 386 -57.38 -45.09 19.68
N TYR B 387 -58.50 -44.61 19.14
CA TYR B 387 -59.15 -43.37 19.55
C TYR B 387 -60.65 -43.61 19.58
N ASP B 388 -61.39 -42.67 20.17
CA ASP B 388 -62.84 -42.70 20.19
C ASP B 388 -63.41 -42.64 18.77
N SER B 389 -64.68 -43.01 18.62
CA SER B 389 -65.32 -42.85 17.32
C SER B 389 -65.72 -41.40 17.09
N ARG B 390 -66.15 -40.69 18.16
CA ARG B 390 -66.50 -39.27 18.04
C ARG B 390 -65.30 -38.45 17.61
N VAL B 391 -64.10 -38.85 18.03
CA VAL B 391 -62.91 -38.19 17.52
C VAL B 391 -62.81 -38.41 16.02
N LEU B 392 -62.75 -39.69 15.61
CA LEU B 392 -62.54 -39.98 14.20
C LEU B 392 -63.62 -39.38 13.32
N ASP B 393 -64.80 -39.10 13.89
CA ASP B 393 -65.84 -38.45 13.12
C ASP B 393 -65.51 -36.99 12.83
N LYS B 394 -64.78 -36.31 13.75
CA LYS B 394 -64.40 -34.91 13.55
C LYS B 394 -63.21 -34.72 12.59
N LEU B 395 -62.26 -35.66 12.56
CA LEU B 395 -61.19 -35.61 11.58
C LEU B 395 -61.70 -35.66 10.15
N ARG B 396 -62.92 -36.16 9.93
CA ARG B 396 -63.50 -36.11 8.60
C ARG B 396 -63.93 -34.71 8.22
N LEU B 397 -64.19 -33.86 9.19
CA LEU B 397 -64.53 -32.49 8.91
C LEU B 397 -63.32 -31.81 8.28
N PRO B 398 -63.45 -31.30 7.05
CA PRO B 398 -62.29 -30.62 6.42
C PRO B 398 -61.77 -29.43 7.20
N GLU B 399 -62.59 -28.79 8.04
CA GLU B 399 -62.19 -27.59 8.77
C GLU B 399 -61.57 -27.91 10.13
N SER B 400 -61.37 -29.20 10.44
CA SER B 400 -60.69 -29.62 11.67
C SER B 400 -59.18 -29.41 11.59
N GLU B 401 -58.58 -29.68 10.44
CA GLU B 401 -57.15 -29.44 10.25
C GLU B 401 -56.90 -28.00 9.84
N GLY B 402 -55.70 -27.51 10.15
CA GLY B 402 -55.33 -26.12 9.92
C GLY B 402 -55.93 -25.15 10.93
N CYS B 403 -56.03 -23.89 10.49
CA CYS B 403 -56.50 -22.77 11.31
C CYS B 403 -57.80 -22.21 10.78
N GLU B 404 -58.71 -23.06 10.31
CA GLU B 404 -59.97 -22.55 9.76
C GLU B 404 -60.89 -22.08 10.87
N ASP B 405 -60.88 -22.79 12.00
CA ASP B 405 -61.64 -22.42 13.18
C ASP B 405 -60.69 -21.79 14.20
N ILE B 406 -60.80 -20.47 14.39
CA ILE B 406 -59.95 -19.76 15.35
C ILE B 406 -60.41 -20.01 16.79
N ASP B 407 -61.72 -20.09 17.02
CA ASP B 407 -62.20 -20.47 18.35
C ASP B 407 -61.69 -21.85 18.78
N PHE B 408 -61.34 -22.72 17.82
CA PHE B 408 -60.66 -23.96 18.15
C PHE B 408 -59.26 -23.70 18.70
N ILE B 409 -58.42 -23.05 17.91
CA ILE B 409 -57.07 -22.72 18.40
C ILE B 409 -57.17 -21.91 19.68
N ALA B 410 -58.16 -21.02 19.76
CA ALA B 410 -58.41 -20.29 21.00
C ALA B 410 -58.75 -21.24 22.13
N ASP B 411 -59.55 -22.27 21.86
CA ASP B 411 -59.90 -23.18 22.95
C ASP B 411 -58.69 -23.96 23.42
N LEU B 412 -57.81 -24.36 22.50
CA LEU B 412 -56.64 -25.15 22.89
C LEU B 412 -55.71 -24.31 23.77
N VAL B 413 -55.62 -23.01 23.50
CA VAL B 413 -54.84 -22.16 24.38
C VAL B 413 -55.48 -22.16 25.76
N TYR B 414 -56.79 -21.92 25.81
CA TYR B 414 -57.47 -22.02 27.09
C TYR B 414 -57.29 -23.40 27.71
N TYR B 415 -57.25 -24.45 26.87
CA TYR B 415 -57.08 -25.81 27.39
C TYR B 415 -55.69 -26.02 27.97
N ILE B 416 -54.66 -25.44 27.37
CA ILE B 416 -53.33 -25.60 27.93
C ILE B 416 -53.18 -24.83 29.24
N CYS B 417 -53.83 -23.67 29.38
CA CYS B 417 -53.69 -22.85 30.59
C CYS B 417 -54.26 -23.56 31.83
N GLU B 418 -55.20 -24.46 31.64
CA GLU B 418 -55.87 -25.13 32.76
C GLU B 418 -55.14 -26.41 33.18
N ASN B 419 -54.82 -27.30 32.24
CA ASN B 419 -54.36 -28.64 32.58
C ASN B 419 -52.85 -28.86 32.54
N GLU B 420 -52.05 -27.93 32.05
CA GLU B 420 -50.60 -28.15 32.10
C GLU B 420 -49.87 -27.15 32.99
N PRO B 421 -48.66 -27.51 33.47
CA PRO B 421 -47.91 -26.63 34.37
C PRO B 421 -47.36 -25.42 33.66
N GLU B 422 -46.55 -24.65 34.37
CA GLU B 422 -46.13 -23.35 33.86
C GLU B 422 -45.35 -23.49 32.55
N GLY B 423 -45.60 -22.56 31.65
CA GLY B 423 -44.87 -22.43 30.39
C GLY B 423 -45.60 -21.52 29.43
N ALA B 424 -44.84 -21.02 28.45
CA ALA B 424 -45.41 -20.11 27.47
C ALA B 424 -46.08 -20.93 26.37
N ILE B 425 -46.97 -20.28 25.60
CA ILE B 425 -47.63 -20.92 24.48
C ILE B 425 -47.23 -20.20 23.21
N LEU B 426 -46.56 -20.88 22.31
CA LEU B 426 -46.24 -20.31 21.01
C LEU B 426 -47.18 -20.91 19.96
N VAL B 427 -48.03 -20.07 19.38
CA VAL B 427 -49.10 -20.46 18.47
C VAL B 427 -48.71 -20.03 17.06
N PHE B 428 -48.58 -20.98 16.15
CA PHE B 428 -48.05 -20.69 14.83
C PHE B 428 -49.20 -20.60 13.83
N LEU B 429 -49.49 -19.41 13.36
CA LEU B 429 -50.55 -19.10 12.42
C LEU B 429 -49.98 -18.59 11.10
N PRO B 430 -50.70 -18.71 10.00
CA PRO B 430 -50.03 -18.45 8.71
C PRO B 430 -49.65 -16.98 8.51
N GLY B 431 -50.54 -16.02 8.84
CA GLY B 431 -50.33 -14.63 8.50
C GLY B 431 -50.96 -13.56 9.37
N TYR B 432 -50.93 -12.29 8.89
CA TYR B 432 -51.42 -11.14 9.67
C TYR B 432 -52.89 -11.30 10.06
N ASP B 433 -53.76 -11.72 9.13
CA ASP B 433 -55.19 -11.74 9.43
C ASP B 433 -55.53 -12.69 10.56
N LYS B 434 -55.14 -13.97 10.43
CA LYS B 434 -55.48 -14.96 11.46
C LYS B 434 -54.83 -14.62 12.79
N ILE B 435 -53.70 -13.91 12.76
CA ILE B 435 -53.14 -13.37 14.01
C ILE B 435 -54.07 -12.30 14.58
N SER B 436 -54.64 -11.45 13.73
CA SER B 436 -55.60 -10.49 14.23
C SER B 436 -56.81 -11.20 14.79
N GLN B 437 -57.29 -12.22 14.07
CA GLN B 437 -58.52 -12.90 14.48
C GLN B 437 -58.36 -13.51 15.86
N LEU B 438 -57.25 -14.24 16.08
CA LEU B 438 -57.00 -14.91 17.35
C LEU B 438 -56.66 -13.93 18.46
N TYR B 439 -55.89 -12.89 18.14
CA TYR B 439 -55.56 -11.89 19.16
C TYR B 439 -56.84 -11.28 19.75
N ASN B 440 -57.79 -10.90 18.88
CA ASN B 440 -59.05 -10.30 19.31
C ASN B 440 -60.00 -11.28 19.97
N ILE B 441 -59.96 -12.57 19.58
CA ILE B 441 -60.71 -13.58 20.33
C ILE B 441 -60.18 -13.68 21.75
N LEU B 442 -58.86 -13.70 21.90
CA LEU B 442 -58.22 -13.72 23.22
C LEU B 442 -58.33 -12.40 23.96
N ASP B 443 -58.52 -11.29 23.25
CA ASP B 443 -58.50 -10.01 23.95
C ASP B 443 -59.90 -9.52 24.35
N LYS B 444 -60.91 -9.87 23.56
CA LYS B 444 -62.29 -9.41 23.77
C LYS B 444 -63.22 -10.61 23.66
N PRO B 445 -63.14 -11.54 24.61
CA PRO B 445 -63.73 -12.86 24.40
C PRO B 445 -65.26 -12.84 24.44
N LYS B 446 -65.87 -13.71 23.63
CA LYS B 446 -67.31 -13.95 23.62
C LYS B 446 -67.75 -15.19 24.40
N THR B 447 -66.83 -16.06 24.80
CA THR B 447 -67.16 -17.32 25.46
C THR B 447 -67.05 -17.19 26.97
N SER B 448 -67.76 -18.08 27.67
CA SER B 448 -67.67 -18.08 29.13
C SER B 448 -66.27 -18.46 29.59
N LYS B 449 -65.75 -19.58 29.10
CA LYS B 449 -64.42 -20.03 29.48
C LYS B 449 -63.33 -19.04 29.09
N GLY B 450 -63.55 -18.24 28.06
CA GLY B 450 -62.55 -17.24 27.72
C GLY B 450 -62.48 -16.12 28.74
N GLN B 451 -63.65 -15.64 29.20
CA GLN B 451 -63.69 -14.55 30.18
C GLN B 451 -63.06 -14.94 31.51
N ARG B 452 -63.12 -16.23 31.89
CA ARG B 452 -62.39 -16.68 33.07
C ARG B 452 -60.90 -16.36 32.98
N TRP B 453 -60.32 -16.54 31.80
CA TRP B 453 -58.88 -16.52 31.60
C TRP B 453 -58.33 -15.18 31.15
N ARG B 454 -59.18 -14.35 30.53
CA ARG B 454 -58.69 -13.23 29.73
C ARG B 454 -57.67 -12.39 30.48
N ASP B 455 -57.88 -12.19 31.78
CA ASP B 455 -57.02 -11.37 32.61
C ASP B 455 -55.78 -12.10 33.12
N HIS B 456 -55.60 -13.38 32.78
CA HIS B 456 -54.42 -14.12 33.21
C HIS B 456 -53.50 -14.52 32.07
N MET B 457 -53.67 -13.90 30.90
CA MET B 457 -52.78 -14.14 29.76
C MET B 457 -52.15 -12.83 29.32
N ALA B 458 -50.85 -12.91 29.03
CA ALA B 458 -50.04 -11.82 28.51
C ALA B 458 -49.76 -12.15 27.05
N VAL B 459 -50.47 -11.49 26.14
CA VAL B 459 -50.51 -11.88 24.74
C VAL B 459 -49.62 -10.98 23.90
N PHE B 460 -48.80 -11.60 23.06
CA PHE B 460 -47.91 -10.94 22.12
C PHE B 460 -48.17 -11.38 20.68
N PRO B 461 -48.64 -10.52 19.78
CA PRO B 461 -48.57 -10.86 18.35
C PRO B 461 -47.16 -10.64 17.84
N LEU B 462 -46.70 -11.56 16.98
CA LEU B 462 -45.31 -11.60 16.54
C LEU B 462 -45.26 -11.69 15.01
N HIS B 463 -44.89 -10.58 14.37
CA HIS B 463 -44.96 -10.44 12.92
C HIS B 463 -43.83 -9.52 12.55
N SER B 464 -43.28 -9.72 11.36
CA SER B 464 -42.15 -8.93 10.91
C SER B 464 -42.45 -7.43 11.00
N LEU B 465 -43.63 -7.03 10.55
CA LEU B 465 -44.08 -5.66 10.52
C LEU B 465 -44.52 -5.14 11.87
N MET B 466 -44.35 -5.89 12.94
CA MET B 466 -44.87 -5.50 14.23
C MET B 466 -43.76 -5.15 15.22
N GLN B 467 -44.11 -4.29 16.17
CA GLN B 467 -43.10 -3.73 17.05
C GLN B 467 -42.61 -4.74 18.08
N SER B 468 -43.41 -5.75 18.43
CA SER B 468 -43.10 -6.57 19.60
C SER B 468 -41.77 -7.30 19.44
N GLY B 469 -41.43 -7.72 18.21
CA GLY B 469 -40.19 -8.45 18.01
C GLY B 469 -38.96 -7.64 18.34
N GLU B 470 -39.04 -6.32 18.18
CA GLU B 470 -37.94 -5.39 18.39
C GLU B 470 -37.95 -4.73 19.77
N GLN B 471 -38.74 -5.27 20.70
CA GLN B 471 -38.82 -4.84 22.08
C GLN B 471 -38.51 -6.03 22.96
N GLN B 472 -38.21 -5.77 24.24
CA GLN B 472 -37.70 -6.85 25.09
C GLN B 472 -38.78 -7.65 25.80
N ALA B 473 -40.05 -7.22 25.76
CA ALA B 473 -41.07 -7.88 26.57
C ALA B 473 -41.20 -9.35 26.18
N VAL B 474 -41.44 -9.62 24.90
CA VAL B 474 -41.77 -10.97 24.46
C VAL B 474 -40.66 -11.96 24.79
N PHE B 475 -39.45 -11.50 25.05
CA PHE B 475 -38.34 -12.41 25.35
C PHE B 475 -38.24 -12.80 26.82
N ARG B 476 -38.79 -12.01 27.74
CA ARG B 476 -38.71 -12.30 29.17
C ARG B 476 -39.91 -13.13 29.63
N ARG B 477 -39.82 -13.64 30.89
CA ARG B 477 -40.92 -14.40 31.46
C ARG B 477 -42.01 -13.47 31.97
N PRO B 478 -43.26 -13.94 31.95
CA PRO B 478 -44.38 -13.06 32.27
C PRO B 478 -44.42 -12.72 33.75
N PRO B 479 -45.26 -11.76 34.15
CA PRO B 479 -45.47 -11.47 35.58
C PRO B 479 -45.95 -12.69 36.34
N ALA B 480 -45.91 -12.56 37.66
CA ALA B 480 -46.41 -13.63 38.52
C ALA B 480 -47.91 -13.82 38.29
N GLY B 481 -48.33 -15.08 38.15
CA GLY B 481 -49.72 -15.43 37.96
C GLY B 481 -50.28 -15.30 36.55
N GLN B 482 -49.52 -14.76 35.60
CA GLN B 482 -49.92 -14.67 34.20
C GLN B 482 -49.06 -15.55 33.31
N ARG B 483 -49.67 -16.11 32.28
CA ARG B 483 -48.97 -16.98 31.33
C ARG B 483 -48.79 -16.26 30.00
N LYS B 484 -47.59 -16.37 29.42
CA LYS B 484 -47.31 -15.68 28.17
C LYS B 484 -47.81 -16.47 26.98
N VAL B 485 -48.57 -15.80 26.10
CA VAL B 485 -49.18 -16.42 24.93
C VAL B 485 -48.71 -15.65 23.70
N ILE B 486 -47.91 -16.30 22.86
CA ILE B 486 -47.32 -15.65 21.70
C ILE B 486 -47.99 -16.20 20.43
N ILE B 487 -48.53 -15.27 19.64
CA ILE B 487 -49.19 -15.53 18.36
C ILE B 487 -48.28 -15.03 17.24
N SER B 488 -47.70 -15.96 16.48
CA SER B 488 -46.60 -15.69 15.57
C SER B 488 -46.86 -16.31 14.21
N THR B 489 -46.30 -15.68 13.16
CA THR B 489 -46.17 -16.33 11.86
C THR B 489 -44.90 -17.19 11.89
N ILE B 490 -44.48 -17.65 10.71
CA ILE B 490 -43.33 -18.55 10.55
C ILE B 490 -42.03 -17.92 11.04
N ILE B 491 -42.09 -16.66 11.46
CA ILE B 491 -40.88 -15.92 11.78
C ILE B 491 -40.15 -16.56 12.98
N ALA B 492 -40.91 -16.97 14.01
CA ALA B 492 -40.33 -17.58 15.23
C ALA B 492 -39.85 -19.04 15.04
N GLU B 493 -39.78 -19.52 13.78
CA GLU B 493 -39.21 -20.83 13.48
C GLU B 493 -37.69 -20.81 13.49
N THR B 494 -37.07 -19.85 12.80
CA THR B 494 -35.63 -19.71 12.83
C THR B 494 -35.17 -18.36 13.35
N SER B 495 -35.71 -17.26 12.80
CA SER B 495 -35.11 -15.94 13.01
C SER B 495 -35.26 -15.45 14.45
N VAL B 496 -36.44 -15.61 15.05
CA VAL B 496 -36.69 -15.12 16.40
C VAL B 496 -36.57 -16.28 17.37
N THR B 497 -35.92 -16.06 18.50
CA THR B 497 -35.66 -17.14 19.45
C THR B 497 -36.27 -16.75 20.80
N ILE B 498 -37.42 -17.32 21.11
CA ILE B 498 -38.13 -17.04 22.36
C ILE B 498 -37.80 -18.17 23.31
N ASP B 499 -37.21 -17.83 24.46
CA ASP B 499 -36.45 -18.84 25.17
C ASP B 499 -37.25 -19.61 26.22
N ASP B 500 -38.43 -19.14 26.63
CA ASP B 500 -39.21 -19.84 27.67
C ASP B 500 -40.48 -20.51 27.15
N VAL B 501 -40.58 -20.80 25.85
CA VAL B 501 -41.78 -21.47 25.35
C VAL B 501 -41.71 -22.94 25.74
N VAL B 502 -42.81 -23.47 26.25
CA VAL B 502 -42.97 -24.88 26.60
C VAL B 502 -43.94 -25.60 25.68
N TYR B 503 -45.04 -24.94 25.31
CA TYR B 503 -46.10 -25.54 24.51
C TYR B 503 -46.23 -24.78 23.20
N VAL B 504 -46.17 -25.51 22.09
CA VAL B 504 -46.27 -24.94 20.76
C VAL B 504 -47.52 -25.54 20.12
N ILE B 505 -48.43 -24.68 19.68
CA ILE B 505 -49.54 -25.09 18.82
C ILE B 505 -49.08 -24.88 17.39
N ASN B 506 -48.98 -25.95 16.62
CA ASN B 506 -48.60 -25.90 15.22
C ASN B 506 -49.84 -26.10 14.36
N SER B 507 -50.35 -25.00 13.82
CA SER B 507 -51.46 -25.04 12.88
C SER B 507 -51.08 -25.68 11.57
N GLY B 508 -49.79 -25.72 11.24
CA GLY B 508 -49.35 -26.33 10.01
C GLY B 508 -49.66 -25.59 8.74
N ARG B 509 -50.23 -24.38 8.82
CA ARG B 509 -50.49 -23.55 7.64
C ARG B 509 -49.60 -22.33 7.69
N THR B 510 -49.08 -21.92 6.51
CA THR B 510 -48.22 -20.74 6.34
C THR B 510 -48.54 -20.07 5.02
N LYS B 511 -47.88 -18.94 4.75
CA LYS B 511 -48.01 -18.26 3.47
C LYS B 511 -46.67 -18.28 2.74
N ALA B 512 -46.74 -18.36 1.41
CA ALA B 512 -45.55 -18.37 0.56
C ALA B 512 -45.93 -17.77 -0.78
N THR B 513 -44.93 -17.14 -1.43
CA THR B 513 -45.09 -16.44 -2.70
C THR B 513 -44.64 -17.32 -3.86
N ASN B 514 -45.50 -17.48 -4.86
CA ASN B 514 -45.24 -18.36 -5.99
C ASN B 514 -45.27 -17.52 -7.25
N TYR B 515 -44.16 -17.50 -7.99
CA TYR B 515 -44.09 -16.78 -9.26
C TYR B 515 -44.26 -17.74 -10.43
N ASP B 516 -45.37 -17.58 -11.13
CA ASP B 516 -45.68 -18.38 -12.30
C ASP B 516 -44.99 -17.75 -13.50
N ILE B 517 -44.00 -18.47 -14.02
CA ILE B 517 -43.17 -17.99 -15.13
C ILE B 517 -44.03 -17.63 -16.36
N GLU B 518 -45.12 -18.36 -16.60
CA GLU B 518 -45.80 -18.18 -17.89
C GLU B 518 -46.59 -16.89 -17.94
N THR B 519 -47.25 -16.51 -16.84
CA THR B 519 -48.15 -15.36 -16.84
C THR B 519 -47.53 -14.12 -16.23
N ASN B 520 -46.34 -14.22 -15.66
CA ASN B 520 -45.68 -13.11 -14.99
C ASN B 520 -46.55 -12.53 -13.87
N ILE B 521 -47.25 -13.39 -13.17
CA ILE B 521 -48.01 -12.98 -11.99
C ILE B 521 -47.43 -13.72 -10.79
N GLN B 522 -46.84 -12.94 -9.86
CA GLN B 522 -46.48 -13.41 -8.54
C GLN B 522 -47.69 -13.37 -7.63
N SER B 523 -47.86 -14.45 -6.88
CA SER B 523 -49.01 -14.67 -6.03
C SER B 523 -48.59 -15.03 -4.60
N LEU B 524 -49.42 -14.62 -3.65
CA LEU B 524 -49.24 -14.91 -2.23
C LEU B 524 -50.43 -15.75 -1.81
N ASP B 525 -50.18 -17.01 -1.41
CA ASP B 525 -51.23 -18.00 -1.16
C ASP B 525 -51.03 -18.66 0.20
N GLU B 526 -52.12 -19.12 0.80
CA GLU B 526 -52.00 -20.00 1.96
C GLU B 526 -51.75 -21.44 1.54
N VAL B 527 -50.84 -22.11 2.26
CA VAL B 527 -50.38 -23.45 1.93
C VAL B 527 -50.13 -24.23 3.21
N TRP B 528 -49.97 -25.54 3.07
CA TRP B 528 -49.44 -26.37 4.15
C TRP B 528 -47.93 -26.18 4.30
N VAL B 529 -47.45 -26.32 5.53
CA VAL B 529 -46.02 -26.40 5.76
C VAL B 529 -45.54 -27.80 5.41
N THR B 530 -44.25 -28.00 5.53
CA THR B 530 -43.60 -29.26 5.22
C THR B 530 -43.20 -29.93 6.53
N LYS B 531 -42.64 -31.12 6.40
CA LYS B 531 -42.14 -31.83 7.56
C LYS B 531 -40.98 -31.09 8.22
N ALA B 532 -40.06 -30.50 7.44
CA ALA B 532 -38.96 -29.76 8.03
C ALA B 532 -39.49 -28.62 8.90
N ASN B 533 -40.62 -28.05 8.53
CA ASN B 533 -41.21 -26.99 9.36
C ASN B 533 -41.79 -27.58 10.64
N THR B 534 -42.69 -28.57 10.49
CA THR B 534 -43.30 -29.21 11.65
C THR B 534 -42.22 -29.72 12.58
N GLN B 535 -41.17 -30.33 12.03
CA GLN B 535 -40.09 -30.87 12.85
C GLN B 535 -39.31 -29.77 13.56
N GLN B 536 -39.08 -28.63 12.88
CA GLN B 536 -38.38 -27.52 13.52
C GLN B 536 -39.22 -26.91 14.64
N ARG B 537 -40.51 -26.70 14.40
CA ARG B 537 -41.34 -25.99 15.37
C ARG B 537 -41.45 -26.75 16.68
N ARG B 538 -41.16 -28.04 16.65
CA ARG B 538 -41.22 -28.88 17.84
C ARG B 538 -40.10 -28.55 18.83
N GLY B 539 -38.87 -28.32 18.34
CA GLY B 539 -37.74 -27.91 19.17
C GLY B 539 -37.91 -26.55 19.84
N ARG B 540 -38.79 -25.68 19.32
CA ARG B 540 -39.06 -24.42 19.99
C ARG B 540 -39.63 -24.62 21.39
N ALA B 541 -40.23 -25.78 21.64
CA ALA B 541 -40.86 -26.08 22.92
C ALA B 541 -39.92 -26.82 23.86
N GLY B 542 -38.73 -27.22 23.37
CA GLY B 542 -37.78 -27.96 24.18
C GLY B 542 -36.50 -27.24 24.56
N ARG B 543 -36.51 -25.92 24.71
CA ARG B 543 -35.27 -25.22 25.02
C ARG B 543 -35.01 -25.15 26.52
N VAL B 544 -36.03 -24.90 27.34
CA VAL B 544 -35.88 -24.81 28.79
C VAL B 544 -36.29 -26.10 29.49
N ARG B 545 -37.32 -26.79 29.03
CA ARG B 545 -37.76 -27.98 29.74
C ARG B 545 -38.48 -28.90 28.76
N PRO B 546 -38.75 -30.15 29.15
CA PRO B 546 -39.57 -30.98 28.28
C PRO B 546 -40.93 -30.33 28.07
N GLY B 547 -41.28 -30.15 26.80
CA GLY B 547 -42.51 -29.48 26.46
C GLY B 547 -43.44 -30.31 25.59
N ILE B 548 -44.42 -29.65 24.99
CA ILE B 548 -45.40 -30.29 24.14
C ILE B 548 -45.54 -29.48 22.86
N CYS B 549 -45.79 -30.18 21.78
CA CYS B 549 -46.12 -29.57 20.50
C CYS B 549 -47.43 -30.19 20.01
N TYR B 550 -48.47 -29.37 19.95
CA TYR B 550 -49.78 -29.82 19.50
C TYR B 550 -49.96 -29.49 18.03
N ASN B 551 -50.08 -30.52 17.19
CA ASN B 551 -50.18 -30.36 15.74
C ASN B 551 -51.63 -30.46 15.28
N LEU B 552 -52.15 -29.36 14.75
CA LEU B 552 -53.56 -29.30 14.36
C LEU B 552 -53.86 -29.91 12.99
N PHE B 553 -53.40 -31.13 12.75
CA PHE B 553 -53.73 -31.86 11.53
C PHE B 553 -53.53 -33.34 11.78
N SER B 554 -54.12 -34.16 10.94
CA SER B 554 -53.97 -35.59 11.14
C SER B 554 -52.57 -36.07 10.77
N ARG B 555 -52.23 -37.29 11.19
CA ARG B 555 -50.99 -37.88 10.71
C ARG B 555 -51.09 -38.17 9.22
N ALA B 556 -52.30 -38.38 8.71
CA ALA B 556 -52.45 -38.64 7.28
C ALA B 556 -52.14 -37.40 6.46
N ARG B 557 -52.39 -36.21 7.02
CA ARG B 557 -51.99 -34.97 6.37
C ARG B 557 -50.46 -34.85 6.34
N GLU B 558 -49.80 -35.14 7.46
CA GLU B 558 -48.35 -35.14 7.43
C GLU B 558 -47.80 -36.09 6.38
N ASP B 559 -48.45 -37.23 6.15
CA ASP B 559 -47.94 -38.13 5.12
C ASP B 559 -47.97 -37.49 3.74
N ARG B 560 -48.92 -36.58 3.49
CA ARG B 560 -49.00 -35.98 2.16
C ARG B 560 -48.19 -34.71 2.02
N MET B 561 -47.60 -34.20 3.10
CA MET B 561 -46.81 -32.99 3.04
C MET B 561 -45.45 -33.20 2.39
N ASP B 562 -44.92 -32.13 1.80
CA ASP B 562 -43.59 -32.13 1.21
C ASP B 562 -42.52 -32.40 2.28
N ASP B 563 -41.36 -32.89 1.82
CA ASP B 563 -40.23 -33.10 2.72
C ASP B 563 -39.68 -31.78 3.24
N ILE B 564 -39.26 -30.90 2.34
CA ILE B 564 -38.69 -29.63 2.74
C ILE B 564 -39.43 -28.59 1.93
N PRO B 565 -39.30 -27.30 2.22
CA PRO B 565 -39.90 -26.31 1.32
C PRO B 565 -39.22 -26.35 -0.05
N THR B 566 -39.89 -25.76 -1.03
CA THR B 566 -39.30 -25.55 -2.34
C THR B 566 -37.97 -24.84 -2.17
N PRO B 567 -36.88 -25.39 -2.67
CA PRO B 567 -35.61 -24.65 -2.66
C PRO B 567 -35.77 -23.25 -3.28
N GLU B 568 -35.30 -22.24 -2.57
CA GLU B 568 -35.67 -20.88 -2.97
C GLU B 568 -35.04 -20.43 -4.30
N ILE B 569 -33.93 -21.01 -4.74
CA ILE B 569 -33.35 -20.58 -6.03
C ILE B 569 -34.34 -20.87 -7.14
N LEU B 570 -35.26 -21.79 -6.92
CA LEU B 570 -36.27 -22.08 -7.91
C LEU B 570 -37.37 -21.01 -7.94
N ARG B 571 -37.47 -20.15 -6.93
CA ARG B 571 -38.53 -19.15 -6.85
C ARG B 571 -38.09 -17.75 -7.28
N SER B 572 -36.81 -17.56 -7.60
CA SER B 572 -36.23 -16.22 -7.74
C SER B 572 -36.08 -15.80 -9.19
N LYS B 573 -36.17 -14.48 -9.39
CA LYS B 573 -35.65 -13.84 -10.59
C LYS B 573 -34.14 -14.08 -10.61
N LEU B 574 -33.56 -14.23 -11.80
CA LEU B 574 -32.16 -14.67 -11.90
C LEU B 574 -31.21 -13.67 -12.53
N GLU B 575 -31.66 -12.47 -12.89
CA GLU B 575 -30.77 -11.48 -13.51
C GLU B 575 -29.62 -11.09 -12.58
N SER B 576 -29.88 -10.90 -11.28
CA SER B 576 -28.82 -10.45 -10.41
C SER B 576 -27.73 -11.50 -10.25
N ILE B 577 -28.10 -12.77 -10.03
CA ILE B 577 -27.11 -13.84 -9.92
C ILE B 577 -26.34 -14.04 -11.23
N ILE B 578 -27.05 -14.06 -12.37
CA ILE B 578 -26.39 -14.30 -13.65
C ILE B 578 -25.28 -13.29 -13.88
N LEU B 579 -25.53 -12.05 -13.45
CA LEU B 579 -24.57 -10.96 -13.64
C LEU B 579 -23.32 -11.16 -12.76
N SER B 580 -23.52 -11.44 -11.47
CA SER B 580 -22.41 -11.67 -10.55
C SER B 580 -21.44 -12.74 -11.07
N LEU B 581 -21.98 -13.83 -11.64
CA LEU B 581 -21.15 -14.93 -12.12
C LEU B 581 -20.18 -14.53 -13.22
N LYS B 582 -20.45 -13.42 -13.92
CA LYS B 582 -19.52 -12.94 -14.94
C LYS B 582 -18.24 -12.37 -14.32
N LEU B 583 -18.31 -11.87 -13.08
CA LEU B 583 -17.13 -11.38 -12.40
C LEU B 583 -16.24 -12.51 -11.90
N LEU B 584 -16.76 -13.74 -11.88
CA LEU B 584 -16.01 -14.96 -11.57
C LEU B 584 -15.69 -15.77 -12.82
N HIS B 585 -15.74 -15.14 -14.00
CA HIS B 585 -15.48 -15.81 -15.27
C HIS B 585 -16.30 -17.08 -15.43
N ILE B 586 -17.53 -17.04 -14.95
CA ILE B 586 -18.51 -18.07 -15.28
C ILE B 586 -19.45 -17.43 -16.28
N ASP B 587 -19.07 -17.54 -17.55
CA ASP B 587 -19.66 -16.74 -18.61
C ASP B 587 -20.93 -17.36 -19.16
N ASP B 588 -21.22 -18.61 -18.86
CA ASP B 588 -22.41 -19.27 -19.41
C ASP B 588 -23.35 -19.66 -18.28
N PRO B 589 -24.47 -18.96 -18.08
CA PRO B 589 -25.33 -19.24 -16.92
C PRO B 589 -26.14 -20.52 -17.04
N TYR B 590 -26.61 -20.88 -18.23
CA TYR B 590 -27.30 -22.16 -18.36
C TYR B 590 -26.41 -23.33 -17.92
N ARG B 591 -25.13 -23.33 -18.31
CA ARG B 591 -24.28 -24.46 -17.99
C ARG B 591 -23.95 -24.53 -16.50
N PHE B 592 -23.71 -23.39 -15.85
CA PHE B 592 -23.34 -23.46 -14.44
C PHE B 592 -24.54 -23.85 -13.59
N LEU B 593 -25.65 -23.12 -13.75
CA LEU B 593 -26.79 -23.21 -12.85
C LEU B 593 -27.46 -24.56 -12.84
N GLN B 594 -27.26 -25.34 -13.90
CA GLN B 594 -27.84 -26.66 -13.99
C GLN B 594 -27.10 -27.64 -13.10
N THR B 595 -25.87 -27.31 -12.73
CA THR B 595 -25.03 -28.12 -11.85
C THR B 595 -25.28 -27.87 -10.38
N LEU B 596 -26.35 -27.16 -10.03
CA LEU B 596 -26.70 -26.90 -8.64
C LEU B 596 -27.46 -28.12 -8.09
N ILE B 597 -27.72 -28.16 -6.78
CA ILE B 597 -28.41 -29.33 -6.24
C ILE B 597 -29.79 -29.46 -6.85
N ASN B 598 -30.57 -28.37 -6.83
CA ASN B 598 -31.81 -28.29 -7.61
C ASN B 598 -31.63 -27.15 -8.59
N ALA B 599 -31.73 -27.49 -9.88
CA ALA B 599 -31.46 -26.61 -11.00
C ALA B 599 -32.69 -25.75 -11.33
N PRO B 600 -32.49 -24.45 -11.56
CA PRO B 600 -33.60 -23.55 -11.91
C PRO B 600 -34.01 -23.66 -13.37
N ASN B 601 -35.24 -23.19 -13.63
CA ASN B 601 -35.86 -23.33 -14.95
C ASN B 601 -35.02 -22.58 -15.98
N PRO B 602 -34.55 -23.24 -17.04
CA PRO B 602 -33.78 -22.50 -18.07
C PRO B 602 -34.56 -21.39 -18.73
N GLU B 603 -35.89 -21.40 -18.71
CA GLU B 603 -36.65 -20.22 -19.11
C GLU B 603 -36.42 -19.09 -18.12
N ALA B 604 -36.18 -19.43 -16.84
CA ALA B 604 -35.85 -18.42 -15.85
C ALA B 604 -34.41 -17.92 -15.99
N ILE B 605 -33.47 -18.78 -16.43
CA ILE B 605 -32.12 -18.31 -16.74
C ILE B 605 -32.15 -17.40 -17.95
N LYS B 606 -32.90 -17.80 -18.96
CA LYS B 606 -33.09 -16.92 -20.11
C LYS B 606 -33.75 -15.62 -19.69
N MET B 607 -34.76 -15.71 -18.80
CA MET B 607 -35.49 -14.52 -18.39
C MET B 607 -34.57 -13.51 -17.72
N GLY B 608 -33.50 -13.98 -17.09
CA GLY B 608 -32.54 -13.06 -16.59
C GLY B 608 -31.84 -12.35 -17.74
N VAL B 609 -31.23 -13.13 -18.66
CA VAL B 609 -30.36 -12.53 -19.68
C VAL B 609 -31.08 -11.44 -20.44
N GLU B 610 -32.36 -11.62 -20.73
CA GLU B 610 -33.08 -10.62 -21.51
C GLU B 610 -33.34 -9.35 -20.71
N LEU B 611 -33.67 -9.47 -19.42
CA LEU B 611 -33.73 -8.28 -18.58
C LEU B 611 -32.41 -7.53 -18.67
N LEU B 612 -31.31 -8.26 -18.52
CA LEU B 612 -30.00 -7.61 -18.48
C LEU B 612 -29.64 -7.05 -19.84
N LYS B 613 -30.03 -7.72 -20.90
CA LYS B 613 -29.84 -7.15 -22.23
C LYS B 613 -30.66 -5.88 -22.40
N ARG B 614 -31.86 -5.83 -21.80
CA ARG B 614 -32.73 -4.67 -21.97
C ARG B 614 -32.16 -3.44 -21.25
N ILE B 615 -31.68 -3.64 -20.02
CA ILE B 615 -30.99 -2.60 -19.28
C ILE B 615 -29.53 -2.46 -19.69
N GLU B 616 -29.04 -3.34 -20.57
CA GLU B 616 -27.73 -3.21 -21.24
C GLU B 616 -26.54 -3.52 -20.34
N ALA B 617 -26.72 -4.45 -19.39
CA ALA B 617 -25.60 -5.02 -18.65
C ALA B 617 -24.91 -6.11 -19.44
N LEU B 618 -25.62 -6.75 -20.35
CA LEU B 618 -25.04 -7.58 -21.39
C LEU B 618 -25.48 -6.98 -22.71
N ASP B 619 -24.63 -7.09 -23.71
CA ASP B 619 -24.97 -6.68 -25.06
C ASP B 619 -25.62 -7.85 -25.79
N GLN B 620 -25.74 -7.77 -27.12
CA GLN B 620 -26.49 -8.79 -27.85
C GLN B 620 -25.81 -10.14 -27.81
N THR B 621 -24.47 -10.17 -27.84
CA THR B 621 -23.74 -11.41 -27.62
C THR B 621 -24.02 -12.02 -26.26
N GLY B 622 -24.48 -11.22 -25.30
CA GLY B 622 -24.58 -11.65 -23.93
C GLY B 622 -23.31 -11.46 -23.12
N THR B 623 -22.29 -10.82 -23.69
CA THR B 623 -21.05 -10.53 -22.99
C THR B 623 -21.27 -9.37 -22.02
N LEU B 624 -20.52 -9.39 -20.92
CA LEU B 624 -20.65 -8.31 -19.95
C LEU B 624 -20.33 -6.98 -20.62
N THR B 625 -21.09 -5.97 -20.29
CA THR B 625 -20.78 -4.63 -20.77
C THR B 625 -20.12 -3.83 -19.68
N PRO B 626 -19.49 -2.70 -20.00
CA PRO B 626 -18.85 -1.92 -18.93
C PRO B 626 -19.84 -1.38 -17.91
N LEU B 627 -21.05 -1.02 -18.35
CA LEU B 627 -22.11 -0.77 -17.39
C LEU B 627 -22.31 -2.00 -16.52
N GLY B 628 -22.50 -3.16 -17.15
CA GLY B 628 -22.75 -4.39 -16.44
C GLY B 628 -21.66 -4.77 -15.46
N MET B 629 -20.41 -4.37 -15.72
CA MET B 629 -19.37 -4.63 -14.74
C MET B 629 -19.57 -3.77 -13.48
N HIS B 630 -19.93 -2.50 -13.65
CA HIS B 630 -20.22 -1.65 -12.50
C HIS B 630 -21.37 -2.19 -11.66
N LEU B 631 -22.42 -2.70 -12.32
CA LEU B 631 -23.59 -3.21 -11.59
C LEU B 631 -23.27 -4.49 -10.84
N ALA B 632 -22.58 -5.41 -11.50
CA ALA B 632 -22.21 -6.65 -10.84
C ALA B 632 -21.39 -6.39 -9.59
N LYS B 633 -20.70 -5.24 -9.53
CA LYS B 633 -19.90 -4.79 -8.40
C LYS B 633 -20.67 -3.95 -7.36
N LEU B 634 -22.02 -3.88 -7.42
CA LEU B 634 -22.86 -3.19 -6.42
C LEU B 634 -23.79 -4.16 -5.72
N PRO B 635 -24.03 -4.02 -4.33
CA PRO B 635 -24.87 -4.98 -3.59
C PRO B 635 -26.39 -4.81 -3.69
N ILE B 636 -26.92 -4.72 -4.92
CA ILE B 636 -28.33 -4.44 -5.12
C ILE B 636 -28.68 -4.86 -6.53
N ASP B 637 -29.97 -5.21 -6.75
CA ASP B 637 -30.41 -5.69 -8.05
C ASP B 637 -29.93 -4.77 -9.17
N PRO B 638 -29.55 -5.32 -10.32
CA PRO B 638 -28.90 -4.50 -11.34
C PRO B 638 -29.75 -3.34 -11.79
N GLN B 639 -31.08 -3.46 -11.68
CA GLN B 639 -31.97 -2.36 -12.01
C GLN B 639 -31.79 -1.17 -11.08
N MET B 640 -31.94 -1.38 -9.76
CA MET B 640 -31.76 -0.30 -8.79
C MET B 640 -30.32 0.15 -8.66
N GLY B 641 -29.37 -0.76 -8.87
CA GLY B 641 -27.99 -0.33 -9.11
C GLY B 641 -27.88 0.66 -10.25
N LYS B 642 -28.56 0.39 -11.37
CA LYS B 642 -28.61 1.34 -12.49
C LYS B 642 -29.27 2.67 -12.11
N MET B 643 -30.32 2.60 -11.29
CA MET B 643 -30.97 3.81 -10.80
C MET B 643 -30.02 4.68 -9.97
N ILE B 644 -29.33 4.07 -8.99
CA ILE B 644 -28.34 4.77 -8.17
C ILE B 644 -27.31 5.50 -9.03
N LEU B 645 -26.78 4.83 -10.06
CA LEU B 645 -25.80 5.45 -10.94
C LEU B 645 -26.35 6.70 -11.62
N MET B 646 -27.59 6.65 -12.12
CA MET B 646 -28.20 7.82 -12.73
C MET B 646 -28.18 8.97 -11.76
N SER B 647 -28.51 8.70 -10.50
CA SER B 647 -28.62 9.74 -9.50
C SER B 647 -27.30 10.44 -9.21
N ALA B 648 -26.17 9.80 -9.51
CA ALA B 648 -24.89 10.49 -9.43
C ALA B 648 -24.69 11.45 -10.60
N LEU B 649 -24.92 10.94 -11.81
CA LEU B 649 -24.78 11.72 -13.03
C LEU B 649 -25.82 12.81 -13.19
N PHE B 650 -26.93 12.75 -12.44
CA PHE B 650 -27.99 13.76 -12.48
C PHE B 650 -28.17 14.45 -11.14
N CYS B 651 -27.30 14.19 -10.15
CA CYS B 651 -27.19 14.99 -8.92
C CYS B 651 -28.44 14.96 -8.04
N CYS B 652 -29.02 13.77 -7.84
CA CYS B 652 -30.07 13.62 -6.83
C CYS B 652 -29.83 12.37 -5.99
N LEU B 653 -28.57 12.21 -5.54
CA LEU B 653 -28.12 10.95 -4.95
C LEU B 653 -28.92 10.58 -3.71
N ASP B 654 -29.18 11.55 -2.83
CA ASP B 654 -29.74 11.26 -1.51
C ASP B 654 -31.16 10.71 -1.61
N PRO B 655 -32.13 11.36 -2.29
CA PRO B 655 -33.46 10.74 -2.37
C PRO B 655 -33.49 9.45 -3.16
N ILE B 656 -32.64 9.31 -4.17
CA ILE B 656 -32.68 8.11 -5.00
C ILE B 656 -32.16 6.90 -4.22
N THR B 657 -31.04 7.06 -3.50
CA THR B 657 -30.52 5.95 -2.67
C THR B 657 -31.43 5.62 -1.49
N SER B 658 -32.25 6.55 -1.01
CA SER B 658 -33.32 6.20 -0.07
C SER B 658 -34.35 5.31 -0.75
N ALA B 659 -34.76 5.71 -1.96
CA ALA B 659 -35.70 4.90 -2.72
C ALA B 659 -35.17 3.47 -2.87
N ALA B 660 -33.90 3.35 -3.27
CA ALA B 660 -33.30 2.06 -3.58
C ALA B 660 -33.11 1.20 -2.34
N ALA B 661 -32.61 1.79 -1.25
CA ALA B 661 -32.35 1.01 -0.04
C ALA B 661 -33.63 0.39 0.51
N ALA B 662 -34.77 1.09 0.39
CA ALA B 662 -36.01 0.54 0.92
C ALA B 662 -36.53 -0.64 0.07
N LEU B 663 -36.49 -0.51 -1.26
CA LEU B 663 -36.97 -1.61 -2.10
C LEU B 663 -36.12 -2.86 -1.99
N SER B 664 -34.81 -2.70 -1.79
CA SER B 664 -33.92 -3.82 -1.62
C SER B 664 -34.21 -4.49 -0.29
N PHE B 665 -34.08 -3.72 0.79
CA PHE B 665 -34.27 -4.13 2.16
C PHE B 665 -35.74 -3.95 2.48
N LYS B 666 -36.16 -2.83 3.09
CA LYS B 666 -37.56 -2.82 3.46
C LYS B 666 -38.03 -1.46 3.96
N SER B 667 -39.37 -1.33 4.08
CA SER B 667 -40.07 -0.11 4.46
C SER B 667 -40.10 0.07 5.96
N PRO B 668 -39.64 1.22 6.46
CA PRO B 668 -39.44 1.41 7.91
C PRO B 668 -40.72 1.44 8.77
N PHE B 669 -41.91 1.34 8.20
CA PHE B 669 -43.13 1.53 8.97
C PHE B 669 -43.62 0.20 9.55
N TYR B 670 -43.87 0.17 10.86
CA TYR B 670 -44.59 -0.96 11.43
C TYR B 670 -46.04 -0.92 10.95
N SER B 671 -46.79 -1.95 11.33
CA SER B 671 -48.24 -1.98 11.16
C SER B 671 -48.77 -2.72 12.38
N PRO B 672 -48.78 -2.07 13.54
CA PRO B 672 -49.21 -2.78 14.76
C PRO B 672 -50.71 -3.03 14.77
N LEU B 673 -51.10 -4.08 15.47
CA LEU B 673 -52.51 -4.49 15.45
C LEU B 673 -53.45 -3.39 15.92
N GLY B 674 -54.52 -3.20 15.16
CA GLY B 674 -55.55 -2.24 15.46
C GLY B 674 -55.29 -0.85 14.93
N LYS B 675 -54.04 -0.42 14.89
CA LYS B 675 -53.75 0.97 14.57
C LYS B 675 -53.59 1.27 13.08
N GLU B 676 -53.99 0.34 12.19
CA GLU B 676 -53.71 0.51 10.75
C GLU B 676 -54.37 1.78 10.16
N SER B 677 -55.54 2.17 10.68
CA SER B 677 -56.20 3.39 10.21
C SER B 677 -55.33 4.63 10.44
N ARG B 678 -54.69 4.72 11.61
CA ARG B 678 -53.79 5.81 11.89
C ARG B 678 -52.51 5.72 11.06
N VAL B 679 -52.10 4.52 10.66
CA VAL B 679 -50.82 4.40 9.96
C VAL B 679 -50.93 4.94 8.55
N ASP B 680 -52.05 4.69 7.88
CA ASP B 680 -52.29 5.26 6.56
C ASP B 680 -52.19 6.79 6.61
N GLU B 681 -52.88 7.41 7.57
CA GLU B 681 -52.77 8.85 7.71
C GLU B 681 -51.33 9.27 7.94
N ILE B 682 -50.57 8.46 8.66
CA ILE B 682 -49.16 8.77 8.90
C ILE B 682 -48.35 8.65 7.62
N LYS B 683 -48.64 7.62 6.81
CA LYS B 683 -47.98 7.55 5.50
C LYS B 683 -48.49 8.64 4.57
N ARG B 684 -49.79 8.93 4.60
CA ARG B 684 -50.28 10.03 3.77
C ARG B 684 -49.51 11.31 4.09
N ARG B 685 -49.25 11.57 5.39
CA ARG B 685 -48.65 12.82 5.83
C ARG B 685 -47.14 12.86 5.58
N MET B 686 -46.47 11.72 5.74
CA MET B 686 -45.06 11.64 5.34
C MET B 686 -44.90 11.76 3.83
N ALA B 687 -45.93 11.39 3.07
CA ALA B 687 -45.83 11.42 1.63
C ALA B 687 -45.83 12.81 1.07
N ARG B 688 -46.24 13.81 1.84
CA ARG B 688 -46.24 15.20 1.40
C ARG B 688 -46.99 15.35 0.08
N ASN B 689 -48.01 14.52 -0.11
CA ASN B 689 -48.92 14.55 -1.24
C ASN B 689 -48.23 14.39 -2.61
N MET B 690 -47.00 13.85 -2.63
CA MET B 690 -46.26 13.65 -3.87
C MET B 690 -46.63 12.36 -4.59
N ARG B 691 -47.53 11.55 -4.05
CA ARG B 691 -48.08 10.38 -4.76
C ARG B 691 -47.01 9.32 -5.12
N SER B 692 -46.08 9.07 -4.20
CA SER B 692 -45.03 8.09 -4.45
C SER B 692 -44.64 7.40 -3.15
N ASP B 693 -44.76 6.08 -3.14
CA ASP B 693 -44.32 5.33 -1.98
C ASP B 693 -42.81 5.46 -1.76
N HIS B 694 -42.04 5.56 -2.85
CA HIS B 694 -40.58 5.57 -2.72
C HIS B 694 -40.06 6.91 -2.23
N LEU B 695 -40.55 8.02 -2.79
CA LEU B 695 -40.14 9.30 -2.23
C LEU B 695 -40.60 9.43 -0.77
N MET B 696 -41.68 8.75 -0.40
CA MET B 696 -42.23 8.85 0.96
C MET B 696 -41.23 8.34 1.99
N VAL B 697 -40.64 7.16 1.74
CA VAL B 697 -39.60 6.67 2.64
C VAL B 697 -38.44 7.67 2.70
N HIS B 698 -38.08 8.29 1.56
CA HIS B 698 -37.04 9.32 1.64
C HIS B 698 -37.45 10.43 2.59
N ASN B 699 -38.69 10.92 2.44
CA ASN B 699 -39.23 11.92 3.35
C ASN B 699 -39.18 11.49 4.83
N THR B 700 -39.67 10.28 5.11
CA THR B 700 -39.54 9.73 6.46
C THR B 700 -38.08 9.79 6.93
N ILE B 701 -37.14 9.43 6.06
CA ILE B 701 -35.74 9.43 6.48
C ILE B 701 -35.27 10.87 6.73
N ILE B 702 -35.76 11.85 5.95
CA ILE B 702 -35.41 13.24 6.22
C ILE B 702 -35.90 13.65 7.60
N ALA B 703 -37.10 13.19 7.96
CA ALA B 703 -37.65 13.40 9.30
C ALA B 703 -36.82 12.72 10.39
N TYR B 704 -36.42 11.45 10.17
CA TYR B 704 -35.64 10.77 11.20
C TYR B 704 -34.33 11.52 11.46
N ARG B 705 -33.66 11.99 10.40
CA ARG B 705 -32.37 12.63 10.58
C ARG B 705 -32.46 13.89 11.43
N ASP B 706 -33.47 14.74 11.16
CA ASP B 706 -33.70 15.94 11.96
C ASP B 706 -34.04 15.60 13.41
N SER B 707 -34.72 14.47 13.65
CA SER B 707 -35.06 14.08 15.02
C SER B 707 -33.85 13.62 15.83
N ARG B 708 -32.83 13.04 15.19
CA ARG B 708 -31.57 12.77 15.87
C ARG B 708 -30.81 14.06 16.16
N TYR B 709 -30.93 15.03 15.26
CA TYR B 709 -30.35 16.33 15.48
C TYR B 709 -31.07 17.07 16.58
N SER B 710 -32.34 16.74 16.78
CA SER B 710 -33.19 17.39 17.77
C SER B 710 -33.13 16.72 19.13
N HIS B 711 -32.43 15.60 19.22
CA HIS B 711 -32.54 14.73 20.39
C HIS B 711 -34.00 14.37 20.64
N ALA B 712 -34.76 14.20 19.55
CA ALA B 712 -36.15 13.75 19.63
C ALA B 712 -36.34 12.39 18.95
N GLU B 713 -35.29 11.57 18.90
CA GLU B 713 -35.40 10.28 18.22
C GLU B 713 -36.52 9.42 18.80
N ARG B 714 -36.43 9.10 20.11
CA ARG B 714 -37.42 8.23 20.73
C ARG B 714 -38.83 8.79 20.52
N ASP B 715 -39.07 10.01 21.01
CA ASP B 715 -40.39 10.60 20.83
C ASP B 715 -40.82 10.59 19.37
N PHE B 716 -39.92 10.94 18.44
CA PHE B 716 -40.30 10.91 17.03
C PHE B 716 -40.71 9.51 16.58
N CYS B 717 -39.98 8.47 17.01
CA CYS B 717 -40.27 7.14 16.48
C CYS B 717 -41.54 6.53 17.07
N TYR B 718 -41.86 6.80 18.32
CA TYR B 718 -43.13 6.31 18.82
C TYR B 718 -44.32 7.03 18.17
N LYS B 719 -44.17 8.32 17.83
CA LYS B 719 -45.26 9.10 17.21
C LYS B 719 -45.68 8.56 15.83
N ASN B 720 -44.73 8.10 15.01
CA ASN B 720 -45.03 7.75 13.63
C ASN B 720 -44.98 6.25 13.34
N PHE B 721 -45.01 5.40 14.36
CA PHE B 721 -44.96 3.93 14.18
C PHE B 721 -43.75 3.53 13.34
N LEU B 722 -42.61 4.11 13.70
CA LEU B 722 -41.38 3.94 12.93
C LEU B 722 -40.39 3.14 13.75
N SER B 723 -39.63 2.32 13.03
CA SER B 723 -38.59 1.45 13.58
C SER B 723 -37.22 2.10 13.49
N SER B 724 -36.57 2.31 14.62
CA SER B 724 -35.26 2.92 14.61
C SER B 724 -34.19 2.00 14.04
N MET B 725 -34.32 0.69 14.29
CA MET B 725 -33.34 -0.28 13.82
C MET B 725 -33.26 -0.24 12.30
N THR B 726 -34.42 -0.38 11.64
CA THR B 726 -34.45 -0.42 10.19
C THR B 726 -33.81 0.84 9.59
N LEU B 727 -34.25 2.01 10.09
CA LEU B 727 -33.83 3.29 9.54
C LEU B 727 -32.33 3.45 9.64
N GLN B 728 -31.76 2.93 10.73
CA GLN B 728 -30.31 2.97 10.85
C GLN B 728 -29.64 2.11 9.81
N GLN B 729 -30.25 0.98 9.46
CA GLN B 729 -29.63 0.15 8.44
C GLN B 729 -29.80 0.77 7.07
N LEU B 730 -30.98 1.34 6.79
CA LEU B 730 -31.18 2.19 5.62
C LEU B 730 -30.17 3.35 5.53
N GLU B 731 -29.83 3.98 6.65
CA GLU B 731 -28.82 5.04 6.56
C GLU B 731 -27.42 4.47 6.26
N ARG B 732 -27.11 3.28 6.80
CA ARG B 732 -25.81 2.66 6.51
C ARG B 732 -25.76 2.13 5.08
N MET B 733 -26.88 1.60 4.58
CA MET B 733 -26.96 1.15 3.20
C MET B 733 -26.73 2.31 2.24
N LYS B 734 -27.33 3.47 2.51
CA LYS B 734 -27.13 4.64 1.64
C LYS B 734 -25.68 5.11 1.66
N ASN B 735 -25.07 5.21 2.84
CA ASN B 735 -23.66 5.59 2.82
C ASN B 735 -22.83 4.55 2.06
N GLN B 736 -23.14 3.28 2.24
CA GLN B 736 -22.49 2.27 1.41
C GLN B 736 -22.67 2.55 -0.08
N PHE B 737 -23.87 2.95 -0.50
CA PHE B 737 -24.05 3.26 -1.91
C PHE B 737 -23.18 4.44 -2.32
N SER B 738 -23.22 5.55 -1.55
CA SER B 738 -22.46 6.72 -1.97
C SER B 738 -20.96 6.45 -1.92
N GLU B 739 -20.51 5.62 -0.97
CA GLU B 739 -19.09 5.31 -0.85
C GLU B 739 -18.58 4.48 -2.03
N LEU B 740 -19.28 3.38 -2.35
CA LEU B 740 -18.91 2.57 -3.51
C LEU B 740 -18.85 3.44 -4.76
N LEU B 741 -19.88 4.22 -5.00
CA LEU B 741 -19.93 5.13 -6.15
C LEU B 741 -18.77 6.10 -6.17
N TYR B 742 -18.31 6.56 -4.99
CA TYR B 742 -17.16 7.45 -4.96
C TYR B 742 -15.88 6.70 -5.37
N ASN B 743 -15.70 5.47 -4.88
CA ASN B 743 -14.52 4.67 -5.24
C ASN B 743 -14.46 4.35 -6.73
N TYR B 744 -15.61 4.14 -7.37
CA TYR B 744 -15.67 3.86 -8.79
C TYR B 744 -15.48 5.13 -9.59
N LYS B 745 -15.34 6.27 -8.90
CA LYS B 745 -15.11 7.57 -9.52
C LYS B 745 -16.37 8.11 -10.21
N PHE B 746 -17.55 7.86 -9.65
CA PHE B 746 -18.77 8.46 -10.18
C PHE B 746 -19.24 9.67 -9.36
N LEU B 747 -18.68 9.83 -8.17
CA LEU B 747 -18.96 10.94 -7.29
C LEU B 747 -17.65 11.59 -6.85
N ALA B 748 -17.75 12.89 -6.57
CA ALA B 748 -16.64 13.61 -5.98
C ALA B 748 -16.59 13.45 -4.46
N SER B 749 -17.70 13.04 -3.83
CA SER B 749 -17.78 12.89 -2.37
C SER B 749 -18.55 11.63 -1.96
N SER B 750 -17.95 10.86 -1.03
CA SER B 750 -18.51 9.63 -0.45
C SER B 750 -19.71 9.89 0.46
N ASN B 751 -20.03 11.15 0.76
CA ASN B 751 -21.21 11.48 1.54
C ASN B 751 -22.41 11.47 0.59
N CYS B 752 -23.48 10.76 0.97
CA CYS B 752 -24.65 10.85 0.10
C CYS B 752 -25.43 12.13 0.36
N LYS B 753 -25.10 12.86 1.39
CA LYS B 753 -25.79 14.10 1.68
C LYS B 753 -25.10 15.28 1.04
N ASP B 754 -23.90 15.09 0.48
CA ASP B 754 -23.10 16.20 -0.01
C ASP B 754 -23.90 17.08 -0.96
N ALA B 755 -23.69 18.39 -0.84
CA ALA B 755 -24.48 19.33 -1.61
C ALA B 755 -24.24 19.16 -3.10
N ALA B 756 -22.98 18.92 -3.50
CA ALA B 756 -22.64 18.87 -4.91
C ALA B 756 -23.33 17.71 -5.64
N SER B 757 -23.41 16.53 -5.00
CA SER B 757 -24.09 15.30 -5.42
C SER B 757 -25.61 15.44 -5.46
N ASN B 758 -26.17 16.60 -5.04
CA ASN B 758 -27.59 16.72 -4.70
C ASN B 758 -28.24 18.00 -5.18
N LYS B 759 -27.63 18.73 -6.13
CA LYS B 759 -28.13 20.03 -6.55
C LYS B 759 -29.58 19.96 -7.00
N ASN B 760 -30.03 18.78 -7.44
CA ASN B 760 -31.36 18.61 -8.00
C ASN B 760 -32.29 17.77 -7.13
N SER B 761 -31.93 17.50 -5.86
CA SER B 761 -32.66 16.55 -5.01
C SER B 761 -34.01 17.05 -4.55
N GLU B 762 -34.35 18.28 -4.90
CA GLU B 762 -35.66 18.89 -4.66
C GLU B 762 -36.44 19.08 -5.94
N LYS B 763 -35.89 18.68 -7.08
CA LYS B 763 -36.58 18.82 -8.34
C LYS B 763 -37.41 17.56 -8.51
N ILE B 764 -38.65 17.63 -8.04
CA ILE B 764 -39.48 16.42 -7.99
C ILE B 764 -39.70 15.82 -9.35
N PRO B 765 -40.04 16.57 -10.41
CA PRO B 765 -40.29 15.91 -11.69
C PRO B 765 -39.10 15.12 -12.17
N LEU B 766 -37.91 15.56 -11.72
CA LEU B 766 -36.65 14.89 -12.01
C LEU B 766 -36.50 13.60 -11.21
N LEU B 767 -36.80 13.64 -9.89
CA LEU B 767 -36.70 12.41 -9.09
C LEU B 767 -37.60 11.34 -9.66
N ARG B 768 -38.80 11.71 -10.09
CA ARG B 768 -39.65 10.76 -10.75
C ARG B 768 -38.97 10.20 -11.99
N ALA B 769 -38.17 11.02 -12.66
CA ALA B 769 -37.54 10.57 -13.90
C ALA B 769 -36.44 9.57 -13.64
N ILE B 770 -35.72 9.73 -12.52
CA ILE B 770 -34.69 8.77 -12.16
C ILE B 770 -35.30 7.53 -11.51
N ILE B 771 -36.37 7.70 -10.71
CA ILE B 771 -37.11 6.55 -10.14
C ILE B 771 -37.71 5.69 -11.24
N GLY B 772 -38.43 6.30 -12.19
CA GLY B 772 -38.98 5.55 -13.32
C GLY B 772 -37.91 4.88 -14.14
N ALA B 773 -36.71 5.48 -14.19
CA ALA B 773 -35.58 4.87 -14.86
C ALA B 773 -35.21 3.52 -14.23
N GLY B 774 -35.44 3.33 -12.94
CA GLY B 774 -35.08 2.07 -12.32
C GLY B 774 -36.16 1.01 -12.36
N LEU B 775 -37.43 1.42 -12.18
CA LEU B 775 -38.55 0.48 -12.14
C LEU B 775 -39.17 0.21 -13.50
N TYR B 776 -38.87 1.02 -14.52
CA TYR B 776 -39.27 0.70 -15.89
C TYR B 776 -38.77 -0.68 -16.29
N PRO B 777 -39.57 -1.50 -16.94
CA PRO B 777 -40.87 -1.21 -17.52
C PRO B 777 -42.09 -1.73 -16.77
N ASN B 778 -42.03 -1.61 -15.45
CA ASN B 778 -43.21 -1.84 -14.62
C ASN B 778 -44.03 -0.57 -14.63
N MET B 779 -44.96 -0.48 -15.59
CA MET B 779 -45.79 0.70 -15.74
C MET B 779 -47.25 0.32 -15.64
N ALA B 780 -48.07 1.21 -15.12
CA ALA B 780 -49.51 1.02 -15.07
C ALA B 780 -50.18 2.30 -15.51
N HIS B 781 -51.40 2.20 -16.01
CA HIS B 781 -52.17 3.37 -16.42
C HIS B 781 -53.54 3.33 -15.75
N LEU B 782 -53.93 4.46 -15.18
CA LEU B 782 -55.20 4.59 -14.48
C LEU B 782 -56.11 5.38 -15.39
N ARG B 783 -57.32 4.87 -15.64
CA ARG B 783 -58.18 5.50 -16.64
C ARG B 783 -59.48 6.05 -16.11
N LYS B 784 -59.84 5.74 -14.87
CA LYS B 784 -61.07 6.28 -14.32
C LYS B 784 -60.91 6.45 -12.82
N SER B 785 -61.65 7.41 -12.27
CA SER B 785 -61.73 7.59 -10.82
C SER B 785 -63.19 7.88 -10.50
N ARG B 786 -63.71 7.26 -9.45
CA ARG B 786 -65.10 7.41 -9.05
C ARG B 786 -65.16 7.63 -7.54
N GLN B 787 -66.33 8.03 -7.06
CA GLN B 787 -66.55 8.27 -5.64
C GLN B 787 -67.95 7.85 -5.26
N ARG B 793 -62.65 8.07 -0.15
CA ARG B 793 -61.76 7.28 -0.99
C ARG B 793 -62.40 7.11 -2.37
N ALA B 794 -61.58 6.75 -3.36
CA ALA B 794 -62.03 6.65 -4.74
C ALA B 794 -61.73 5.27 -5.32
N ILE B 795 -62.60 4.83 -6.24
CA ILE B 795 -62.44 3.57 -6.96
C ILE B 795 -61.57 3.82 -8.19
N HIS B 796 -60.74 2.84 -8.54
CA HIS B 796 -59.73 2.99 -9.58
C HIS B 796 -59.96 2.00 -10.69
N THR B 797 -59.98 2.48 -11.93
CA THR B 797 -59.99 1.63 -13.12
C THR B 797 -58.61 1.76 -13.77
N MET B 798 -57.72 0.83 -13.42
CA MET B 798 -56.31 0.93 -13.77
C MET B 798 -55.82 -0.41 -14.26
N ALA B 799 -54.89 -0.40 -15.20
CA ALA B 799 -54.29 -1.62 -15.68
C ALA B 799 -52.80 -1.39 -15.88
N THR B 800 -52.01 -2.44 -15.66
CA THR B 800 -50.61 -2.43 -16.07
C THR B 800 -50.48 -2.51 -17.60
N ASP B 801 -49.24 -2.39 -18.08
CA ASP B 801 -48.97 -2.37 -19.52
C ASP B 801 -49.24 -3.71 -20.20
N ASP B 802 -49.45 -4.79 -19.44
CA ASP B 802 -49.82 -6.06 -20.05
C ASP B 802 -51.32 -6.23 -20.23
N GLY B 803 -52.12 -5.28 -19.75
CA GLY B 803 -53.54 -5.26 -19.98
C GLY B 803 -54.37 -5.64 -18.79
N ARG B 804 -53.77 -6.20 -17.76
CA ARG B 804 -54.49 -6.71 -16.60
C ARG B 804 -54.90 -5.62 -15.63
N ARG B 805 -56.11 -5.75 -15.08
CA ARG B 805 -56.60 -4.79 -14.12
C ARG B 805 -55.91 -5.00 -12.78
N VAL B 806 -55.31 -3.92 -12.23
CA VAL B 806 -54.64 -3.94 -10.93
C VAL B 806 -55.16 -2.80 -10.07
N ASN B 807 -54.69 -2.78 -8.84
CA ASN B 807 -54.92 -1.66 -7.94
C ASN B 807 -53.66 -1.38 -7.16
N PHE B 808 -53.66 -0.23 -6.50
CA PHE B 808 -52.66 0.00 -5.49
C PHE B 808 -52.96 -0.89 -4.29
N HIS B 809 -51.92 -1.51 -3.76
CA HIS B 809 -52.12 -2.22 -2.52
C HIS B 809 -52.57 -1.24 -1.45
N PRO B 810 -53.50 -1.64 -0.59
CA PRO B 810 -54.01 -0.76 0.46
C PRO B 810 -52.97 -0.14 1.36
N SER B 811 -51.79 -0.75 1.45
CA SER B 811 -50.70 -0.12 2.21
C SER B 811 -50.07 1.05 1.46
N SER B 812 -50.17 1.07 0.13
CA SER B 812 -49.60 2.12 -0.70
C SER B 812 -50.35 3.44 -0.50
N VAL B 813 -49.62 4.58 -0.55
CA VAL B 813 -50.24 5.89 -0.30
C VAL B 813 -51.07 6.37 -1.47
N ASN B 814 -51.18 5.59 -2.53
CA ASN B 814 -52.05 5.94 -3.64
C ASN B 814 -53.39 5.22 -3.58
N SER B 815 -53.54 4.29 -2.63
CA SER B 815 -54.82 3.67 -2.33
C SER B 815 -55.83 4.75 -1.97
N GLY B 816 -56.93 4.82 -2.73
CA GLY B 816 -58.04 5.71 -2.44
C GLY B 816 -57.87 7.17 -2.80
N GLU B 817 -56.65 7.61 -3.11
CA GLU B 817 -56.41 9.03 -3.39
C GLU B 817 -57.00 9.41 -4.74
N SER B 818 -57.25 10.72 -4.91
CA SER B 818 -58.02 11.17 -6.07
C SER B 818 -57.35 12.24 -6.92
N GLY B 819 -56.64 13.20 -6.33
CA GLY B 819 -56.03 14.29 -7.07
C GLY B 819 -54.74 14.00 -7.80
N PHE B 820 -54.73 13.03 -8.71
CA PHE B 820 -53.52 12.64 -9.44
C PHE B 820 -53.19 13.63 -10.57
N ASP B 821 -51.95 14.13 -10.62
CA ASP B 821 -51.48 14.98 -11.73
C ASP B 821 -51.13 14.20 -12.98
N SER B 822 -50.97 12.89 -12.90
CA SER B 822 -50.66 12.03 -14.03
C SER B 822 -51.41 10.73 -13.84
N ALA B 823 -51.72 10.04 -14.95
CA ALA B 823 -52.42 8.76 -14.83
C ALA B 823 -51.47 7.57 -14.94
N TYR B 824 -50.16 7.80 -15.02
CA TYR B 824 -49.14 6.79 -15.25
C TYR B 824 -48.28 6.60 -14.01
N PHE B 825 -48.02 5.34 -13.66
CA PHE B 825 -47.36 5.00 -12.41
C PHE B 825 -46.30 3.92 -12.67
N VAL B 826 -45.22 4.00 -11.92
CA VAL B 826 -44.24 2.92 -11.89
C VAL B 826 -44.34 2.22 -10.54
N TYR B 827 -43.99 0.94 -10.54
CA TYR B 827 -44.13 0.13 -9.36
C TYR B 827 -42.94 -0.82 -9.29
N PHE B 828 -42.61 -1.29 -8.08
CA PHE B 828 -41.55 -2.30 -7.95
C PHE B 828 -42.11 -3.72 -8.02
N GLN B 829 -43.02 -4.07 -7.12
CA GLN B 829 -43.61 -5.39 -7.07
C GLN B 829 -45.12 -5.35 -7.27
N ARG B 830 -45.62 -6.21 -8.16
CA ARG B 830 -47.04 -6.51 -8.29
C ARG B 830 -47.29 -7.91 -7.76
N GLN B 831 -48.45 -8.12 -7.15
CA GLN B 831 -48.72 -9.40 -6.52
C GLN B 831 -50.24 -9.60 -6.43
N LYS B 832 -50.67 -10.87 -6.57
CA LYS B 832 -52.08 -11.23 -6.40
C LYS B 832 -52.30 -11.90 -5.05
N SER B 833 -53.24 -11.36 -4.25
CA SER B 833 -53.81 -12.09 -3.11
C SER B 833 -55.32 -12.18 -3.20
N THR B 834 -56.04 -11.12 -2.85
CA THR B 834 -57.47 -11.01 -3.08
C THR B 834 -57.75 -10.20 -4.32
N ASP B 835 -56.69 -9.68 -4.93
CA ASP B 835 -56.78 -8.90 -6.16
C ASP B 835 -55.34 -8.76 -6.63
N LEU B 836 -55.17 -8.27 -7.85
CA LEU B 836 -53.85 -7.98 -8.37
C LEU B 836 -53.50 -6.56 -7.96
N PHE B 837 -52.54 -6.43 -7.03
CA PHE B 837 -52.15 -5.19 -6.42
C PHE B 837 -50.70 -4.83 -6.74
N LEU B 838 -50.45 -3.53 -6.82
CA LEU B 838 -49.10 -2.99 -6.86
C LEU B 838 -48.64 -2.68 -5.43
N LEU B 839 -47.58 -3.36 -4.97
CA LEU B 839 -47.22 -3.25 -3.55
C LEU B 839 -46.63 -1.89 -3.18
N ASP B 840 -46.28 -1.05 -4.15
CA ASP B 840 -45.66 0.25 -3.93
C ASP B 840 -45.62 0.94 -5.27
N SER B 841 -45.84 2.25 -5.29
CA SER B 841 -45.96 2.94 -6.57
C SER B 841 -45.61 4.42 -6.44
N THR B 842 -45.06 4.95 -7.55
CA THR B 842 -44.70 6.36 -7.74
C THR B 842 -45.38 6.87 -9.01
N MET B 843 -45.95 8.08 -8.94
CA MET B 843 -46.54 8.73 -10.11
C MET B 843 -45.48 9.40 -11.00
N VAL B 844 -45.57 9.19 -12.33
CA VAL B 844 -44.54 9.60 -13.27
C VAL B 844 -45.14 10.33 -14.48
N PHE B 845 -44.29 11.04 -15.23
CA PHE B 845 -44.89 11.73 -16.39
C PHE B 845 -44.46 11.14 -17.74
N PRO B 846 -45.29 11.31 -18.78
CA PRO B 846 -44.96 10.70 -20.07
C PRO B 846 -43.63 11.14 -20.65
N MET B 847 -43.27 12.42 -20.54
CA MET B 847 -42.00 12.85 -21.12
C MET B 847 -40.81 12.09 -20.53
N ALA B 848 -40.86 11.81 -19.21
CA ALA B 848 -39.74 11.10 -18.58
C ALA B 848 -39.72 9.63 -18.98
N LEU B 849 -40.91 9.01 -19.14
CA LEU B 849 -40.96 7.66 -19.65
C LEU B 849 -40.35 7.58 -21.06
N ILE B 850 -40.70 8.51 -21.93
CA ILE B 850 -40.19 8.47 -23.29
C ILE B 850 -38.66 8.60 -23.31
N ILE B 851 -38.12 9.43 -22.40
CA ILE B 851 -36.72 9.85 -22.45
C ILE B 851 -35.81 8.78 -21.86
N PHE B 852 -36.29 8.11 -20.83
CA PHE B 852 -35.49 7.10 -20.14
C PHE B 852 -35.95 5.68 -20.43
N GLY B 853 -37.08 5.48 -21.11
CA GLY B 853 -37.59 4.17 -21.46
C GLY B 853 -37.03 3.74 -22.79
N ASP B 854 -37.68 2.74 -23.39
CA ASP B 854 -37.32 2.29 -24.74
C ASP B 854 -38.61 2.02 -25.51
N GLY B 855 -38.48 1.52 -26.73
CA GLY B 855 -39.65 1.39 -27.58
C GLY B 855 -40.20 2.72 -28.06
N VAL B 856 -39.31 3.69 -28.36
CA VAL B 856 -39.67 5.07 -28.77
C VAL B 856 -39.67 5.21 -30.30
N GLU B 857 -40.82 5.58 -30.86
CA GLU B 857 -40.87 5.97 -32.26
C GLU B 857 -41.87 7.11 -32.44
N ALA B 858 -41.67 7.89 -33.50
CA ALA B 858 -42.57 8.97 -33.89
C ALA B 858 -43.18 8.66 -35.24
N GLY B 859 -44.45 8.96 -35.36
CA GLY B 859 -45.17 8.71 -36.57
C GLY B 859 -46.44 9.51 -36.57
N VAL B 860 -47.38 9.07 -37.39
CA VAL B 860 -48.70 9.68 -37.48
C VAL B 860 -49.72 8.55 -37.54
N THR B 861 -50.69 8.58 -36.63
CA THR B 861 -51.83 7.68 -36.60
C THR B 861 -53.10 8.48 -36.75
N GLN B 862 -54.06 7.95 -37.51
CA GLN B 862 -55.38 8.57 -37.61
C GLN B 862 -55.33 9.93 -38.33
N ASN B 863 -54.36 10.78 -37.98
CA ASN B 863 -53.77 11.83 -38.81
C ASN B 863 -53.10 12.88 -37.94
N THR B 864 -52.85 12.50 -36.69
CA THR B 864 -52.23 13.17 -35.57
C THR B 864 -50.82 12.64 -35.41
N PRO B 865 -49.80 13.48 -35.29
CA PRO B 865 -48.46 12.94 -35.02
C PRO B 865 -48.30 12.54 -33.56
N TYR B 866 -47.69 11.36 -33.35
CA TYR B 866 -47.55 10.79 -32.01
C TYR B 866 -46.10 10.51 -31.68
N LEU B 867 -45.87 10.22 -30.39
CA LEU B 867 -44.61 9.74 -29.81
C LEU B 867 -44.97 8.70 -28.76
N CYS B 868 -44.35 7.52 -28.81
CA CYS B 868 -44.75 6.42 -27.93
C CYS B 868 -43.57 5.86 -27.13
N VAL B 869 -43.91 5.04 -26.13
CA VAL B 869 -42.92 4.40 -25.28
C VAL B 869 -43.44 3.01 -24.94
N ALA B 870 -42.52 2.06 -24.80
CA ALA B 870 -42.82 0.63 -24.68
C ALA B 870 -43.63 0.08 -25.86
N LYS B 871 -43.68 0.83 -26.99
CA LYS B 871 -44.62 0.58 -28.09
C LYS B 871 -46.03 0.34 -27.59
N THR B 872 -46.33 0.77 -26.39
CA THR B 872 -47.58 0.46 -25.71
C THR B 872 -48.42 1.70 -25.45
N TYR B 873 -47.79 2.78 -25.00
CA TYR B 873 -48.50 4.00 -24.66
C TYR B 873 -48.24 5.05 -25.75
N TYR B 874 -49.31 5.56 -26.36
CA TYR B 874 -49.18 6.48 -27.47
C TYR B 874 -49.63 7.88 -27.04
N PHE B 875 -48.74 8.86 -27.19
CA PHE B 875 -48.94 10.23 -26.74
C PHE B 875 -48.95 11.20 -27.91
N LYS B 876 -49.79 12.24 -27.82
CA LYS B 876 -49.79 13.29 -28.84
C LYS B 876 -48.51 14.10 -28.79
N CYS B 877 -47.85 14.26 -29.94
CA CYS B 877 -46.61 15.01 -29.93
C CYS B 877 -46.31 15.52 -31.33
N ASN B 878 -46.17 16.83 -31.45
CA ASN B 878 -45.94 17.48 -32.72
C ASN B 878 -44.59 17.07 -33.29
N ARG B 879 -44.32 17.51 -34.52
CA ARG B 879 -43.06 17.10 -35.14
C ARG B 879 -41.87 17.71 -34.40
N GLU B 880 -41.98 18.96 -33.99
CA GLU B 880 -40.79 19.63 -33.47
C GLU B 880 -40.34 19.03 -32.15
N THR B 881 -41.28 18.73 -31.24
CA THR B 881 -40.88 18.17 -29.96
C THR B 881 -40.36 16.75 -30.13
N ALA B 882 -41.00 15.98 -31.00
CA ALA B 882 -40.58 14.60 -31.30
C ALA B 882 -39.14 14.54 -31.83
N ASP B 883 -38.86 15.26 -32.93
CA ASP B 883 -37.54 15.20 -33.55
C ASP B 883 -36.41 15.56 -32.57
N VAL B 884 -36.71 16.40 -31.58
CA VAL B 884 -35.72 16.76 -30.57
C VAL B 884 -35.61 15.69 -29.49
N VAL B 885 -36.75 15.17 -29.00
CA VAL B 885 -36.67 14.20 -27.92
C VAL B 885 -35.90 12.98 -28.37
N ILE B 886 -36.00 12.65 -29.65
CA ILE B 886 -35.27 11.52 -30.21
C ILE B 886 -33.76 11.81 -30.26
N GLN B 887 -33.38 12.95 -30.82
CA GLN B 887 -31.99 13.40 -30.71
C GLN B 887 -31.53 13.48 -29.24
N LEU B 888 -32.45 13.68 -28.30
CA LEU B 888 -32.09 13.72 -26.89
C LEU B 888 -31.82 12.34 -26.31
N ARG B 889 -32.66 11.35 -26.65
CA ARG B 889 -32.44 9.98 -26.17
C ARG B 889 -31.17 9.38 -26.75
N SER B 890 -30.83 9.78 -27.99
CA SER B 890 -29.59 9.35 -28.62
C SER B 890 -28.36 9.90 -27.90
N ASN B 891 -28.35 11.20 -27.61
CA ASN B 891 -27.18 11.76 -26.90
C ASN B 891 -27.08 11.23 -25.48
N LEU B 892 -28.22 11.03 -24.81
CA LEU B 892 -28.14 10.44 -23.47
C LEU B 892 -27.50 9.06 -23.51
N GLU B 893 -27.89 8.22 -24.47
CA GLU B 893 -27.32 6.88 -24.53
C GLU B 893 -25.82 6.92 -24.86
N LYS B 894 -25.38 7.94 -25.58
CA LYS B 894 -23.97 8.08 -25.90
C LYS B 894 -23.18 8.55 -24.70
N LEU B 895 -23.83 9.35 -23.83
CA LEU B 895 -23.21 9.79 -22.59
C LEU B 895 -23.04 8.62 -21.62
N LEU B 896 -24.11 7.85 -21.40
CA LEU B 896 -24.05 6.71 -20.48
C LEU B 896 -22.98 5.69 -20.85
N LEU B 897 -22.86 5.35 -22.14
CA LEU B 897 -21.83 4.43 -22.62
C LEU B 897 -20.44 4.94 -22.26
N LYS B 898 -20.22 6.25 -22.39
CA LYS B 898 -18.91 6.82 -22.10
C LYS B 898 -18.65 6.91 -20.61
N LYS B 899 -19.66 7.21 -19.78
CA LYS B 899 -19.40 7.27 -18.35
C LYS B 899 -19.07 5.90 -17.78
N ALA B 900 -19.71 4.85 -18.32
CA ALA B 900 -19.39 3.51 -17.87
C ALA B 900 -17.97 3.13 -18.23
N LEU B 901 -17.51 3.56 -19.41
CA LEU B 901 -16.16 3.21 -19.82
C LEU B 901 -15.09 4.08 -19.15
N TYR B 902 -15.36 5.37 -18.98
CA TYR B 902 -14.36 6.30 -18.46
C TYR B 902 -14.99 7.04 -17.31
N PRO B 903 -15.18 6.37 -16.18
CA PRO B 903 -15.93 6.97 -15.08
C PRO B 903 -15.25 8.23 -14.55
N ALA B 904 -16.05 9.27 -14.38
CA ALA B 904 -15.66 10.52 -13.75
C ALA B 904 -16.94 11.19 -13.32
N PRO B 905 -16.93 12.03 -12.29
CA PRO B 905 -18.12 12.83 -11.99
C PRO B 905 -18.36 13.85 -13.12
N ILE B 906 -19.62 14.22 -13.32
CA ILE B 906 -19.92 15.25 -14.31
C ILE B 906 -19.54 16.60 -13.71
N GLU B 907 -18.76 17.37 -14.45
CA GLU B 907 -18.38 18.72 -14.04
C GLU B 907 -19.57 19.69 -14.15
N GLU B 908 -19.56 20.70 -13.28
CA GLU B 908 -20.71 21.61 -13.19
C GLU B 908 -20.88 22.47 -14.43
N ASN B 909 -19.78 22.88 -15.06
CA ASN B 909 -19.80 23.79 -16.20
C ASN B 909 -19.05 23.22 -17.38
N GLY B 910 -19.25 21.92 -17.64
CA GLY B 910 -18.65 21.23 -18.75
C GLY B 910 -19.62 20.77 -19.83
N TYR B 911 -19.07 20.10 -20.84
CA TYR B 911 -19.86 19.61 -21.98
C TYR B 911 -20.93 18.61 -21.52
N GLU B 912 -20.53 17.60 -20.74
CA GLU B 912 -21.51 16.62 -20.29
C GLU B 912 -22.64 17.30 -19.55
N LYS B 913 -22.32 18.29 -18.72
CA LYS B 913 -23.36 18.92 -17.93
C LYS B 913 -24.43 19.53 -18.83
N GLN B 914 -24.03 19.99 -20.02
CA GLN B 914 -24.99 20.63 -20.92
C GLN B 914 -26.14 19.71 -21.26
N LEU B 915 -25.82 18.45 -21.58
CA LEU B 915 -26.86 17.48 -21.87
C LEU B 915 -27.76 17.26 -20.65
N ILE B 916 -27.19 17.31 -19.45
CA ILE B 916 -28.00 17.14 -18.25
C ILE B 916 -29.06 18.23 -18.18
N LYS B 917 -28.61 19.49 -18.20
CA LYS B 917 -29.51 20.62 -18.04
C LYS B 917 -30.60 20.62 -19.11
N ALA B 918 -30.29 20.17 -20.34
CA ALA B 918 -31.34 20.00 -21.34
C ALA B 918 -32.38 18.98 -20.87
N ILE B 919 -31.99 17.98 -20.07
CA ILE B 919 -33.00 17.05 -19.61
C ILE B 919 -33.75 17.57 -18.38
N GLU B 920 -33.09 18.33 -17.48
CA GLU B 920 -33.82 18.96 -16.38
C GLU B 920 -34.92 19.84 -16.92
N LEU B 921 -34.60 20.58 -17.98
CA LEU B 921 -35.47 21.60 -18.54
C LEU B 921 -36.70 20.99 -19.19
N LEU B 922 -36.51 19.95 -20.02
CA LEU B 922 -37.66 19.26 -20.60
C LEU B 922 -38.52 18.62 -19.53
N LEU B 923 -37.90 18.16 -18.45
CA LEU B 923 -38.67 17.51 -17.40
C LEU B 923 -39.28 18.50 -16.44
N SER B 924 -38.72 19.71 -16.32
CA SER B 924 -39.28 20.68 -15.41
C SER B 924 -40.63 21.21 -15.88
N LEU B 925 -40.98 20.98 -17.14
CA LEU B 925 -42.26 21.38 -17.71
C LEU B 925 -43.47 20.68 -17.10
N ASP B 926 -43.26 19.69 -16.22
CA ASP B 926 -44.32 18.92 -15.60
C ASP B 926 -44.58 19.31 -14.14
N GLU B 927 -44.05 20.44 -13.69
CA GLU B 927 -44.24 20.87 -12.33
C GLU B 927 -45.69 21.25 -12.07
N ARG B 928 -46.14 21.09 -10.83
CA ARG B 928 -47.51 21.40 -10.43
C ARG B 928 -47.94 22.84 -10.68
N LEU B 929 -47.35 23.76 -9.93
CA LEU B 929 -47.70 25.18 -9.97
C LEU B 929 -46.92 25.97 -11.05
#